data_1CQK
# 
_entry.id   1CQK 
# 
_audit_conform.dict_name       mmcif_pdbx.dic 
_audit_conform.dict_version    5.397 
_audit_conform.dict_location   http://mmcif.pdb.org/dictionaries/ascii/mmcif_pdbx.dic 
# 
loop_
_database_2.database_id 
_database_2.database_code 
_database_2.pdbx_database_accession 
_database_2.pdbx_DOI 
PDB   1CQK         pdb_00001cqk 10.2210/pdb1cqk/pdb 
RCSB  RCSB009489   ?            ?                   
WWPDB D_1000009489 ?            ?                   
# 
loop_
_pdbx_audit_revision_history.ordinal 
_pdbx_audit_revision_history.data_content_type 
_pdbx_audit_revision_history.major_revision 
_pdbx_audit_revision_history.minor_revision 
_pdbx_audit_revision_history.revision_date 
1 'Structure model' 1 0 1999-09-11 
2 'Structure model' 1 1 2008-04-27 
3 'Structure model' 1 2 2011-07-13 
4 'Structure model' 1 3 2018-01-31 
5 'Structure model' 1 4 2018-03-14 
6 'Structure model' 1 5 2018-08-29 
7 'Structure model' 1 6 2024-10-16 
# 
_pdbx_audit_revision_details.ordinal             1 
_pdbx_audit_revision_details.revision_ordinal    1 
_pdbx_audit_revision_details.data_content_type   'Structure model' 
_pdbx_audit_revision_details.provider            repository 
_pdbx_audit_revision_details.type                'Initial release' 
_pdbx_audit_revision_details.description         ? 
_pdbx_audit_revision_details.details             ? 
# 
loop_
_pdbx_audit_revision_group.ordinal 
_pdbx_audit_revision_group.revision_ordinal 
_pdbx_audit_revision_group.data_content_type 
_pdbx_audit_revision_group.group 
1  2 'Structure model' 'Version format compliance' 
2  3 'Structure model' 'Version format compliance' 
3  4 'Structure model' Advisory                    
4  4 'Structure model' 'Experimental preparation'  
5  5 'Structure model' 'Database references'       
6  6 'Structure model' Advisory                    
7  6 'Structure model' 'Data collection'           
8  6 'Structure model' 'Source and taxonomy'       
9  6 'Structure model' 'Structure summary'         
10 7 'Structure model' Advisory                    
11 7 'Structure model' 'Data collection'           
12 7 'Structure model' 'Database references'       
13 7 'Structure model' 'Structure summary'         
# 
loop_
_pdbx_audit_revision_category.ordinal 
_pdbx_audit_revision_category.revision_ordinal 
_pdbx_audit_revision_category.data_content_type 
_pdbx_audit_revision_category.category 
1  4 'Structure model' exptl_crystal_grow           
2  4 'Structure model' pdbx_unobs_or_zero_occ_atoms 
3  5 'Structure model' struct_ref_seq_dif           
4  6 'Structure model' entity                       
5  6 'Structure model' entity_src_gen               
6  6 'Structure model' entity_src_nat               
7  6 'Structure model' pdbx_distant_solvent_atoms   
8  7 'Structure model' chem_comp_atom               
9  7 'Structure model' chem_comp_bond               
10 7 'Structure model' database_2                   
11 7 'Structure model' pdbx_entry_details           
12 7 'Structure model' pdbx_modification_feature    
13 7 'Structure model' pdbx_unobs_or_zero_occ_atoms 
14 7 'Structure model' struct_ref_seq_dif           
# 
loop_
_pdbx_audit_revision_item.ordinal 
_pdbx_audit_revision_item.revision_ordinal 
_pdbx_audit_revision_item.data_content_type 
_pdbx_audit_revision_item.item 
1 4 'Structure model' '_exptl_crystal_grow.temp'            
2 5 'Structure model' '_struct_ref_seq_dif.details'         
3 6 'Structure model' '_entity.src_method'                  
4 7 'Structure model' '_database_2.pdbx_DOI'                
5 7 'Structure model' '_database_2.pdbx_database_accession' 
6 7 'Structure model' '_struct_ref_seq_dif.details'         
# 
_pdbx_database_status.status_code                     REL 
_pdbx_database_status.entry_id                        1CQK 
_pdbx_database_status.recvd_initial_deposition_date   1999-08-06 
_pdbx_database_status.deposit_site                    RCSB 
_pdbx_database_status.process_site                    RCSB 
_pdbx_database_status.status_code_sf                  REL 
_pdbx_database_status.status_code_mr                  ? 
_pdbx_database_status.SG_entry                        ? 
_pdbx_database_status.pdb_format_compatible           Y 
_pdbx_database_status.status_code_cs                  ? 
_pdbx_database_status.methods_development_category    ? 
_pdbx_database_status.status_code_nmr_data            ? 
# 
loop_
_audit_author.name 
_audit_author.pdbx_ordinal 
_audit_author.identifier_ORCID 
'Thies, M.J.'     1 ? 
'Mayer, J.'       2 ? 
'Augustine, J.G.' 3 ? 
'Frederick, C.A.' 4 ? 
'Lilie, H.'       5 ? 
'Buchner, J.'     6 ? 
# 
_citation.id                        primary 
_citation.title                     
'Folding and association of the antibody domain CH3: prolyl isomerization preceeds dimerization.' 
_citation.journal_abbrev            J.Mol.Biol. 
_citation.journal_volume            293 
_citation.page_first                67 
_citation.page_last                 79 
_citation.year                      1999 
_citation.journal_id_ASTM           JMOBAK 
_citation.country                   UK 
_citation.journal_id_ISSN           0022-2836 
_citation.journal_id_CSD            0070 
_citation.book_publisher            ? 
_citation.pdbx_database_id_PubMed   10512716 
_citation.pdbx_database_id_DOI      10.1006/jmbi.1999.3128 
# 
loop_
_citation_author.citation_id 
_citation_author.name 
_citation_author.ordinal 
_citation_author.identifier_ORCID 
primary 'Thies, M.J.'     1 ? 
primary 'Mayer, J.'       2 ? 
primary 'Augustine, J.G.' 3 ? 
primary 'Frederick, C.A.' 4 ? 
primary 'Lilie, H.'       5 ? 
primary 'Buchner, J.'     6 ? 
# 
loop_
_entity.id 
_entity.type 
_entity.src_method 
_entity.pdbx_description 
_entity.formula_weight 
_entity.pdbx_number_of_molecules 
_entity.pdbx_ec 
_entity.pdbx_mutation 
_entity.pdbx_fragment 
_entity.details 
1 polymer man 'CH3 DOMAIN OF MAK33 ANTIBODY' 11520.786 2  ? 'K5A, K16L, K23L' 'CH3 DOMAIN OF MAK33 ANTIBODY' ? 
2 water   nat water                          18.015    77 ? ?                 ?                              ? 
# 
_entity_poly.entity_id                      1 
_entity_poly.type                           'polypeptide(L)' 
_entity_poly.nstd_linkage                   no 
_entity_poly.nstd_monomer                   no 
_entity_poly.pdbx_seq_one_letter_code       
;PAAPQVYTIPPPLEQMAKDLVSLTCMITDFFPEDITVEWQWNGQPAENYKNTQPIMDTDGSYFVYSKLNVQKSNWEAGNT
FTCSVLHEGLHNHHTEKSLSH
;
_entity_poly.pdbx_seq_one_letter_code_can   
;PAAPQVYTIPPPLEQMAKDLVSLTCMITDFFPEDITVEWQWNGQPAENYKNTQPIMDTDGSYFVYSKLNVQKSNWEAGNT
FTCSVLHEGLHNHHTEKSLSH
;
_entity_poly.pdbx_strand_id                 A,B 
_entity_poly.pdbx_target_identifier         ? 
# 
_pdbx_entity_nonpoly.entity_id   2 
_pdbx_entity_nonpoly.name        water 
_pdbx_entity_nonpoly.comp_id     HOH 
# 
loop_
_entity_poly_seq.entity_id 
_entity_poly_seq.num 
_entity_poly_seq.mon_id 
_entity_poly_seq.hetero 
1 1   PRO n 
1 2   ALA n 
1 3   ALA n 
1 4   PRO n 
1 5   GLN n 
1 6   VAL n 
1 7   TYR n 
1 8   THR n 
1 9   ILE n 
1 10  PRO n 
1 11  PRO n 
1 12  PRO n 
1 13  LEU n 
1 14  GLU n 
1 15  GLN n 
1 16  MET n 
1 17  ALA n 
1 18  LYS n 
1 19  ASP n 
1 20  LEU n 
1 21  VAL n 
1 22  SER n 
1 23  LEU n 
1 24  THR n 
1 25  CYS n 
1 26  MET n 
1 27  ILE n 
1 28  THR n 
1 29  ASP n 
1 30  PHE n 
1 31  PHE n 
1 32  PRO n 
1 33  GLU n 
1 34  ASP n 
1 35  ILE n 
1 36  THR n 
1 37  VAL n 
1 38  GLU n 
1 39  TRP n 
1 40  GLN n 
1 41  TRP n 
1 42  ASN n 
1 43  GLY n 
1 44  GLN n 
1 45  PRO n 
1 46  ALA n 
1 47  GLU n 
1 48  ASN n 
1 49  TYR n 
1 50  LYS n 
1 51  ASN n 
1 52  THR n 
1 53  GLN n 
1 54  PRO n 
1 55  ILE n 
1 56  MET n 
1 57  ASP n 
1 58  THR n 
1 59  ASP n 
1 60  GLY n 
1 61  SER n 
1 62  TYR n 
1 63  PHE n 
1 64  VAL n 
1 65  TYR n 
1 66  SER n 
1 67  LYS n 
1 68  LEU n 
1 69  ASN n 
1 70  VAL n 
1 71  GLN n 
1 72  LYS n 
1 73  SER n 
1 74  ASN n 
1 75  TRP n 
1 76  GLU n 
1 77  ALA n 
1 78  GLY n 
1 79  ASN n 
1 80  THR n 
1 81  PHE n 
1 82  THR n 
1 83  CYS n 
1 84  SER n 
1 85  VAL n 
1 86  LEU n 
1 87  HIS n 
1 88  GLU n 
1 89  GLY n 
1 90  LEU n 
1 91  HIS n 
1 92  ASN n 
1 93  HIS n 
1 94  HIS n 
1 95  THR n 
1 96  GLU n 
1 97  LYS n 
1 98  SER n 
1 99  LEU n 
1 100 SER n 
1 101 HIS n 
# 
_entity_src_gen.entity_id                          1 
_entity_src_gen.pdbx_src_id                        1 
_entity_src_gen.pdbx_alt_source_flag               sample 
_entity_src_gen.pdbx_seq_type                      ? 
_entity_src_gen.pdbx_beg_seq_num                   ? 
_entity_src_gen.pdbx_end_seq_num                   ? 
_entity_src_gen.gene_src_common_name               'house mouse' 
_entity_src_gen.gene_src_genus                     ? 
_entity_src_gen.pdbx_gene_src_gene                 ? 
_entity_src_gen.gene_src_species                   ? 
_entity_src_gen.gene_src_strain                    ? 
_entity_src_gen.gene_src_tissue                    ? 
_entity_src_gen.gene_src_tissue_fraction           ? 
_entity_src_gen.gene_src_details                   ? 
_entity_src_gen.pdbx_gene_src_fragment             ? 
_entity_src_gen.pdbx_gene_src_scientific_name      'Mus musculus' 
_entity_src_gen.pdbx_gene_src_ncbi_taxonomy_id     10090 
_entity_src_gen.pdbx_gene_src_variant              ? 
_entity_src_gen.pdbx_gene_src_cell_line            ? 
_entity_src_gen.pdbx_gene_src_atcc                 ? 
_entity_src_gen.pdbx_gene_src_organ                ? 
_entity_src_gen.pdbx_gene_src_organelle            ? 
_entity_src_gen.pdbx_gene_src_cell                 ? 
_entity_src_gen.pdbx_gene_src_cellular_location    ? 
_entity_src_gen.host_org_common_name               ? 
_entity_src_gen.pdbx_host_org_scientific_name      'Escherichia coli' 
_entity_src_gen.pdbx_host_org_ncbi_taxonomy_id     562 
_entity_src_gen.host_org_genus                     ? 
_entity_src_gen.pdbx_host_org_gene                 ? 
_entity_src_gen.pdbx_host_org_organ                ? 
_entity_src_gen.host_org_species                   ? 
_entity_src_gen.pdbx_host_org_tissue               ? 
_entity_src_gen.pdbx_host_org_tissue_fraction      ? 
_entity_src_gen.pdbx_host_org_strain               ? 
_entity_src_gen.pdbx_host_org_variant              ? 
_entity_src_gen.pdbx_host_org_cell_line            ? 
_entity_src_gen.pdbx_host_org_atcc                 ? 
_entity_src_gen.pdbx_host_org_culture_collection   ? 
_entity_src_gen.pdbx_host_org_cell                 ? 
_entity_src_gen.pdbx_host_org_organelle            ? 
_entity_src_gen.pdbx_host_org_cellular_location    ? 
_entity_src_gen.pdbx_host_org_vector_type          ? 
_entity_src_gen.pdbx_host_org_vector               ? 
_entity_src_gen.host_org_details                   ? 
_entity_src_gen.expression_system_id               ? 
_entity_src_gen.plasmid_name                       ? 
_entity_src_gen.plasmid_details                    ? 
_entity_src_gen.pdbx_description                   ? 
# 
loop_
_chem_comp.id 
_chem_comp.type 
_chem_comp.mon_nstd_flag 
_chem_comp.name 
_chem_comp.pdbx_synonyms 
_chem_comp.formula 
_chem_comp.formula_weight 
ALA 'L-peptide linking' y ALANINE         ? 'C3 H7 N O2'     89.093  
ASN 'L-peptide linking' y ASPARAGINE      ? 'C4 H8 N2 O3'    132.118 
ASP 'L-peptide linking' y 'ASPARTIC ACID' ? 'C4 H7 N O4'     133.103 
CYS 'L-peptide linking' y CYSTEINE        ? 'C3 H7 N O2 S'   121.158 
GLN 'L-peptide linking' y GLUTAMINE       ? 'C5 H10 N2 O3'   146.144 
GLU 'L-peptide linking' y 'GLUTAMIC ACID' ? 'C5 H9 N O4'     147.129 
GLY 'peptide linking'   y GLYCINE         ? 'C2 H5 N O2'     75.067  
HIS 'L-peptide linking' y HISTIDINE       ? 'C6 H10 N3 O2 1' 156.162 
HOH non-polymer         . WATER           ? 'H2 O'           18.015  
ILE 'L-peptide linking' y ISOLEUCINE      ? 'C6 H13 N O2'    131.173 
LEU 'L-peptide linking' y LEUCINE         ? 'C6 H13 N O2'    131.173 
LYS 'L-peptide linking' y LYSINE          ? 'C6 H15 N2 O2 1' 147.195 
MET 'L-peptide linking' y METHIONINE      ? 'C5 H11 N O2 S'  149.211 
PHE 'L-peptide linking' y PHENYLALANINE   ? 'C9 H11 N O2'    165.189 
PRO 'L-peptide linking' y PROLINE         ? 'C5 H9 N O2'     115.130 
SER 'L-peptide linking' y SERINE          ? 'C3 H7 N O3'     105.093 
THR 'L-peptide linking' y THREONINE       ? 'C4 H9 N O3'     119.119 
TRP 'L-peptide linking' y TRYPTOPHAN      ? 'C11 H12 N2 O2'  204.225 
TYR 'L-peptide linking' y TYROSINE        ? 'C9 H11 N O3'    181.189 
VAL 'L-peptide linking' y VALINE          ? 'C5 H11 N O2'    117.146 
# 
loop_
_pdbx_poly_seq_scheme.asym_id 
_pdbx_poly_seq_scheme.entity_id 
_pdbx_poly_seq_scheme.seq_id 
_pdbx_poly_seq_scheme.mon_id 
_pdbx_poly_seq_scheme.ndb_seq_num 
_pdbx_poly_seq_scheme.pdb_seq_num 
_pdbx_poly_seq_scheme.auth_seq_num 
_pdbx_poly_seq_scheme.pdb_mon_id 
_pdbx_poly_seq_scheme.auth_mon_id 
_pdbx_poly_seq_scheme.pdb_strand_id 
_pdbx_poly_seq_scheme.pdb_ins_code 
_pdbx_poly_seq_scheme.hetero 
A 1 1   PRO 1   4   4   PRO PRO A . n 
A 1 2   ALA 2   5   5   ALA ALA A . n 
A 1 3   ALA 3   6   6   ALA ALA A . n 
A 1 4   PRO 4   7   7   PRO PRO A . n 
A 1 5   GLN 5   8   8   GLN GLN A . n 
A 1 6   VAL 6   9   9   VAL VAL A . n 
A 1 7   TYR 7   10  10  TYR TYR A . n 
A 1 8   THR 8   11  11  THR THR A . n 
A 1 9   ILE 9   12  12  ILE ILE A . n 
A 1 10  PRO 10  13  13  PRO PRO A . n 
A 1 11  PRO 11  14  14  PRO PRO A . n 
A 1 12  PRO 12  15  15  PRO PRO A . n 
A 1 13  LEU 13  16  16  LEU LEU A . n 
A 1 14  GLU 14  17  17  GLU GLU A . n 
A 1 15  GLN 15  18  18  GLN GLN A . n 
A 1 16  MET 16  19  19  MET MET A . n 
A 1 17  ALA 17  20  20  ALA ALA A . n 
A 1 18  LYS 18  21  21  LYS LYS A . n 
A 1 19  ASP 19  22  22  ASP ASP A . n 
A 1 20  LEU 20  23  23  LEU LEU A . n 
A 1 21  VAL 21  24  24  VAL VAL A . n 
A 1 22  SER 22  25  25  SER SER A . n 
A 1 23  LEU 23  26  26  LEU LEU A . n 
A 1 24  THR 24  27  27  THR THR A . n 
A 1 25  CYS 25  28  28  CYS CYS A . n 
A 1 26  MET 26  29  29  MET MET A . n 
A 1 27  ILE 27  30  30  ILE ILE A . n 
A 1 28  THR 28  31  31  THR THR A . n 
A 1 29  ASP 29  32  32  ASP ASP A . n 
A 1 30  PHE 30  33  33  PHE PHE A . n 
A 1 31  PHE 31  34  34  PHE PHE A . n 
A 1 32  PRO 32  35  35  PRO PRO A . n 
A 1 33  GLU 33  36  36  GLU GLU A . n 
A 1 34  ASP 34  37  37  ASP ASP A . n 
A 1 35  ILE 35  38  38  ILE ILE A . n 
A 1 36  THR 36  39  39  THR THR A . n 
A 1 37  VAL 37  40  40  VAL VAL A . n 
A 1 38  GLU 38  41  41  GLU GLU A . n 
A 1 39  TRP 39  42  42  TRP TRP A . n 
A 1 40  GLN 40  43  43  GLN GLN A . n 
A 1 41  TRP 41  44  44  TRP TRP A . n 
A 1 42  ASN 42  45  45  ASN ASN A . n 
A 1 43  GLY 43  46  46  GLY GLY A . n 
A 1 44  GLN 44  47  47  GLN GLN A . n 
A 1 45  PRO 45  48  48  PRO PRO A . n 
A 1 46  ALA 46  49  49  ALA ALA A . n 
A 1 47  GLU 47  50  50  GLU GLU A . n 
A 1 48  ASN 48  51  51  ASN ASN A . n 
A 1 49  TYR 49  52  52  TYR TYR A . n 
A 1 50  LYS 50  53  53  LYS LYS A . n 
A 1 51  ASN 51  54  54  ASN ASN A . n 
A 1 52  THR 52  55  55  THR THR A . n 
A 1 53  GLN 53  56  56  GLN GLN A . n 
A 1 54  PRO 54  57  57  PRO PRO A . n 
A 1 55  ILE 55  58  58  ILE ILE A . n 
A 1 56  MET 56  59  59  MET MET A . n 
A 1 57  ASP 57  60  60  ASP ASP A . n 
A 1 58  THR 58  61  61  THR THR A . n 
A 1 59  ASP 59  62  62  ASP ASP A . n 
A 1 60  GLY 60  63  63  GLY GLY A . n 
A 1 61  SER 61  64  64  SER SER A . n 
A 1 62  TYR 62  65  65  TYR TYR A . n 
A 1 63  PHE 63  66  66  PHE PHE A . n 
A 1 64  VAL 64  67  67  VAL VAL A . n 
A 1 65  TYR 65  68  68  TYR TYR A . n 
A 1 66  SER 66  69  69  SER SER A . n 
A 1 67  LYS 67  70  70  LYS LYS A . n 
A 1 68  LEU 68  71  71  LEU LEU A . n 
A 1 69  ASN 69  72  72  ASN ASN A . n 
A 1 70  VAL 70  73  73  VAL VAL A . n 
A 1 71  GLN 71  74  74  GLN GLN A . n 
A 1 72  LYS 72  75  75  LYS LYS A . n 
A 1 73  SER 73  76  76  SER SER A . n 
A 1 74  ASN 74  77  77  ASN ASN A . n 
A 1 75  TRP 75  78  78  TRP TRP A . n 
A 1 76  GLU 76  79  79  GLU GLU A . n 
A 1 77  ALA 77  80  80  ALA ALA A . n 
A 1 78  GLY 78  81  81  GLY GLY A . n 
A 1 79  ASN 79  82  82  ASN ASN A . n 
A 1 80  THR 80  83  83  THR THR A . n 
A 1 81  PHE 81  84  84  PHE PHE A . n 
A 1 82  THR 82  85  85  THR THR A . n 
A 1 83  CYS 83  86  86  CYS CYS A . n 
A 1 84  SER 84  87  87  SER SER A . n 
A 1 85  VAL 85  88  88  VAL VAL A . n 
A 1 86  LEU 86  89  89  LEU LEU A . n 
A 1 87  HIS 87  90  90  HIS HIS A . n 
A 1 88  GLU 88  91  91  GLU GLU A . n 
A 1 89  GLY 89  92  92  GLY GLY A . n 
A 1 90  LEU 90  93  93  LEU LEU A . n 
A 1 91  HIS 91  94  94  HIS HIS A . n 
A 1 92  ASN 92  95  95  ASN ASN A . n 
A 1 93  HIS 93  96  96  HIS HIS A . n 
A 1 94  HIS 94  97  97  HIS HIS A . n 
A 1 95  THR 95  98  98  THR THR A . n 
A 1 96  GLU 96  99  99  GLU GLU A . n 
A 1 97  LYS 97  100 100 LYS LYS A . n 
A 1 98  SER 98  101 101 SER SER A . n 
A 1 99  LEU 99  102 102 LEU LEU A . n 
A 1 100 SER 100 103 103 SER SER A . n 
A 1 101 HIS 101 104 104 HIS HIS A . n 
B 1 1   PRO 1   204 204 PRO PRO B . n 
B 1 2   ALA 2   205 205 ALA ALA B . n 
B 1 3   ALA 3   206 206 ALA ALA B . n 
B 1 4   PRO 4   207 207 PRO PRO B . n 
B 1 5   GLN 5   208 208 GLN GLN B . n 
B 1 6   VAL 6   209 209 VAL VAL B . n 
B 1 7   TYR 7   210 210 TYR TYR B . n 
B 1 8   THR 8   211 211 THR THR B . n 
B 1 9   ILE 9   212 212 ILE ILE B . n 
B 1 10  PRO 10  213 213 PRO PRO B . n 
B 1 11  PRO 11  214 214 PRO PRO B . n 
B 1 12  PRO 12  215 215 PRO PRO B . n 
B 1 13  LEU 13  216 216 LEU LEU B . n 
B 1 14  GLU 14  217 217 GLU GLU B . n 
B 1 15  GLN 15  218 218 GLN GLN B . n 
B 1 16  MET 16  219 219 MET MET B . n 
B 1 17  ALA 17  220 220 ALA ALA B . n 
B 1 18  LYS 18  221 221 LYS LYS B . n 
B 1 19  ASP 19  222 222 ASP ASP B . n 
B 1 20  LEU 20  223 223 LEU LEU B . n 
B 1 21  VAL 21  224 224 VAL VAL B . n 
B 1 22  SER 22  225 225 SER SER B . n 
B 1 23  LEU 23  226 226 LEU LEU B . n 
B 1 24  THR 24  227 227 THR THR B . n 
B 1 25  CYS 25  228 228 CYS CYS B . n 
B 1 26  MET 26  229 229 MET MET B . n 
B 1 27  ILE 27  230 230 ILE ILE B . n 
B 1 28  THR 28  231 231 THR THR B . n 
B 1 29  ASP 29  232 232 ASP ASP B . n 
B 1 30  PHE 30  233 233 PHE PHE B . n 
B 1 31  PHE 31  234 234 PHE PHE B . n 
B 1 32  PRO 32  235 235 PRO PRO B . n 
B 1 33  GLU 33  236 236 GLU GLU B . n 
B 1 34  ASP 34  237 237 ASP ASP B . n 
B 1 35  ILE 35  238 238 ILE ILE B . n 
B 1 36  THR 36  239 239 THR THR B . n 
B 1 37  VAL 37  240 240 VAL VAL B . n 
B 1 38  GLU 38  241 241 GLU GLU B . n 
B 1 39  TRP 39  242 242 TRP TRP B . n 
B 1 40  GLN 40  243 243 GLN GLN B . n 
B 1 41  TRP 41  244 244 TRP TRP B . n 
B 1 42  ASN 42  245 245 ASN ASN B . n 
B 1 43  GLY 43  246 246 GLY GLY B . n 
B 1 44  GLN 44  247 247 GLN GLN B . n 
B 1 45  PRO 45  248 248 PRO PRO B . n 
B 1 46  ALA 46  249 249 ALA ALA B . n 
B 1 47  GLU 47  250 250 GLU GLU B . n 
B 1 48  ASN 48  251 251 ASN ASN B . n 
B 1 49  TYR 49  252 252 TYR TYR B . n 
B 1 50  LYS 50  253 253 LYS LYS B . n 
B 1 51  ASN 51  254 254 ASN ASN B . n 
B 1 52  THR 52  255 255 THR THR B . n 
B 1 53  GLN 53  256 256 GLN GLN B . n 
B 1 54  PRO 54  257 257 PRO PRO B . n 
B 1 55  ILE 55  258 258 ILE ILE B . n 
B 1 56  MET 56  259 259 MET MET B . n 
B 1 57  ASP 57  260 260 ASP ASP B . n 
B 1 58  THR 58  261 261 THR THR B . n 
B 1 59  ASP 59  262 262 ASP ASP B . n 
B 1 60  GLY 60  263 263 GLY GLY B . n 
B 1 61  SER 61  264 264 SER SER B . n 
B 1 62  TYR 62  265 265 TYR TYR B . n 
B 1 63  PHE 63  266 266 PHE PHE B . n 
B 1 64  VAL 64  267 267 VAL VAL B . n 
B 1 65  TYR 65  268 268 TYR TYR B . n 
B 1 66  SER 66  269 269 SER SER B . n 
B 1 67  LYS 67  270 270 LYS LYS B . n 
B 1 68  LEU 68  271 271 LEU LEU B . n 
B 1 69  ASN 69  272 272 ASN ASN B . n 
B 1 70  VAL 70  273 273 VAL VAL B . n 
B 1 71  GLN 71  274 274 GLN GLN B . n 
B 1 72  LYS 72  275 275 LYS LYS B . n 
B 1 73  SER 73  276 276 SER SER B . n 
B 1 74  ASN 74  277 277 ASN ASN B . n 
B 1 75  TRP 75  278 278 TRP TRP B . n 
B 1 76  GLU 76  279 279 GLU GLU B . n 
B 1 77  ALA 77  280 280 ALA ALA B . n 
B 1 78  GLY 78  281 281 GLY GLY B . n 
B 1 79  ASN 79  282 282 ASN ASN B . n 
B 1 80  THR 80  283 283 THR THR B . n 
B 1 81  PHE 81  284 284 PHE PHE B . n 
B 1 82  THR 82  285 285 THR THR B . n 
B 1 83  CYS 83  286 286 CYS CYS B . n 
B 1 84  SER 84  287 287 SER SER B . n 
B 1 85  VAL 85  288 288 VAL VAL B . n 
B 1 86  LEU 86  289 289 LEU LEU B . n 
B 1 87  HIS 87  290 290 HIS HIS B . n 
B 1 88  GLU 88  291 291 GLU GLU B . n 
B 1 89  GLY 89  292 292 GLY GLY B . n 
B 1 90  LEU 90  293 293 LEU LEU B . n 
B 1 91  HIS 91  294 294 HIS HIS B . n 
B 1 92  ASN 92  295 295 ASN ASN B . n 
B 1 93  HIS 93  296 296 HIS HIS B . n 
B 1 94  HIS 94  297 297 HIS HIS B . n 
B 1 95  THR 95  298 298 THR THR B . n 
B 1 96  GLU 96  299 299 GLU GLU B . n 
B 1 97  LYS 97  300 300 LYS LYS B . n 
B 1 98  SER 98  301 301 SER SER B . n 
B 1 99  LEU 99  302 302 LEU LEU B . n 
B 1 100 SER 100 303 303 SER SER B . n 
B 1 101 HIS 101 304 304 HIS HIS B . n 
# 
loop_
_pdbx_nonpoly_scheme.asym_id 
_pdbx_nonpoly_scheme.entity_id 
_pdbx_nonpoly_scheme.mon_id 
_pdbx_nonpoly_scheme.ndb_seq_num 
_pdbx_nonpoly_scheme.pdb_seq_num 
_pdbx_nonpoly_scheme.auth_seq_num 
_pdbx_nonpoly_scheme.pdb_mon_id 
_pdbx_nonpoly_scheme.auth_mon_id 
_pdbx_nonpoly_scheme.pdb_strand_id 
_pdbx_nonpoly_scheme.pdb_ins_code 
C 2 HOH 1  105 2  HOH TIP A . 
C 2 HOH 2  106 3  HOH TIP A . 
C 2 HOH 3  107 5  HOH TIP A . 
C 2 HOH 4  108 9  HOH TIP A . 
C 2 HOH 5  109 11 HOH TIP A . 
C 2 HOH 6  110 15 HOH TIP A . 
C 2 HOH 7  111 17 HOH TIP A . 
C 2 HOH 8  112 19 HOH TIP A . 
C 2 HOH 9  113 21 HOH TIP A . 
C 2 HOH 10 114 25 HOH TIP A . 
C 2 HOH 11 115 26 HOH TIP A . 
C 2 HOH 12 116 27 HOH TIP A . 
C 2 HOH 13 117 29 HOH TIP A . 
C 2 HOH 14 118 34 HOH TIP A . 
C 2 HOH 15 119 41 HOH TIP A . 
C 2 HOH 16 120 45 HOH TIP A . 
C 2 HOH 17 121 46 HOH TIP A . 
C 2 HOH 18 122 49 HOH TIP A . 
C 2 HOH 19 123 52 HOH TIP A . 
C 2 HOH 20 124 55 HOH TIP A . 
C 2 HOH 21 125 56 HOH TIP A . 
C 2 HOH 22 126 58 HOH TIP A . 
C 2 HOH 23 127 60 HOH TIP A . 
C 2 HOH 24 128 61 HOH TIP A . 
C 2 HOH 25 129 64 HOH TIP A . 
C 2 HOH 26 130 65 HOH TIP A . 
C 2 HOH 27 131 66 HOH TIP A . 
C 2 HOH 28 132 67 HOH TIP A . 
C 2 HOH 29 133 74 HOH TIP A . 
C 2 HOH 30 134 78 HOH TIP A . 
D 2 HOH 1  1   1  HOH TIP B . 
D 2 HOH 2  4   4  HOH TIP B . 
D 2 HOH 3  6   6  HOH TIP B . 
D 2 HOH 4  7   7  HOH TIP B . 
D 2 HOH 5  8   8  HOH TIP B . 
D 2 HOH 6  10  10 HOH TIP B . 
D 2 HOH 7  12  12 HOH TIP B . 
D 2 HOH 8  13  13 HOH TIP B . 
D 2 HOH 9  14  14 HOH TIP B . 
D 2 HOH 10 16  16 HOH TIP B . 
D 2 HOH 11 18  18 HOH TIP B . 
D 2 HOH 12 20  20 HOH TIP B . 
D 2 HOH 13 22  22 HOH TIP B . 
D 2 HOH 14 23  23 HOH TIP B . 
D 2 HOH 15 24  24 HOH TIP B . 
D 2 HOH 16 28  28 HOH TIP B . 
D 2 HOH 17 30  30 HOH TIP B . 
D 2 HOH 18 31  31 HOH TIP B . 
D 2 HOH 19 32  32 HOH TIP B . 
D 2 HOH 20 35  35 HOH TIP B . 
D 2 HOH 21 36  36 HOH TIP B . 
D 2 HOH 22 37  37 HOH TIP B . 
D 2 HOH 23 38  38 HOH TIP B . 
D 2 HOH 24 39  39 HOH TIP B . 
D 2 HOH 25 40  40 HOH TIP B . 
D 2 HOH 26 42  42 HOH TIP B . 
D 2 HOH 27 43  43 HOH TIP B . 
D 2 HOH 28 44  44 HOH TIP B . 
D 2 HOH 29 47  47 HOH TIP B . 
D 2 HOH 30 48  48 HOH TIP B . 
D 2 HOH 31 50  50 HOH TIP B . 
D 2 HOH 32 51  51 HOH TIP B . 
D 2 HOH 33 53  53 HOH TIP B . 
D 2 HOH 34 54  54 HOH TIP B . 
D 2 HOH 35 57  57 HOH TIP B . 
D 2 HOH 36 59  59 HOH TIP B . 
D 2 HOH 37 62  62 HOH TIP B . 
D 2 HOH 38 63  63 HOH TIP B . 
D 2 HOH 39 68  68 HOH TIP B . 
D 2 HOH 40 69  69 HOH TIP B . 
D 2 HOH 41 70  70 HOH TIP B . 
D 2 HOH 42 71  71 HOH TIP B . 
D 2 HOH 43 72  72 HOH TIP B . 
D 2 HOH 44 73  73 HOH TIP B . 
D 2 HOH 45 76  76 HOH TIP B . 
D 2 HOH 46 77  77 HOH TIP B . 
D 2 HOH 47 79  79 HOH TIP B . 
# 
loop_
_pdbx_unobs_or_zero_occ_atoms.id 
_pdbx_unobs_or_zero_occ_atoms.PDB_model_num 
_pdbx_unobs_or_zero_occ_atoms.polymer_flag 
_pdbx_unobs_or_zero_occ_atoms.occupancy_flag 
_pdbx_unobs_or_zero_occ_atoms.auth_asym_id 
_pdbx_unobs_or_zero_occ_atoms.auth_comp_id 
_pdbx_unobs_or_zero_occ_atoms.auth_seq_id 
_pdbx_unobs_or_zero_occ_atoms.PDB_ins_code 
_pdbx_unobs_or_zero_occ_atoms.auth_atom_id 
_pdbx_unobs_or_zero_occ_atoms.label_alt_id 
_pdbx_unobs_or_zero_occ_atoms.label_asym_id 
_pdbx_unobs_or_zero_occ_atoms.label_comp_id 
_pdbx_unobs_or_zero_occ_atoms.label_seq_id 
_pdbx_unobs_or_zero_occ_atoms.label_atom_id 
1 1 Y 0 A GLN 56 ? CB  ? A GLN 53 CB  
2 1 Y 0 A GLN 56 ? CG  ? A GLN 53 CG  
3 1 Y 0 A GLN 56 ? CD  ? A GLN 53 CD  
4 1 Y 0 A GLN 56 ? OE1 ? A GLN 53 OE1 
5 1 Y 0 A GLN 56 ? NE2 ? A GLN 53 NE2 
# 
loop_
_software.name 
_software.classification 
_software.version 
_software.citation_id 
_software.pdbx_ordinal 
DENZO     'data reduction' .   ? 1 
SCALEPACK 'data scaling'   .   ? 2 
AMoRE     phasing          .   ? 3 
X-PLOR    refinement       3.1 ? 4 
# 
_cell.entry_id           1CQK 
_cell.length_a           48.700 
_cell.length_b           42.800 
_cell.length_c           50.400 
_cell.angle_alpha        90.00 
_cell.angle_beta         105.93 
_cell.angle_gamma        90.00 
_cell.Z_PDB              4 
_cell.pdbx_unique_axis   ? 
# 
_symmetry.entry_id                         1CQK 
_symmetry.space_group_name_H-M             'P 1 21 1' 
_symmetry.pdbx_full_space_group_name_H-M   ? 
_symmetry.cell_setting                     ? 
_symmetry.Int_Tables_number                4 
_symmetry.space_group_name_Hall            ? 
# 
_exptl.entry_id          1CQK 
_exptl.method            'X-RAY DIFFRACTION' 
_exptl.crystals_number   1 
# 
_exptl_crystal.id                    1 
_exptl_crystal.density_meas          ? 
_exptl_crystal.density_Matthews      2.19 
_exptl_crystal.density_percent_sol   43.89 
_exptl_crystal.description           ? 
_exptl_crystal.F_000                 ? 
_exptl_crystal.preparation           ? 
# 
_exptl_crystal_grow.crystal_id      1 
_exptl_crystal_grow.method          'VAPOR DIFFUSION, SITTING DROP' 
_exptl_crystal_grow.temp            291.0 
_exptl_crystal_grow.temp_details    ? 
_exptl_crystal_grow.pH              8.5 
_exptl_crystal_grow.pdbx_details    'Tris, ammonium sulfate, pH 8.5, VAPOR DIFFUSION, SITTING DROP, temperature 18K' 
_exptl_crystal_grow.pdbx_pH_range   . 
# 
_diffrn.id                     1 
_diffrn.ambient_temp           20 
_diffrn.ambient_temp_details   ? 
_diffrn.crystal_id             1 
# 
_diffrn_detector.diffrn_id              1 
_diffrn_detector.detector               'IMAGE PLATE' 
_diffrn_detector.type                   MARRESEARCH 
_diffrn_detector.pdbx_collection_date   1998-07-14 
_diffrn_detector.details                ? 
# 
_diffrn_radiation.diffrn_id                        1 
_diffrn_radiation.wavelength_id                    1 
_diffrn_radiation.pdbx_monochromatic_or_laue_m_l   M 
_diffrn_radiation.monochromator                    ? 
_diffrn_radiation.pdbx_diffrn_protocol             'SINGLE WAVELENGTH' 
_diffrn_radiation.pdbx_scattering_type             x-ray 
# 
_diffrn_radiation_wavelength.id           1 
_diffrn_radiation_wavelength.wavelength   1.5418 
_diffrn_radiation_wavelength.wt           1.0 
# 
_diffrn_source.diffrn_id                   1 
_diffrn_source.source                      'ROTATING ANODE' 
_diffrn_source.type                        RIGAKU 
_diffrn_source.pdbx_synchrotron_site       ? 
_diffrn_source.pdbx_synchrotron_beamline   ? 
_diffrn_source.pdbx_wavelength             1.5418 
_diffrn_source.pdbx_wavelength_list        ? 
# 
_reflns.entry_id                     1CQK 
_reflns.observed_criterion_sigma_I   ? 
_reflns.observed_criterion_sigma_F   2.0 
_reflns.d_resolution_low             50 
_reflns.d_resolution_high            2.2 
_reflns.number_obs                   10340 
_reflns.number_all                   ? 
_reflns.percent_possible_obs         93.4 
_reflns.pdbx_Rmerge_I_obs            0.104 
_reflns.pdbx_Rsym_value              ? 
_reflns.pdbx_netI_over_sigmaI        10.1 
_reflns.B_iso_Wilson_estimate        31.8 
_reflns.pdbx_redundancy              5.58 
_reflns.R_free_details               ? 
_reflns.limit_h_max                  ? 
_reflns.limit_h_min                  ? 
_reflns.limit_k_max                  ? 
_reflns.limit_k_min                  ? 
_reflns.limit_l_max                  ? 
_reflns.limit_l_min                  ? 
_reflns.observed_criterion_F_max     ? 
_reflns.observed_criterion_F_min     ? 
_reflns.pdbx_chi_squared             ? 
_reflns.pdbx_scaling_rejects         ? 
_reflns.pdbx_diffrn_id               1 
_reflns.pdbx_ordinal                 1 
# 
_reflns_shell.d_res_high             2.20 
_reflns_shell.d_res_low              2.26 
_reflns_shell.percent_possible_all   83.6 
_reflns_shell.Rmerge_I_obs           0.273 
_reflns_shell.pdbx_Rsym_value        ? 
_reflns_shell.meanI_over_sigI_obs    ? 
_reflns_shell.pdbx_redundancy        3.8 
_reflns_shell.percent_possible_obs   ? 
_reflns_shell.number_unique_all      705 
_reflns_shell.number_measured_all    ? 
_reflns_shell.number_measured_obs    ? 
_reflns_shell.number_unique_obs      ? 
_reflns_shell.pdbx_chi_squared       ? 
_reflns_shell.pdbx_diffrn_id         ? 
_reflns_shell.pdbx_ordinal           1 
# 
_refine.entry_id                                 1CQK 
_refine.ls_number_reflns_obs                     9447 
_refine.ls_number_reflns_all                     10088 
_refine.pdbx_ls_sigma_I                          ? 
_refine.pdbx_ls_sigma_F                          2.0 
_refine.pdbx_data_cutoff_high_absF               ? 
_refine.pdbx_data_cutoff_low_absF                ? 
_refine.ls_d_res_low                             8.0 
_refine.ls_d_res_high                            2.2 
_refine.ls_percent_reflns_obs                    92.5 
_refine.ls_R_factor_obs                          ? 
_refine.ls_R_factor_all                          ? 
_refine.ls_R_factor_R_work                       0.1963 
_refine.ls_R_factor_R_free                       0.2486 
_refine.ls_R_factor_R_free_error                 ? 
_refine.ls_R_factor_R_free_error_details         ? 
_refine.ls_percent_reflns_R_free                 ? 
_refine.ls_number_reflns_R_free                  496 
_refine.ls_number_parameters                     ? 
_refine.ls_number_restraints                     ? 
_refine.occupancy_min                            ? 
_refine.occupancy_max                            ? 
_refine.B_iso_mean                               ? 
_refine.aniso_B[1][1]                            ? 
_refine.aniso_B[2][2]                            ? 
_refine.aniso_B[3][3]                            ? 
_refine.aniso_B[1][2]                            ? 
_refine.aniso_B[1][3]                            ? 
_refine.aniso_B[2][3]                            ? 
_refine.solvent_model_details                    ? 
_refine.solvent_model_param_ksol                 ? 
_refine.solvent_model_param_bsol                 ? 
_refine.pdbx_ls_cross_valid_method               ? 
_refine.details                                  ? 
_refine.pdbx_starting_model                      ? 
_refine.pdbx_method_to_determine_struct          ? 
_refine.pdbx_isotropic_thermal_model             ? 
_refine.pdbx_stereochemistry_target_values       'Engh & Huber' 
_refine.pdbx_stereochem_target_val_spec_case     ? 
_refine.pdbx_R_Free_selection_details            RANDOM 
_refine.pdbx_overall_ESU_R_Free                  ? 
_refine.overall_SU_B                             ? 
_refine.ls_redundancy_reflns_obs                 ? 
_refine.overall_SU_ML                            ? 
_refine.pdbx_overall_ESU_R                       ? 
_refine.pdbx_data_cutoff_high_rms_absF           ? 
_refine.B_iso_min                                ? 
_refine.B_iso_max                                ? 
_refine.correlation_coeff_Fo_to_Fc               ? 
_refine.correlation_coeff_Fo_to_Fc_free          ? 
_refine.pdbx_solvent_vdw_probe_radii             ? 
_refine.pdbx_solvent_ion_probe_radii             ? 
_refine.pdbx_solvent_shrinkage_radii             ? 
_refine.overall_SU_R_Cruickshank_DPI             ? 
_refine.overall_SU_R_free                        ? 
_refine.ls_wR_factor_R_free                      ? 
_refine.ls_wR_factor_R_work                      ? 
_refine.overall_FOM_free_R_set                   ? 
_refine.overall_FOM_work_R_set                   ? 
_refine.pdbx_refine_id                           'X-RAY DIFFRACTION' 
_refine.pdbx_diffrn_id                           1 
_refine.pdbx_TLS_residual_ADP_flag               ? 
_refine.pdbx_overall_phase_error                 ? 
_refine.pdbx_overall_SU_R_free_Cruickshank_DPI   ? 
_refine.pdbx_overall_SU_R_Blow_DPI               ? 
_refine.pdbx_overall_SU_R_free_Blow_DPI          ? 
# 
_refine_hist.pdbx_refine_id                   'X-RAY DIFFRACTION' 
_refine_hist.cycle_id                         LAST 
_refine_hist.pdbx_number_atoms_protein        1622 
_refine_hist.pdbx_number_atoms_nucleic_acid   0 
_refine_hist.pdbx_number_atoms_ligand         0 
_refine_hist.number_atoms_solvent             77 
_refine_hist.number_atoms_total               1699 
_refine_hist.d_res_high                       2.2 
_refine_hist.d_res_low                        8.0 
# 
loop_
_refine_ls_restr.type 
_refine_ls_restr.dev_ideal 
_refine_ls_restr.dev_ideal_target 
_refine_ls_restr.weight 
_refine_ls_restr.number 
_refine_ls_restr.pdbx_refine_id 
_refine_ls_restr.pdbx_restraint_function 
c_bond_d    0.007 ? ? ? 'X-RAY DIFFRACTION' ? 
c_angle_deg 1.35  ? ? ? 'X-RAY DIFFRACTION' ? 
# 
_struct.entry_id                  1CQK 
_struct.title                     'CRYSTAL STRUCTURE OF THE CH3 DOMAIN FROM THE MAK33 ANTIBODY' 
_struct.pdbx_model_details        ? 
_struct.pdbx_CASP_flag            ? 
_struct.pdbx_model_type_details   ? 
# 
_struct_keywords.entry_id        1CQK 
_struct_keywords.pdbx_keywords   'IMMUNE SYSTEM' 
_struct_keywords.text            'CONSTANT DOMAIN, C1-SUBSET, IMMUNOGLOBULIN, Immune system' 
# 
loop_
_struct_asym.id 
_struct_asym.pdbx_blank_PDB_chainid_flag 
_struct_asym.pdbx_modified 
_struct_asym.entity_id 
_struct_asym.details 
A N N 1 ? 
B N N 1 ? 
C N N 2 ? 
D N N 2 ? 
# 
_struct_ref.id                         1 
_struct_ref.db_name                    UNP 
_struct_ref.db_code                    Q9R1A4_MOUSE 
_struct_ref.entity_id                  1 
_struct_ref.pdbx_db_accession          Q9R1A4 
_struct_ref.pdbx_align_begin           ? 
_struct_ref.pdbx_seq_one_letter_code   ? 
_struct_ref.pdbx_db_isoform            ? 
# 
loop_
_struct_ref_seq.align_id 
_struct_ref_seq.ref_id 
_struct_ref_seq.pdbx_PDB_id_code 
_struct_ref_seq.pdbx_strand_id 
_struct_ref_seq.seq_align_beg 
_struct_ref_seq.pdbx_seq_align_beg_ins_code 
_struct_ref_seq.seq_align_end 
_struct_ref_seq.pdbx_seq_align_end_ins_code 
_struct_ref_seq.pdbx_db_accession 
_struct_ref_seq.db_align_beg 
_struct_ref_seq.pdbx_db_align_beg_ins_code 
_struct_ref_seq.db_align_end 
_struct_ref_seq.pdbx_db_align_end_ins_code 
_struct_ref_seq.pdbx_auth_seq_align_beg 
_struct_ref_seq.pdbx_auth_seq_align_end 
1 1 1CQK A 1 ? 101 ? Q9R1A4 353 ? 453 ? 4   104 
2 1 1CQK B 1 ? 101 ? Q9R1A4 353 ? 453 ? 204 304 
# 
loop_
_struct_ref_seq_dif.align_id 
_struct_ref_seq_dif.pdbx_pdb_id_code 
_struct_ref_seq_dif.mon_id 
_struct_ref_seq_dif.pdbx_pdb_strand_id 
_struct_ref_seq_dif.seq_num 
_struct_ref_seq_dif.pdbx_pdb_ins_code 
_struct_ref_seq_dif.pdbx_seq_db_name 
_struct_ref_seq_dif.pdbx_seq_db_accession_code 
_struct_ref_seq_dif.db_mon_id 
_struct_ref_seq_dif.pdbx_seq_db_seq_num 
_struct_ref_seq_dif.details 
_struct_ref_seq_dif.pdbx_auth_seq_num 
_struct_ref_seq_dif.pdbx_ordinal 
1 1CQK ALA A 2  ? UNP Q9R1A4 LYS 354 'engineered mutation' 5   1 
1 1CQK LEU A 13 ? UNP Q9R1A4 LYS 365 'engineered mutation' 16  2 
1 1CQK LEU A 20 ? UNP Q9R1A4 LYS 372 'engineered mutation' 23  3 
2 1CQK ALA B 2  ? UNP Q9R1A4 LYS 354 'engineered mutation' 205 4 
2 1CQK LEU B 13 ? UNP Q9R1A4 LYS 365 'engineered mutation' 216 5 
2 1CQK LEU B 20 ? UNP Q9R1A4 LYS 372 'engineered mutation' 223 6 
# 
_pdbx_struct_assembly.id                   1 
_pdbx_struct_assembly.details              author_and_software_defined_assembly 
_pdbx_struct_assembly.method_details       PISA 
_pdbx_struct_assembly.oligomeric_details   dimeric 
_pdbx_struct_assembly.oligomeric_count     2 
# 
loop_
_pdbx_struct_assembly_prop.biol_id 
_pdbx_struct_assembly_prop.type 
_pdbx_struct_assembly_prop.value 
_pdbx_struct_assembly_prop.details 
1 'ABSA (A^2)' 2260 ? 
1 MORE         -13  ? 
1 'SSA (A^2)'  9970 ? 
# 
_pdbx_struct_assembly_gen.assembly_id       1 
_pdbx_struct_assembly_gen.oper_expression   1 
_pdbx_struct_assembly_gen.asym_id_list      A,B,C,D 
# 
_pdbx_struct_oper_list.id                   1 
_pdbx_struct_oper_list.type                 'identity operation' 
_pdbx_struct_oper_list.name                 1_555 
_pdbx_struct_oper_list.symmetry_operation   x,y,z 
_pdbx_struct_oper_list.matrix[1][1]         1.0000000000 
_pdbx_struct_oper_list.matrix[1][2]         0.0000000000 
_pdbx_struct_oper_list.matrix[1][3]         0.0000000000 
_pdbx_struct_oper_list.vector[1]            0.0000000000 
_pdbx_struct_oper_list.matrix[2][1]         0.0000000000 
_pdbx_struct_oper_list.matrix[2][2]         1.0000000000 
_pdbx_struct_oper_list.matrix[2][3]         0.0000000000 
_pdbx_struct_oper_list.vector[2]            0.0000000000 
_pdbx_struct_oper_list.matrix[3][1]         0.0000000000 
_pdbx_struct_oper_list.matrix[3][2]         0.0000000000 
_pdbx_struct_oper_list.matrix[3][3]         1.0000000000 
_pdbx_struct_oper_list.vector[3]            0.0000000000 
# 
_struct_biol.id                    1 
_struct_biol.details               'The biological assembly is a dimer.' 
_struct_biol.pdbx_parent_biol_id   ? 
# 
loop_
_struct_conf.conf_type_id 
_struct_conf.id 
_struct_conf.pdbx_PDB_helix_id 
_struct_conf.beg_label_comp_id 
_struct_conf.beg_label_asym_id 
_struct_conf.beg_label_seq_id 
_struct_conf.pdbx_beg_PDB_ins_code 
_struct_conf.end_label_comp_id 
_struct_conf.end_label_asym_id 
_struct_conf.end_label_seq_id 
_struct_conf.pdbx_end_PDB_ins_code 
_struct_conf.beg_auth_comp_id 
_struct_conf.beg_auth_asym_id 
_struct_conf.beg_auth_seq_id 
_struct_conf.end_auth_comp_id 
_struct_conf.end_auth_asym_id 
_struct_conf.end_auth_seq_id 
_struct_conf.pdbx_PDB_helix_class 
_struct_conf.details 
_struct_conf.pdbx_PDB_helix_length 
HELX_P HELX_P1 1 PRO A 12 ? MET A 16 ? PRO A 15  MET A 19  5 ? 5 
HELX_P HELX_P2 2 LYS A 72 ? ALA A 77 ? LYS A 75  ALA A 80  1 ? 6 
HELX_P HELX_P3 3 LEU A 90 ? ASN A 92 ? LEU A 93  ASN A 95  5 ? 3 
HELX_P HELX_P4 4 PRO B 12 ? MET B 16 ? PRO B 215 MET B 219 5 ? 5 
HELX_P HELX_P5 5 LYS B 72 ? ALA B 77 ? LYS B 275 ALA B 280 1 ? 6 
HELX_P HELX_P6 6 LEU B 90 ? ASN B 92 ? LEU B 293 ASN B 295 5 ? 3 
# 
_struct_conf_type.id          HELX_P 
_struct_conf_type.criteria    ? 
_struct_conf_type.reference   ? 
# 
loop_
_struct_conn.id 
_struct_conn.conn_type_id 
_struct_conn.pdbx_leaving_atom_flag 
_struct_conn.pdbx_PDB_id 
_struct_conn.ptnr1_label_asym_id 
_struct_conn.ptnr1_label_comp_id 
_struct_conn.ptnr1_label_seq_id 
_struct_conn.ptnr1_label_atom_id 
_struct_conn.pdbx_ptnr1_label_alt_id 
_struct_conn.pdbx_ptnr1_PDB_ins_code 
_struct_conn.pdbx_ptnr1_standard_comp_id 
_struct_conn.ptnr1_symmetry 
_struct_conn.ptnr2_label_asym_id 
_struct_conn.ptnr2_label_comp_id 
_struct_conn.ptnr2_label_seq_id 
_struct_conn.ptnr2_label_atom_id 
_struct_conn.pdbx_ptnr2_label_alt_id 
_struct_conn.pdbx_ptnr2_PDB_ins_code 
_struct_conn.ptnr1_auth_asym_id 
_struct_conn.ptnr1_auth_comp_id 
_struct_conn.ptnr1_auth_seq_id 
_struct_conn.ptnr2_auth_asym_id 
_struct_conn.ptnr2_auth_comp_id 
_struct_conn.ptnr2_auth_seq_id 
_struct_conn.ptnr2_symmetry 
_struct_conn.pdbx_ptnr3_label_atom_id 
_struct_conn.pdbx_ptnr3_label_seq_id 
_struct_conn.pdbx_ptnr3_label_comp_id 
_struct_conn.pdbx_ptnr3_label_asym_id 
_struct_conn.pdbx_ptnr3_label_alt_id 
_struct_conn.pdbx_ptnr3_PDB_ins_code 
_struct_conn.details 
_struct_conn.pdbx_dist_value 
_struct_conn.pdbx_value_order 
_struct_conn.pdbx_role 
disulf1 disulf ? ? A CYS 25 SG ? ? ? 1_555 A CYS 83 SG ? ? A CYS 28  A CYS 86  1_555 ? ? ? ? ? ? ? 2.313 ? ? 
disulf2 disulf ? ? B CYS 25 SG ? ? ? 1_555 B CYS 83 SG ? ? B CYS 228 B CYS 286 1_555 ? ? ? ? ? ? ? 2.385 ? ? 
# 
_struct_conn_type.id          disulf 
_struct_conn_type.criteria    ? 
_struct_conn_type.reference   ? 
# 
loop_
_pdbx_modification_feature.ordinal 
_pdbx_modification_feature.label_comp_id 
_pdbx_modification_feature.label_asym_id 
_pdbx_modification_feature.label_seq_id 
_pdbx_modification_feature.label_alt_id 
_pdbx_modification_feature.modified_residue_label_comp_id 
_pdbx_modification_feature.modified_residue_label_asym_id 
_pdbx_modification_feature.modified_residue_label_seq_id 
_pdbx_modification_feature.modified_residue_label_alt_id 
_pdbx_modification_feature.auth_comp_id 
_pdbx_modification_feature.auth_asym_id 
_pdbx_modification_feature.auth_seq_id 
_pdbx_modification_feature.PDB_ins_code 
_pdbx_modification_feature.symmetry 
_pdbx_modification_feature.modified_residue_auth_comp_id 
_pdbx_modification_feature.modified_residue_auth_asym_id 
_pdbx_modification_feature.modified_residue_auth_seq_id 
_pdbx_modification_feature.modified_residue_PDB_ins_code 
_pdbx_modification_feature.modified_residue_symmetry 
_pdbx_modification_feature.comp_id_linking_atom 
_pdbx_modification_feature.modified_residue_id_linking_atom 
_pdbx_modification_feature.modified_residue_id 
_pdbx_modification_feature.ref_pcm_id 
_pdbx_modification_feature.ref_comp_id 
_pdbx_modification_feature.type 
_pdbx_modification_feature.category 
1 CYS A 25 ? CYS A 83 ? CYS A 28  ? 1_555 CYS A 86  ? 1_555 SG SG . . . None 'Disulfide bridge' 
2 CYS B 25 ? CYS B 83 ? CYS B 228 ? 1_555 CYS B 286 ? 1_555 SG SG . . . None 'Disulfide bridge' 
# 
loop_
_struct_mon_prot_cis.pdbx_id 
_struct_mon_prot_cis.label_comp_id 
_struct_mon_prot_cis.label_seq_id 
_struct_mon_prot_cis.label_asym_id 
_struct_mon_prot_cis.label_alt_id 
_struct_mon_prot_cis.pdbx_PDB_ins_code 
_struct_mon_prot_cis.auth_comp_id 
_struct_mon_prot_cis.auth_seq_id 
_struct_mon_prot_cis.auth_asym_id 
_struct_mon_prot_cis.pdbx_label_comp_id_2 
_struct_mon_prot_cis.pdbx_label_seq_id_2 
_struct_mon_prot_cis.pdbx_label_asym_id_2 
_struct_mon_prot_cis.pdbx_PDB_ins_code_2 
_struct_mon_prot_cis.pdbx_auth_comp_id_2 
_struct_mon_prot_cis.pdbx_auth_seq_id_2 
_struct_mon_prot_cis.pdbx_auth_asym_id_2 
_struct_mon_prot_cis.pdbx_PDB_model_num 
_struct_mon_prot_cis.pdbx_omega_angle 
1 PHE 31 A . ? PHE 34  A PRO 32 A ? PRO 35  A 1 -0.59 
2 PHE 31 B . ? PHE 234 B PRO 32 B ? PRO 235 B 1 -0.10 
# 
loop_
_struct_sheet.id 
_struct_sheet.type 
_struct_sheet.number_strands 
_struct_sheet.details 
A  ? 4 ? 
A1 ? 4 ? 
B  ? 4 ? 
C  ? 4 ? 
C1 ? 4 ? 
D  ? 4 ? 
# 
loop_
_struct_sheet_order.sheet_id 
_struct_sheet_order.range_id_1 
_struct_sheet_order.range_id_2 
_struct_sheet_order.offset 
_struct_sheet_order.sense 
A  1 2 ? anti-parallel 
A  2 3 ? anti-parallel 
A  3 4 ? anti-parallel 
A1 1 2 ? anti-parallel 
A1 2 3 ? anti-parallel 
A1 3 4 ? anti-parallel 
B  1 2 ? anti-parallel 
B  2 3 ? anti-parallel 
B  3 4 ? anti-parallel 
C  1 2 ? anti-parallel 
C  2 3 ? anti-parallel 
C  3 4 ? anti-parallel 
C1 1 2 ? anti-parallel 
C1 2 3 ? anti-parallel 
C1 3 4 ? anti-parallel 
D  1 2 ? anti-parallel 
D  2 3 ? anti-parallel 
D  3 4 ? anti-parallel 
# 
loop_
_struct_sheet_range.sheet_id 
_struct_sheet_range.id 
_struct_sheet_range.beg_label_comp_id 
_struct_sheet_range.beg_label_asym_id 
_struct_sheet_range.beg_label_seq_id 
_struct_sheet_range.pdbx_beg_PDB_ins_code 
_struct_sheet_range.end_label_comp_id 
_struct_sheet_range.end_label_asym_id 
_struct_sheet_range.end_label_seq_id 
_struct_sheet_range.pdbx_end_PDB_ins_code 
_struct_sheet_range.beg_auth_comp_id 
_struct_sheet_range.beg_auth_asym_id 
_struct_sheet_range.beg_auth_seq_id 
_struct_sheet_range.end_auth_comp_id 
_struct_sheet_range.end_auth_asym_id 
_struct_sheet_range.end_auth_seq_id 
A  1 GLN A 5  ? ILE A 9   ? GLN A 8   ILE A 12  
A  2 LEU A 20 ? PHE A 30  ? LEU A 23  PHE A 33  
A  3 TYR A 62 ? GLN A 71  ? TYR A 65  GLN A 74  
A  4 TYR A 49 ? ASN A 51  ? TYR A 52  ASN A 54  
A1 1 GLN A 5  ? ILE A 9   ? GLN A 8   ILE A 12  
A1 2 LEU A 20 ? PHE A 30  ? LEU A 23  PHE A 33  
A1 3 TYR A 62 ? GLN A 71  ? TYR A 65  GLN A 74  
A1 4 ILE A 55 ? MET A 56  ? ILE A 58  MET A 59  
B  1 GLN A 44 ? PRO A 45  ? GLN A 47  PRO A 48  
B  2 THR A 36 ? TRP A 41  ? THR A 39  TRP A 44  
B  3 PHE A 81 ? LEU A 86  ? PHE A 84  LEU A 89  
B  4 HIS A 94 ? LEU A 99  ? HIS A 97  LEU A 102 
C  1 GLN B 5  ? ILE B 9   ? GLN B 208 ILE B 212 
C  2 LEU B 20 ? PHE B 30  ? LEU B 223 PHE B 233 
C  3 TYR B 62 ? GLN B 71  ? TYR B 265 GLN B 274 
C  4 TYR B 49 ? ASN B 51  ? TYR B 252 ASN B 254 
C1 1 GLN B 5  ? ILE B 9   ? GLN B 208 ILE B 212 
C1 2 LEU B 20 ? PHE B 30  ? LEU B 223 PHE B 233 
C1 3 TYR B 62 ? GLN B 71  ? TYR B 265 GLN B 274 
C1 4 ILE B 55 ? MET B 56  ? ILE B 258 MET B 259 
D  1 GLN B 44 ? PRO B 45  ? GLN B 247 PRO B 248 
D  2 THR B 36 ? TRP B 41  ? THR B 239 TRP B 244 
D  3 THR B 80 ? LEU B 86  ? THR B 283 LEU B 289 
D  4 HIS B 94 ? SER B 100 ? HIS B 297 SER B 303 
# 
loop_
_pdbx_struct_sheet_hbond.sheet_id 
_pdbx_struct_sheet_hbond.range_id_1 
_pdbx_struct_sheet_hbond.range_id_2 
_pdbx_struct_sheet_hbond.range_1_label_atom_id 
_pdbx_struct_sheet_hbond.range_1_label_comp_id 
_pdbx_struct_sheet_hbond.range_1_label_asym_id 
_pdbx_struct_sheet_hbond.range_1_label_seq_id 
_pdbx_struct_sheet_hbond.range_1_PDB_ins_code 
_pdbx_struct_sheet_hbond.range_1_auth_atom_id 
_pdbx_struct_sheet_hbond.range_1_auth_comp_id 
_pdbx_struct_sheet_hbond.range_1_auth_asym_id 
_pdbx_struct_sheet_hbond.range_1_auth_seq_id 
_pdbx_struct_sheet_hbond.range_2_label_atom_id 
_pdbx_struct_sheet_hbond.range_2_label_comp_id 
_pdbx_struct_sheet_hbond.range_2_label_asym_id 
_pdbx_struct_sheet_hbond.range_2_label_seq_id 
_pdbx_struct_sheet_hbond.range_2_PDB_ins_code 
_pdbx_struct_sheet_hbond.range_2_auth_atom_id 
_pdbx_struct_sheet_hbond.range_2_auth_comp_id 
_pdbx_struct_sheet_hbond.range_2_auth_asym_id 
_pdbx_struct_sheet_hbond.range_2_auth_seq_id 
A  1 2 N ILE A 9  ? N ILE A 12  O THR A 24 ? O THR A 27  
A  2 3 O PHE A 30 ? O PHE A 33  N TYR A 62 ? N TYR A 65  
A  3 4 N LYS A 67 ? N LYS A 70  O LYS A 50 ? O LYS A 53  
A1 1 2 N ILE A 9  ? N ILE A 12  O THR A 24 ? O THR A 27  
A1 2 3 O PHE A 30 ? O PHE A 33  N TYR A 62 ? N TYR A 65  
A1 3 4 O PHE A 63 ? O PHE A 66  N ILE A 55 ? N ILE A 58  
B  1 2 O GLN A 44 ? O GLN A 47  N TRP A 41 ? N TRP A 44  
B  2 3 N GLN A 40 ? N GLN A 43  O THR A 82 ? O THR A 85  
B  3 4 N VAL A 85 ? N VAL A 88  O THR A 95 ? O THR A 98  
C  1 2 N ILE B 9  ? N ILE B 212 O THR B 24 ? O THR B 227 
C  2 3 O PHE B 30 ? O PHE B 233 N TYR B 62 ? N TYR B 265 
C  3 4 N LYS B 67 ? N LYS B 270 O LYS B 50 ? O LYS B 253 
C1 1 2 N ILE B 9  ? N ILE B 212 O THR B 24 ? O THR B 227 
C1 2 3 O PHE B 30 ? O PHE B 233 N TYR B 62 ? N TYR B 265 
C1 3 4 O PHE B 63 ? O PHE B 266 N ILE B 55 ? N ILE B 258 
D  1 2 O GLN B 44 ? O GLN B 247 N TRP B 41 ? N TRP B 244 
D  2 3 O GLN B 40 ? O GLN B 243 N THR B 82 ? N THR B 285 
D  3 4 N VAL B 85 ? N VAL B 288 O THR B 95 ? O THR B 298 
# 
_pdbx_entry_details.entry_id                   1CQK 
_pdbx_entry_details.compound_details           ? 
_pdbx_entry_details.source_details             ? 
_pdbx_entry_details.nonpolymer_details         ? 
_pdbx_entry_details.sequence_details           ? 
_pdbx_entry_details.has_ligand_of_interest     ? 
_pdbx_entry_details.has_protein_modification   Y 
# 
loop_
_pdbx_distant_solvent_atoms.id 
_pdbx_distant_solvent_atoms.PDB_model_num 
_pdbx_distant_solvent_atoms.auth_atom_id 
_pdbx_distant_solvent_atoms.label_alt_id 
_pdbx_distant_solvent_atoms.auth_asym_id 
_pdbx_distant_solvent_atoms.auth_comp_id 
_pdbx_distant_solvent_atoms.auth_seq_id 
_pdbx_distant_solvent_atoms.PDB_ins_code 
_pdbx_distant_solvent_atoms.neighbor_macromolecule_distance 
_pdbx_distant_solvent_atoms.neighbor_ligand_distance 
1 1 O ? B HOH 47 ? 9.45 . 
2 1 O ? B HOH 79 ? 6.31 . 
# 
loop_
_chem_comp_atom.comp_id 
_chem_comp_atom.atom_id 
_chem_comp_atom.type_symbol 
_chem_comp_atom.pdbx_aromatic_flag 
_chem_comp_atom.pdbx_stereo_config 
_chem_comp_atom.pdbx_ordinal 
ALA N    N N N 1   
ALA CA   C N S 2   
ALA C    C N N 3   
ALA O    O N N 4   
ALA CB   C N N 5   
ALA OXT  O N N 6   
ALA H    H N N 7   
ALA H2   H N N 8   
ALA HA   H N N 9   
ALA HB1  H N N 10  
ALA HB2  H N N 11  
ALA HB3  H N N 12  
ALA HXT  H N N 13  
ASN N    N N N 14  
ASN CA   C N S 15  
ASN C    C N N 16  
ASN O    O N N 17  
ASN CB   C N N 18  
ASN CG   C N N 19  
ASN OD1  O N N 20  
ASN ND2  N N N 21  
ASN OXT  O N N 22  
ASN H    H N N 23  
ASN H2   H N N 24  
ASN HA   H N N 25  
ASN HB2  H N N 26  
ASN HB3  H N N 27  
ASN HD21 H N N 28  
ASN HD22 H N N 29  
ASN HXT  H N N 30  
ASP N    N N N 31  
ASP CA   C N S 32  
ASP C    C N N 33  
ASP O    O N N 34  
ASP CB   C N N 35  
ASP CG   C N N 36  
ASP OD1  O N N 37  
ASP OD2  O N N 38  
ASP OXT  O N N 39  
ASP H    H N N 40  
ASP H2   H N N 41  
ASP HA   H N N 42  
ASP HB2  H N N 43  
ASP HB3  H N N 44  
ASP HD2  H N N 45  
ASP HXT  H N N 46  
CYS N    N N N 47  
CYS CA   C N R 48  
CYS C    C N N 49  
CYS O    O N N 50  
CYS CB   C N N 51  
CYS SG   S N N 52  
CYS OXT  O N N 53  
CYS H    H N N 54  
CYS H2   H N N 55  
CYS HA   H N N 56  
CYS HB2  H N N 57  
CYS HB3  H N N 58  
CYS HG   H N N 59  
CYS HXT  H N N 60  
GLN N    N N N 61  
GLN CA   C N S 62  
GLN C    C N N 63  
GLN O    O N N 64  
GLN CB   C N N 65  
GLN CG   C N N 66  
GLN CD   C N N 67  
GLN OE1  O N N 68  
GLN NE2  N N N 69  
GLN OXT  O N N 70  
GLN H    H N N 71  
GLN H2   H N N 72  
GLN HA   H N N 73  
GLN HB2  H N N 74  
GLN HB3  H N N 75  
GLN HG2  H N N 76  
GLN HG3  H N N 77  
GLN HE21 H N N 78  
GLN HE22 H N N 79  
GLN HXT  H N N 80  
GLU N    N N N 81  
GLU CA   C N S 82  
GLU C    C N N 83  
GLU O    O N N 84  
GLU CB   C N N 85  
GLU CG   C N N 86  
GLU CD   C N N 87  
GLU OE1  O N N 88  
GLU OE2  O N N 89  
GLU OXT  O N N 90  
GLU H    H N N 91  
GLU H2   H N N 92  
GLU HA   H N N 93  
GLU HB2  H N N 94  
GLU HB3  H N N 95  
GLU HG2  H N N 96  
GLU HG3  H N N 97  
GLU HE2  H N N 98  
GLU HXT  H N N 99  
GLY N    N N N 100 
GLY CA   C N N 101 
GLY C    C N N 102 
GLY O    O N N 103 
GLY OXT  O N N 104 
GLY H    H N N 105 
GLY H2   H N N 106 
GLY HA2  H N N 107 
GLY HA3  H N N 108 
GLY HXT  H N N 109 
HIS N    N N N 110 
HIS CA   C N S 111 
HIS C    C N N 112 
HIS O    O N N 113 
HIS CB   C N N 114 
HIS CG   C Y N 115 
HIS ND1  N Y N 116 
HIS CD2  C Y N 117 
HIS CE1  C Y N 118 
HIS NE2  N Y N 119 
HIS OXT  O N N 120 
HIS H    H N N 121 
HIS H2   H N N 122 
HIS HA   H N N 123 
HIS HB2  H N N 124 
HIS HB3  H N N 125 
HIS HD1  H N N 126 
HIS HD2  H N N 127 
HIS HE1  H N N 128 
HIS HE2  H N N 129 
HIS HXT  H N N 130 
HOH O    O N N 131 
HOH H1   H N N 132 
HOH H2   H N N 133 
ILE N    N N N 134 
ILE CA   C N S 135 
ILE C    C N N 136 
ILE O    O N N 137 
ILE CB   C N S 138 
ILE CG1  C N N 139 
ILE CG2  C N N 140 
ILE CD1  C N N 141 
ILE OXT  O N N 142 
ILE H    H N N 143 
ILE H2   H N N 144 
ILE HA   H N N 145 
ILE HB   H N N 146 
ILE HG12 H N N 147 
ILE HG13 H N N 148 
ILE HG21 H N N 149 
ILE HG22 H N N 150 
ILE HG23 H N N 151 
ILE HD11 H N N 152 
ILE HD12 H N N 153 
ILE HD13 H N N 154 
ILE HXT  H N N 155 
LEU N    N N N 156 
LEU CA   C N S 157 
LEU C    C N N 158 
LEU O    O N N 159 
LEU CB   C N N 160 
LEU CG   C N N 161 
LEU CD1  C N N 162 
LEU CD2  C N N 163 
LEU OXT  O N N 164 
LEU H    H N N 165 
LEU H2   H N N 166 
LEU HA   H N N 167 
LEU HB2  H N N 168 
LEU HB3  H N N 169 
LEU HG   H N N 170 
LEU HD11 H N N 171 
LEU HD12 H N N 172 
LEU HD13 H N N 173 
LEU HD21 H N N 174 
LEU HD22 H N N 175 
LEU HD23 H N N 176 
LEU HXT  H N N 177 
LYS N    N N N 178 
LYS CA   C N S 179 
LYS C    C N N 180 
LYS O    O N N 181 
LYS CB   C N N 182 
LYS CG   C N N 183 
LYS CD   C N N 184 
LYS CE   C N N 185 
LYS NZ   N N N 186 
LYS OXT  O N N 187 
LYS H    H N N 188 
LYS H2   H N N 189 
LYS HA   H N N 190 
LYS HB2  H N N 191 
LYS HB3  H N N 192 
LYS HG2  H N N 193 
LYS HG3  H N N 194 
LYS HD2  H N N 195 
LYS HD3  H N N 196 
LYS HE2  H N N 197 
LYS HE3  H N N 198 
LYS HZ1  H N N 199 
LYS HZ2  H N N 200 
LYS HZ3  H N N 201 
LYS HXT  H N N 202 
MET N    N N N 203 
MET CA   C N S 204 
MET C    C N N 205 
MET O    O N N 206 
MET CB   C N N 207 
MET CG   C N N 208 
MET SD   S N N 209 
MET CE   C N N 210 
MET OXT  O N N 211 
MET H    H N N 212 
MET H2   H N N 213 
MET HA   H N N 214 
MET HB2  H N N 215 
MET HB3  H N N 216 
MET HG2  H N N 217 
MET HG3  H N N 218 
MET HE1  H N N 219 
MET HE2  H N N 220 
MET HE3  H N N 221 
MET HXT  H N N 222 
PHE N    N N N 223 
PHE CA   C N S 224 
PHE C    C N N 225 
PHE O    O N N 226 
PHE CB   C N N 227 
PHE CG   C Y N 228 
PHE CD1  C Y N 229 
PHE CD2  C Y N 230 
PHE CE1  C Y N 231 
PHE CE2  C Y N 232 
PHE CZ   C Y N 233 
PHE OXT  O N N 234 
PHE H    H N N 235 
PHE H2   H N N 236 
PHE HA   H N N 237 
PHE HB2  H N N 238 
PHE HB3  H N N 239 
PHE HD1  H N N 240 
PHE HD2  H N N 241 
PHE HE1  H N N 242 
PHE HE2  H N N 243 
PHE HZ   H N N 244 
PHE HXT  H N N 245 
PRO N    N N N 246 
PRO CA   C N S 247 
PRO C    C N N 248 
PRO O    O N N 249 
PRO CB   C N N 250 
PRO CG   C N N 251 
PRO CD   C N N 252 
PRO OXT  O N N 253 
PRO H    H N N 254 
PRO HA   H N N 255 
PRO HB2  H N N 256 
PRO HB3  H N N 257 
PRO HG2  H N N 258 
PRO HG3  H N N 259 
PRO HD2  H N N 260 
PRO HD3  H N N 261 
PRO HXT  H N N 262 
SER N    N N N 263 
SER CA   C N S 264 
SER C    C N N 265 
SER O    O N N 266 
SER CB   C N N 267 
SER OG   O N N 268 
SER OXT  O N N 269 
SER H    H N N 270 
SER H2   H N N 271 
SER HA   H N N 272 
SER HB2  H N N 273 
SER HB3  H N N 274 
SER HG   H N N 275 
SER HXT  H N N 276 
THR N    N N N 277 
THR CA   C N S 278 
THR C    C N N 279 
THR O    O N N 280 
THR CB   C N R 281 
THR OG1  O N N 282 
THR CG2  C N N 283 
THR OXT  O N N 284 
THR H    H N N 285 
THR H2   H N N 286 
THR HA   H N N 287 
THR HB   H N N 288 
THR HG1  H N N 289 
THR HG21 H N N 290 
THR HG22 H N N 291 
THR HG23 H N N 292 
THR HXT  H N N 293 
TRP N    N N N 294 
TRP CA   C N S 295 
TRP C    C N N 296 
TRP O    O N N 297 
TRP CB   C N N 298 
TRP CG   C Y N 299 
TRP CD1  C Y N 300 
TRP CD2  C Y N 301 
TRP NE1  N Y N 302 
TRP CE2  C Y N 303 
TRP CE3  C Y N 304 
TRP CZ2  C Y N 305 
TRP CZ3  C Y N 306 
TRP CH2  C Y N 307 
TRP OXT  O N N 308 
TRP H    H N N 309 
TRP H2   H N N 310 
TRP HA   H N N 311 
TRP HB2  H N N 312 
TRP HB3  H N N 313 
TRP HD1  H N N 314 
TRP HE1  H N N 315 
TRP HE3  H N N 316 
TRP HZ2  H N N 317 
TRP HZ3  H N N 318 
TRP HH2  H N N 319 
TRP HXT  H N N 320 
TYR N    N N N 321 
TYR CA   C N S 322 
TYR C    C N N 323 
TYR O    O N N 324 
TYR CB   C N N 325 
TYR CG   C Y N 326 
TYR CD1  C Y N 327 
TYR CD2  C Y N 328 
TYR CE1  C Y N 329 
TYR CE2  C Y N 330 
TYR CZ   C Y N 331 
TYR OH   O N N 332 
TYR OXT  O N N 333 
TYR H    H N N 334 
TYR H2   H N N 335 
TYR HA   H N N 336 
TYR HB2  H N N 337 
TYR HB3  H N N 338 
TYR HD1  H N N 339 
TYR HD2  H N N 340 
TYR HE1  H N N 341 
TYR HE2  H N N 342 
TYR HH   H N N 343 
TYR HXT  H N N 344 
VAL N    N N N 345 
VAL CA   C N S 346 
VAL C    C N N 347 
VAL O    O N N 348 
VAL CB   C N N 349 
VAL CG1  C N N 350 
VAL CG2  C N N 351 
VAL OXT  O N N 352 
VAL H    H N N 353 
VAL H2   H N N 354 
VAL HA   H N N 355 
VAL HB   H N N 356 
VAL HG11 H N N 357 
VAL HG12 H N N 358 
VAL HG13 H N N 359 
VAL HG21 H N N 360 
VAL HG22 H N N 361 
VAL HG23 H N N 362 
VAL HXT  H N N 363 
# 
loop_
_chem_comp_bond.comp_id 
_chem_comp_bond.atom_id_1 
_chem_comp_bond.atom_id_2 
_chem_comp_bond.value_order 
_chem_comp_bond.pdbx_aromatic_flag 
_chem_comp_bond.pdbx_stereo_config 
_chem_comp_bond.pdbx_ordinal 
ALA N   CA   sing N N 1   
ALA N   H    sing N N 2   
ALA N   H2   sing N N 3   
ALA CA  C    sing N N 4   
ALA CA  CB   sing N N 5   
ALA CA  HA   sing N N 6   
ALA C   O    doub N N 7   
ALA C   OXT  sing N N 8   
ALA CB  HB1  sing N N 9   
ALA CB  HB2  sing N N 10  
ALA CB  HB3  sing N N 11  
ALA OXT HXT  sing N N 12  
ASN N   CA   sing N N 13  
ASN N   H    sing N N 14  
ASN N   H2   sing N N 15  
ASN CA  C    sing N N 16  
ASN CA  CB   sing N N 17  
ASN CA  HA   sing N N 18  
ASN C   O    doub N N 19  
ASN C   OXT  sing N N 20  
ASN CB  CG   sing N N 21  
ASN CB  HB2  sing N N 22  
ASN CB  HB3  sing N N 23  
ASN CG  OD1  doub N N 24  
ASN CG  ND2  sing N N 25  
ASN ND2 HD21 sing N N 26  
ASN ND2 HD22 sing N N 27  
ASN OXT HXT  sing N N 28  
ASP N   CA   sing N N 29  
ASP N   H    sing N N 30  
ASP N   H2   sing N N 31  
ASP CA  C    sing N N 32  
ASP CA  CB   sing N N 33  
ASP CA  HA   sing N N 34  
ASP C   O    doub N N 35  
ASP C   OXT  sing N N 36  
ASP CB  CG   sing N N 37  
ASP CB  HB2  sing N N 38  
ASP CB  HB3  sing N N 39  
ASP CG  OD1  doub N N 40  
ASP CG  OD2  sing N N 41  
ASP OD2 HD2  sing N N 42  
ASP OXT HXT  sing N N 43  
CYS N   CA   sing N N 44  
CYS N   H    sing N N 45  
CYS N   H2   sing N N 46  
CYS CA  C    sing N N 47  
CYS CA  CB   sing N N 48  
CYS CA  HA   sing N N 49  
CYS C   O    doub N N 50  
CYS C   OXT  sing N N 51  
CYS CB  SG   sing N N 52  
CYS CB  HB2  sing N N 53  
CYS CB  HB3  sing N N 54  
CYS SG  HG   sing N N 55  
CYS OXT HXT  sing N N 56  
GLN N   CA   sing N N 57  
GLN N   H    sing N N 58  
GLN N   H2   sing N N 59  
GLN CA  C    sing N N 60  
GLN CA  CB   sing N N 61  
GLN CA  HA   sing N N 62  
GLN C   O    doub N N 63  
GLN C   OXT  sing N N 64  
GLN CB  CG   sing N N 65  
GLN CB  HB2  sing N N 66  
GLN CB  HB3  sing N N 67  
GLN CG  CD   sing N N 68  
GLN CG  HG2  sing N N 69  
GLN CG  HG3  sing N N 70  
GLN CD  OE1  doub N N 71  
GLN CD  NE2  sing N N 72  
GLN NE2 HE21 sing N N 73  
GLN NE2 HE22 sing N N 74  
GLN OXT HXT  sing N N 75  
GLU N   CA   sing N N 76  
GLU N   H    sing N N 77  
GLU N   H2   sing N N 78  
GLU CA  C    sing N N 79  
GLU CA  CB   sing N N 80  
GLU CA  HA   sing N N 81  
GLU C   O    doub N N 82  
GLU C   OXT  sing N N 83  
GLU CB  CG   sing N N 84  
GLU CB  HB2  sing N N 85  
GLU CB  HB3  sing N N 86  
GLU CG  CD   sing N N 87  
GLU CG  HG2  sing N N 88  
GLU CG  HG3  sing N N 89  
GLU CD  OE1  doub N N 90  
GLU CD  OE2  sing N N 91  
GLU OE2 HE2  sing N N 92  
GLU OXT HXT  sing N N 93  
GLY N   CA   sing N N 94  
GLY N   H    sing N N 95  
GLY N   H2   sing N N 96  
GLY CA  C    sing N N 97  
GLY CA  HA2  sing N N 98  
GLY CA  HA3  sing N N 99  
GLY C   O    doub N N 100 
GLY C   OXT  sing N N 101 
GLY OXT HXT  sing N N 102 
HIS N   CA   sing N N 103 
HIS N   H    sing N N 104 
HIS N   H2   sing N N 105 
HIS CA  C    sing N N 106 
HIS CA  CB   sing N N 107 
HIS CA  HA   sing N N 108 
HIS C   O    doub N N 109 
HIS C   OXT  sing N N 110 
HIS CB  CG   sing N N 111 
HIS CB  HB2  sing N N 112 
HIS CB  HB3  sing N N 113 
HIS CG  ND1  sing Y N 114 
HIS CG  CD2  doub Y N 115 
HIS ND1 CE1  doub Y N 116 
HIS ND1 HD1  sing N N 117 
HIS CD2 NE2  sing Y N 118 
HIS CD2 HD2  sing N N 119 
HIS CE1 NE2  sing Y N 120 
HIS CE1 HE1  sing N N 121 
HIS NE2 HE2  sing N N 122 
HIS OXT HXT  sing N N 123 
HOH O   H1   sing N N 124 
HOH O   H2   sing N N 125 
ILE N   CA   sing N N 126 
ILE N   H    sing N N 127 
ILE N   H2   sing N N 128 
ILE CA  C    sing N N 129 
ILE CA  CB   sing N N 130 
ILE CA  HA   sing N N 131 
ILE C   O    doub N N 132 
ILE C   OXT  sing N N 133 
ILE CB  CG1  sing N N 134 
ILE CB  CG2  sing N N 135 
ILE CB  HB   sing N N 136 
ILE CG1 CD1  sing N N 137 
ILE CG1 HG12 sing N N 138 
ILE CG1 HG13 sing N N 139 
ILE CG2 HG21 sing N N 140 
ILE CG2 HG22 sing N N 141 
ILE CG2 HG23 sing N N 142 
ILE CD1 HD11 sing N N 143 
ILE CD1 HD12 sing N N 144 
ILE CD1 HD13 sing N N 145 
ILE OXT HXT  sing N N 146 
LEU N   CA   sing N N 147 
LEU N   H    sing N N 148 
LEU N   H2   sing N N 149 
LEU CA  C    sing N N 150 
LEU CA  CB   sing N N 151 
LEU CA  HA   sing N N 152 
LEU C   O    doub N N 153 
LEU C   OXT  sing N N 154 
LEU CB  CG   sing N N 155 
LEU CB  HB2  sing N N 156 
LEU CB  HB3  sing N N 157 
LEU CG  CD1  sing N N 158 
LEU CG  CD2  sing N N 159 
LEU CG  HG   sing N N 160 
LEU CD1 HD11 sing N N 161 
LEU CD1 HD12 sing N N 162 
LEU CD1 HD13 sing N N 163 
LEU CD2 HD21 sing N N 164 
LEU CD2 HD22 sing N N 165 
LEU CD2 HD23 sing N N 166 
LEU OXT HXT  sing N N 167 
LYS N   CA   sing N N 168 
LYS N   H    sing N N 169 
LYS N   H2   sing N N 170 
LYS CA  C    sing N N 171 
LYS CA  CB   sing N N 172 
LYS CA  HA   sing N N 173 
LYS C   O    doub N N 174 
LYS C   OXT  sing N N 175 
LYS CB  CG   sing N N 176 
LYS CB  HB2  sing N N 177 
LYS CB  HB3  sing N N 178 
LYS CG  CD   sing N N 179 
LYS CG  HG2  sing N N 180 
LYS CG  HG3  sing N N 181 
LYS CD  CE   sing N N 182 
LYS CD  HD2  sing N N 183 
LYS CD  HD3  sing N N 184 
LYS CE  NZ   sing N N 185 
LYS CE  HE2  sing N N 186 
LYS CE  HE3  sing N N 187 
LYS NZ  HZ1  sing N N 188 
LYS NZ  HZ2  sing N N 189 
LYS NZ  HZ3  sing N N 190 
LYS OXT HXT  sing N N 191 
MET N   CA   sing N N 192 
MET N   H    sing N N 193 
MET N   H2   sing N N 194 
MET CA  C    sing N N 195 
MET CA  CB   sing N N 196 
MET CA  HA   sing N N 197 
MET C   O    doub N N 198 
MET C   OXT  sing N N 199 
MET CB  CG   sing N N 200 
MET CB  HB2  sing N N 201 
MET CB  HB3  sing N N 202 
MET CG  SD   sing N N 203 
MET CG  HG2  sing N N 204 
MET CG  HG3  sing N N 205 
MET SD  CE   sing N N 206 
MET CE  HE1  sing N N 207 
MET CE  HE2  sing N N 208 
MET CE  HE3  sing N N 209 
MET OXT HXT  sing N N 210 
PHE N   CA   sing N N 211 
PHE N   H    sing N N 212 
PHE N   H2   sing N N 213 
PHE CA  C    sing N N 214 
PHE CA  CB   sing N N 215 
PHE CA  HA   sing N N 216 
PHE C   O    doub N N 217 
PHE C   OXT  sing N N 218 
PHE CB  CG   sing N N 219 
PHE CB  HB2  sing N N 220 
PHE CB  HB3  sing N N 221 
PHE CG  CD1  doub Y N 222 
PHE CG  CD2  sing Y N 223 
PHE CD1 CE1  sing Y N 224 
PHE CD1 HD1  sing N N 225 
PHE CD2 CE2  doub Y N 226 
PHE CD2 HD2  sing N N 227 
PHE CE1 CZ   doub Y N 228 
PHE CE1 HE1  sing N N 229 
PHE CE2 CZ   sing Y N 230 
PHE CE2 HE2  sing N N 231 
PHE CZ  HZ   sing N N 232 
PHE OXT HXT  sing N N 233 
PRO N   CA   sing N N 234 
PRO N   CD   sing N N 235 
PRO N   H    sing N N 236 
PRO CA  C    sing N N 237 
PRO CA  CB   sing N N 238 
PRO CA  HA   sing N N 239 
PRO C   O    doub N N 240 
PRO C   OXT  sing N N 241 
PRO CB  CG   sing N N 242 
PRO CB  HB2  sing N N 243 
PRO CB  HB3  sing N N 244 
PRO CG  CD   sing N N 245 
PRO CG  HG2  sing N N 246 
PRO CG  HG3  sing N N 247 
PRO CD  HD2  sing N N 248 
PRO CD  HD3  sing N N 249 
PRO OXT HXT  sing N N 250 
SER N   CA   sing N N 251 
SER N   H    sing N N 252 
SER N   H2   sing N N 253 
SER CA  C    sing N N 254 
SER CA  CB   sing N N 255 
SER CA  HA   sing N N 256 
SER C   O    doub N N 257 
SER C   OXT  sing N N 258 
SER CB  OG   sing N N 259 
SER CB  HB2  sing N N 260 
SER CB  HB3  sing N N 261 
SER OG  HG   sing N N 262 
SER OXT HXT  sing N N 263 
THR N   CA   sing N N 264 
THR N   H    sing N N 265 
THR N   H2   sing N N 266 
THR CA  C    sing N N 267 
THR CA  CB   sing N N 268 
THR CA  HA   sing N N 269 
THR C   O    doub N N 270 
THR C   OXT  sing N N 271 
THR CB  OG1  sing N N 272 
THR CB  CG2  sing N N 273 
THR CB  HB   sing N N 274 
THR OG1 HG1  sing N N 275 
THR CG2 HG21 sing N N 276 
THR CG2 HG22 sing N N 277 
THR CG2 HG23 sing N N 278 
THR OXT HXT  sing N N 279 
TRP N   CA   sing N N 280 
TRP N   H    sing N N 281 
TRP N   H2   sing N N 282 
TRP CA  C    sing N N 283 
TRP CA  CB   sing N N 284 
TRP CA  HA   sing N N 285 
TRP C   O    doub N N 286 
TRP C   OXT  sing N N 287 
TRP CB  CG   sing N N 288 
TRP CB  HB2  sing N N 289 
TRP CB  HB3  sing N N 290 
TRP CG  CD1  doub Y N 291 
TRP CG  CD2  sing Y N 292 
TRP CD1 NE1  sing Y N 293 
TRP CD1 HD1  sing N N 294 
TRP CD2 CE2  doub Y N 295 
TRP CD2 CE3  sing Y N 296 
TRP NE1 CE2  sing Y N 297 
TRP NE1 HE1  sing N N 298 
TRP CE2 CZ2  sing Y N 299 
TRP CE3 CZ3  doub Y N 300 
TRP CE3 HE3  sing N N 301 
TRP CZ2 CH2  doub Y N 302 
TRP CZ2 HZ2  sing N N 303 
TRP CZ3 CH2  sing Y N 304 
TRP CZ3 HZ3  sing N N 305 
TRP CH2 HH2  sing N N 306 
TRP OXT HXT  sing N N 307 
TYR N   CA   sing N N 308 
TYR N   H    sing N N 309 
TYR N   H2   sing N N 310 
TYR CA  C    sing N N 311 
TYR CA  CB   sing N N 312 
TYR CA  HA   sing N N 313 
TYR C   O    doub N N 314 
TYR C   OXT  sing N N 315 
TYR CB  CG   sing N N 316 
TYR CB  HB2  sing N N 317 
TYR CB  HB3  sing N N 318 
TYR CG  CD1  doub Y N 319 
TYR CG  CD2  sing Y N 320 
TYR CD1 CE1  sing Y N 321 
TYR CD1 HD1  sing N N 322 
TYR CD2 CE2  doub Y N 323 
TYR CD2 HD2  sing N N 324 
TYR CE1 CZ   doub Y N 325 
TYR CE1 HE1  sing N N 326 
TYR CE2 CZ   sing Y N 327 
TYR CE2 HE2  sing N N 328 
TYR CZ  OH   sing N N 329 
TYR OH  HH   sing N N 330 
TYR OXT HXT  sing N N 331 
VAL N   CA   sing N N 332 
VAL N   H    sing N N 333 
VAL N   H2   sing N N 334 
VAL CA  C    sing N N 335 
VAL CA  CB   sing N N 336 
VAL CA  HA   sing N N 337 
VAL C   O    doub N N 338 
VAL C   OXT  sing N N 339 
VAL CB  CG1  sing N N 340 
VAL CB  CG2  sing N N 341 
VAL CB  HB   sing N N 342 
VAL CG1 HG11 sing N N 343 
VAL CG1 HG12 sing N N 344 
VAL CG1 HG13 sing N N 345 
VAL CG2 HG21 sing N N 346 
VAL CG2 HG22 sing N N 347 
VAL CG2 HG23 sing N N 348 
VAL OXT HXT  sing N N 349 
# 
_atom_sites.entry_id                    1CQK 
_atom_sites.fract_transf_matrix[1][1]   -0.01688491 
_atom_sites.fract_transf_matrix[1][2]   -0.00403023 
_atom_sites.fract_transf_matrix[1][3]   -0.01243598 
_atom_sites.fract_transf_matrix[2][1]   0.01305968 
_atom_sites.fract_transf_matrix[2][2]   -0.01426458 
_atom_sites.fract_transf_matrix[2][3]   -0.01310890 
_atom_sites.fract_transf_matrix[3][1]   -0.00943184 
_atom_sites.fract_transf_matrix[3][2]   -0.01633044 
_atom_sites.fract_transf_matrix[3][3]   0.00837371 
_atom_sites.fract_transf_vector[1]      0.308521 
_atom_sites.fract_transf_vector[2]      0.003804 
_atom_sites.fract_transf_vector[3]      0.231569 
# 
loop_
_atom_type.symbol 
C 
N 
O 
S 
# 
loop_
_atom_site.group_PDB 
_atom_site.id 
_atom_site.type_symbol 
_atom_site.label_atom_id 
_atom_site.label_alt_id 
_atom_site.label_comp_id 
_atom_site.label_asym_id 
_atom_site.label_entity_id 
_atom_site.label_seq_id 
_atom_site.pdbx_PDB_ins_code 
_atom_site.Cartn_x 
_atom_site.Cartn_y 
_atom_site.Cartn_z 
_atom_site.occupancy 
_atom_site.B_iso_or_equiv 
_atom_site.pdbx_formal_charge 
_atom_site.auth_seq_id 
_atom_site.auth_comp_id 
_atom_site.auth_asym_id 
_atom_site.auth_atom_id 
_atom_site.pdbx_PDB_model_num 
ATOM   1    N N   . PRO A 1 1   ? 12.947  -12.005 17.041  1.00 47.17 ? 4   PRO A N   1 
ATOM   2    C CA  . PRO A 1 1   ? 12.070  -11.040 16.372  1.00 44.88 ? 4   PRO A CA  1 
ATOM   3    C C   . PRO A 1 1   ? 12.708  -10.391 15.148  1.00 42.20 ? 4   PRO A C   1 
ATOM   4    O O   . PRO A 1 1   ? 13.933  -10.339 15.020  1.00 43.15 ? 4   PRO A O   1 
ATOM   5    C CB  . PRO A 1 1   ? 11.776  -10.017 17.475  1.00 50.21 ? 4   PRO A CB  1 
ATOM   6    C CG  . PRO A 1 1   ? 11.929  -10.810 18.734  1.00 52.39 ? 4   PRO A CG  1 
ATOM   7    C CD  . PRO A 1 1   ? 13.173  -11.608 18.440  1.00 52.84 ? 4   PRO A CD  1 
ATOM   8    N N   . ALA A 1 2   ? 11.870  -9.908  14.240  1.00 36.72 ? 5   ALA A N   1 
ATOM   9    C CA  . ALA A 1 2   ? 12.353  -9.233  13.040  1.00 36.21 ? 5   ALA A CA  1 
ATOM   10   C C   . ALA A 1 2   ? 11.720  -7.844  12.990  1.00 32.87 ? 5   ALA A C   1 
ATOM   11   O O   . ALA A 1 2   ? 10.501  -7.711  12.851  1.00 29.87 ? 5   ALA A O   1 
ATOM   12   C CB  . ALA A 1 2   ? 11.986  -10.032 11.796  1.00 32.83 ? 5   ALA A CB  1 
ATOM   13   N N   . ALA A 1 3   ? 12.554  -6.816  13.111  1.00 33.70 ? 6   ALA A N   1 
ATOM   14   C CA  . ALA A 1 3   ? 12.078  -5.433  13.095  1.00 30.59 ? 6   ALA A CA  1 
ATOM   15   C C   . ALA A 1 3   ? 11.443  -5.055  11.753  1.00 29.46 ? 6   ALA A C   1 
ATOM   16   O O   . ALA A 1 3   ? 11.989  -5.351  10.691  1.00 30.15 ? 6   ALA A O   1 
ATOM   17   C CB  . ALA A 1 3   ? 13.238  -4.481  13.409  1.00 20.24 ? 6   ALA A CB  1 
ATOM   18   N N   . PRO A 1 4   ? 10.273  -4.396  11.786  1.00 25.15 ? 7   PRO A N   1 
ATOM   19   C CA  . PRO A 1 4   ? 9.614   -4.002  10.535  1.00 17.62 ? 7   PRO A CA  1 
ATOM   20   C C   . PRO A 1 4   ? 10.339  -2.927  9.757   1.00 20.20 ? 7   PRO A C   1 
ATOM   21   O O   . PRO A 1 4   ? 11.032  -2.088  10.343  1.00 20.37 ? 7   PRO A O   1 
ATOM   22   C CB  . PRO A 1 4   ? 8.249   -3.507  11.001  1.00 15.65 ? 7   PRO A CB  1 
ATOM   23   C CG  . PRO A 1 4   ? 8.554   -2.944  12.376  1.00 14.97 ? 7   PRO A CG  1 
ATOM   24   C CD  . PRO A 1 4   ? 9.451   -4.021  12.954  1.00 16.74 ? 7   PRO A CD  1 
ATOM   25   N N   . GLN A 1 5   ? 10.178  -2.972  8.433   1.00 18.07 ? 8   GLN A N   1 
ATOM   26   C CA  . GLN A 1 5   ? 10.739  -1.976  7.530   1.00 15.18 ? 8   GLN A CA  1 
ATOM   27   C C   . GLN A 1 5   ? 9.586   -1.009  7.310   1.00 13.68 ? 8   GLN A C   1 
ATOM   28   O O   . GLN A 1 5   ? 8.514   -1.417  6.874   1.00 23.20 ? 8   GLN A O   1 
ATOM   29   C CB  . GLN A 1 5   ? 11.121  -2.592  6.186   1.00 25.86 ? 8   GLN A CB  1 
ATOM   30   C CG  . GLN A 1 5   ? 12.033  -3.794  6.291   1.00 32.77 ? 8   GLN A CG  1 
ATOM   31   C CD  . GLN A 1 5   ? 13.376  -3.435  6.870   1.00 41.20 ? 8   GLN A CD  1 
ATOM   32   O OE1 . GLN A 1 5   ? 13.914  -4.152  7.712   1.00 54.28 ? 8   GLN A OE1 1 
ATOM   33   N NE2 . GLN A 1 5   ? 13.936  -2.322  6.414   1.00 43.02 ? 8   GLN A NE2 1 
ATOM   34   N N   . VAL A 1 6   ? 9.806   0.266   7.605   1.00 19.02 ? 9   VAL A N   1 
ATOM   35   C CA  . VAL A 1 6   ? 8.767   1.278   7.463   1.00 16.37 ? 9   VAL A CA  1 
ATOM   36   C C   . VAL A 1 6   ? 9.021   2.213   6.290   1.00 18.39 ? 9   VAL A C   1 
ATOM   37   O O   . VAL A 1 6   ? 10.013  2.930   6.264   1.00 20.41 ? 9   VAL A O   1 
ATOM   38   C CB  . VAL A 1 6   ? 8.650   2.102   8.762   1.00 20.28 ? 9   VAL A CB  1 
ATOM   39   C CG1 . VAL A 1 6   ? 7.574   3.163   8.623   1.00 17.77 ? 9   VAL A CG1 1 
ATOM   40   C CG2 . VAL A 1 6   ? 8.337   1.170   9.933   1.00 15.19 ? 9   VAL A CG2 1 
ATOM   41   N N   . TYR A 1 7   ? 8.105   2.202   5.327   1.00 17.89 ? 10  TYR A N   1 
ATOM   42   C CA  . TYR A 1 7   ? 8.220   3.034   4.142   1.00 18.31 ? 10  TYR A CA  1 
ATOM   43   C C   . TYR A 1 7   ? 6.992   3.934   4.012   1.00 19.79 ? 10  TYR A C   1 
ATOM   44   O O   . TYR A 1 7   ? 5.850   3.485   4.128   1.00 22.85 ? 10  TYR A O   1 
ATOM   45   C CB  . TYR A 1 7   ? 8.341   2.154   2.900   1.00 21.69 ? 10  TYR A CB  1 
ATOM   46   C CG  . TYR A 1 7   ? 9.452   1.127   2.956   1.00 17.09 ? 10  TYR A CG  1 
ATOM   47   C CD1 . TYR A 1 7   ? 10.791  1.513   2.923   1.00 20.07 ? 10  TYR A CD1 1 
ATOM   48   C CD2 . TYR A 1 7   ? 9.159   -0.236  2.994   1.00 16.34 ? 10  TYR A CD2 1 
ATOM   49   C CE1 . TYR A 1 7   ? 11.811  0.571   2.920   1.00 16.20 ? 10  TYR A CE1 1 
ATOM   50   C CE2 . TYR A 1 7   ? 10.175  -1.192  2.999   1.00 22.30 ? 10  TYR A CE2 1 
ATOM   51   C CZ  . TYR A 1 7   ? 11.499  -0.783  2.956   1.00 20.79 ? 10  TYR A CZ  1 
ATOM   52   O OH  . TYR A 1 7   ? 12.508  -1.718  2.946   1.00 21.91 ? 10  TYR A OH  1 
ATOM   53   N N   . THR A 1 8   ? 7.243   5.206   3.749   1.00 20.48 ? 11  THR A N   1 
ATOM   54   C CA  . THR A 1 8   ? 6.190   6.198   3.610   1.00 20.28 ? 11  THR A CA  1 
ATOM   55   C C   . THR A 1 8   ? 5.975   6.526   2.118   1.00 23.17 ? 11  THR A C   1 
ATOM   56   O O   . THR A 1 8   ? 6.929   6.762   1.382   1.00 23.56 ? 11  THR A O   1 
ATOM   57   C CB  . THR A 1 8   ? 6.592   7.441   4.432   1.00 24.11 ? 11  THR A CB  1 
ATOM   58   O OG1 . THR A 1 8   ? 5.689   7.603   5.536   1.00 32.91 ? 11  THR A OG1 1 
ATOM   59   C CG2 . THR A 1 8   ? 6.623   8.662   3.576   1.00 28.47 ? 11  THR A CG2 1 
ATOM   60   N N   . ILE A 1 9   ? 4.725   6.542   1.670   1.00 21.35 ? 12  ILE A N   1 
ATOM   61   C CA  . ILE A 1 9   ? 4.452   6.791   0.259   1.00 14.08 ? 12  ILE A CA  1 
ATOM   62   C C   . ILE A 1 9   ? 3.477   7.931   -0.023  1.00 14.52 ? 12  ILE A C   1 
ATOM   63   O O   . ILE A 1 9   ? 2.365   7.952   0.499   1.00 21.64 ? 12  ILE A O   1 
ATOM   64   C CB  . ILE A 1 9   ? 3.908   5.496   -0.409  1.00 19.80 ? 12  ILE A CB  1 
ATOM   65   C CG1 . ILE A 1 9   ? 4.891   4.344   -0.163  1.00 14.92 ? 12  ILE A CG1 1 
ATOM   66   C CG2 . ILE A 1 9   ? 3.701   5.713   -1.917  1.00 18.03 ? 12  ILE A CG2 1 
ATOM   67   C CD1 . ILE A 1 9   ? 4.292   2.983   -0.290  1.00 19.20 ? 12  ILE A CD1 1 
ATOM   68   N N   . PRO A 1 10  ? 3.883   8.900   -0.867  1.00 17.15 ? 13  PRO A N   1 
ATOM   69   C CA  . PRO A 1 10  ? 2.989   10.024  -1.188  1.00 18.74 ? 13  PRO A CA  1 
ATOM   70   C C   . PRO A 1 10  ? 1.860   9.579   -2.108  1.00 21.03 ? 13  PRO A C   1 
ATOM   71   O O   . PRO A 1 10  ? 1.836   8.437   -2.554  1.00 23.00 ? 13  PRO A O   1 
ATOM   72   C CB  . PRO A 1 10  ? 3.923   11.031  -1.853  1.00 18.53 ? 13  PRO A CB  1 
ATOM   73   C CG  . PRO A 1 10  ? 4.961   10.149  -2.501  1.00 12.53 ? 13  PRO A CG  1 
ATOM   74   C CD  . PRO A 1 10  ? 5.228   9.126   -1.422  1.00 14.34 ? 13  PRO A CD  1 
ATOM   75   N N   . PRO A 1 11  ? 0.904   10.477  -2.384  1.00 24.67 ? 14  PRO A N   1 
ATOM   76   C CA  . PRO A 1 11  ? -0.230  10.151  -3.257  1.00 21.83 ? 14  PRO A CA  1 
ATOM   77   C C   . PRO A 1 11  ? 0.234   9.891   -4.690  1.00 21.80 ? 14  PRO A C   1 
ATOM   78   O O   . PRO A 1 11  ? 1.180   10.519  -5.166  1.00 24.20 ? 14  PRO A O   1 
ATOM   79   C CB  . PRO A 1 11  ? -1.116  11.396  -3.149  1.00 26.10 ? 14  PRO A CB  1 
ATOM   80   C CG  . PRO A 1 11  ? -0.713  12.004  -1.815  1.00 22.93 ? 14  PRO A CG  1 
ATOM   81   C CD  . PRO A 1 11  ? 0.770   11.845  -1.855  1.00 22.42 ? 14  PRO A CD  1 
ATOM   82   N N   . PRO A 1 12  ? -0.403  8.928   -5.381  1.00 19.28 ? 15  PRO A N   1 
ATOM   83   C CA  . PRO A 1 12  ? -0.035  8.625   -6.766  1.00 19.28 ? 15  PRO A CA  1 
ATOM   84   C C   . PRO A 1 12  ? -0.357  9.863   -7.610  1.00 20.63 ? 15  PRO A C   1 
ATOM   85   O O   . PRO A 1 12  ? -1.294  10.604  -7.302  1.00 21.19 ? 15  PRO A O   1 
ATOM   86   C CB  . PRO A 1 12  ? -0.933  7.437   -7.114  1.00 16.18 ? 15  PRO A CB  1 
ATOM   87   C CG  . PRO A 1 12  ? -1.121  6.763   -5.794  1.00 18.38 ? 15  PRO A CG  1 
ATOM   88   C CD  . PRO A 1 12  ? -1.344  7.925   -4.857  1.00 20.80 ? 15  PRO A CD  1 
ATOM   89   N N   . LEU A 1 13  ? 0.424   10.080  -8.661  1.00 26.36 ? 16  LEU A N   1 
ATOM   90   C CA  . LEU A 1 13  ? 0.256   11.235  -9.534  1.00 35.74 ? 16  LEU A CA  1 
ATOM   91   C C   . LEU A 1 13  ? -1.137  11.392  -10.133 1.00 33.37 ? 16  LEU A C   1 
ATOM   92   O O   . LEU A 1 13  ? -1.612  12.515  -10.306 1.00 32.18 ? 16  LEU A O   1 
ATOM   93   C CB  . LEU A 1 13  ? 1.285   11.178  -10.665 1.00 49.41 ? 16  LEU A CB  1 
ATOM   94   C CG  . LEU A 1 13  ? 2.024   12.477  -11.010 1.00 63.92 ? 16  LEU A CG  1 
ATOM   95   C CD1 . LEU A 1 13  ? 1.076   13.483  -11.641 1.00 68.33 ? 16  LEU A CD1 1 
ATOM   96   C CD2 . LEU A 1 13  ? 2.662   13.041  -9.739  1.00 71.06 ? 16  LEU A CD2 1 
ATOM   97   N N   . GLU A 1 14  ? -1.779  10.269  -10.443 1.00 34.57 ? 17  GLU A N   1 
ATOM   98   C CA  . GLU A 1 14  ? -3.112  10.271  -11.044 1.00 36.40 ? 17  GLU A CA  1 
ATOM   99   C C   . GLU A 1 14  ? -4.183  10.629  -10.038 1.00 32.59 ? 17  GLU A C   1 
ATOM   100  O O   . GLU A 1 14  ? -5.316  10.908  -10.413 1.00 35.05 ? 17  GLU A O   1 
ATOM   101  C CB  . GLU A 1 14  ? -3.445  8.895   -11.602 1.00 47.83 ? 17  GLU A CB  1 
ATOM   102  C CG  . GLU A 1 14  ? -2.368  8.277   -12.440 1.00 59.22 ? 17  GLU A CG  1 
ATOM   103  C CD  . GLU A 1 14  ? -2.105  6.851   -12.026 1.00 69.24 ? 17  GLU A CD  1 
ATOM   104  O OE1 . GLU A 1 14  ? -1.216  6.634   -11.174 1.00 72.10 ? 17  GLU A OE1 1 
ATOM   105  O OE2 . GLU A 1 14  ? -2.801  5.950   -12.536 1.00 72.21 ? 17  GLU A OE2 1 
ATOM   106  N N   . GLN A 1 15  ? -3.824  10.599  -8.758  1.00 31.26 ? 18  GLN A N   1 
ATOM   107  C CA  . GLN A 1 15  ? -4.771  10.916  -7.699  1.00 31.25 ? 18  GLN A CA  1 
ATOM   108  C C   . GLN A 1 15  ? -4.706  12.402  -7.326  1.00 30.74 ? 18  GLN A C   1 
ATOM   109  O O   . GLN A 1 15  ? -5.502  12.869  -6.515  1.00 34.62 ? 18  GLN A O   1 
ATOM   110  C CB  . GLN A 1 15  ? -4.488  10.042  -6.459  1.00 26.56 ? 18  GLN A CB  1 
ATOM   111  C CG  . GLN A 1 15  ? -5.603  10.049  -5.400  1.00 24.82 ? 18  GLN A CG  1 
ATOM   112  C CD  . GLN A 1 15  ? -5.209  9.308   -4.125  1.00 25.59 ? 18  GLN A CD  1 
ATOM   113  O OE1 . GLN A 1 15  ? -4.097  9.470   -3.620  1.00 27.02 ? 18  GLN A OE1 1 
ATOM   114  N NE2 . GLN A 1 15  ? -6.127  8.516   -3.590  1.00 17.47 ? 18  GLN A NE2 1 
ATOM   115  N N   . MET A 1 16  ? -3.765  13.141  -7.918  1.00 33.56 ? 19  MET A N   1 
ATOM   116  C CA  . MET A 1 16  ? -3.615  14.574  -7.626  1.00 42.24 ? 19  MET A CA  1 
ATOM   117  C C   . MET A 1 16  ? -4.658  15.468  -8.306  1.00 43.36 ? 19  MET A C   1 
ATOM   118  O O   . MET A 1 16  ? -4.634  16.689  -8.148  1.00 46.97 ? 19  MET A O   1 
ATOM   119  C CB  . MET A 1 16  ? -2.212  15.062  -8.016  1.00 44.31 ? 19  MET A CB  1 
ATOM   120  C CG  . MET A 1 16  ? -1.075  14.454  -7.205  1.00 41.75 ? 19  MET A CG  1 
ATOM   121  S SD  . MET A 1 16  ? -1.243  14.698  -5.421  1.00 53.97 ? 19  MET A SD  1 
ATOM   122  C CE  . MET A 1 16  ? -0.797  16.428  -5.260  1.00 44.79 ? 19  MET A CE  1 
ATOM   123  N N   . ALA A 1 17  ? -5.563  14.861  -9.065  1.00 40.91 ? 20  ALA A N   1 
ATOM   124  C CA  . ALA A 1 17  ? -6.606  15.610  -9.750  1.00 40.15 ? 20  ALA A CA  1 
ATOM   125  C C   . ALA A 1 17  ? -7.884  15.643  -8.911  1.00 44.63 ? 20  ALA A C   1 
ATOM   126  O O   . ALA A 1 17  ? -8.787  16.439  -9.179  1.00 54.44 ? 20  ALA A O   1 
ATOM   127  C CB  . ALA A 1 17  ? -6.884  14.980  -11.109 1.00 42.67 ? 20  ALA A CB  1 
ATOM   128  N N   . LYS A 1 18  ? -7.953  14.782  -7.897  1.00 40.53 ? 21  LYS A N   1 
ATOM   129  C CA  . LYS A 1 18  ? -9.117  14.713  -7.005  1.00 40.29 ? 21  LYS A CA  1 
ATOM   130  C C   . LYS A 1 18  ? -8.941  15.725  -5.865  1.00 37.96 ? 21  LYS A C   1 
ATOM   131  O O   . LYS A 1 18  ? -7.855  16.279  -5.688  1.00 40.57 ? 21  LYS A O   1 
ATOM   132  C CB  . LYS A 1 18  ? -9.246  13.313  -6.389  1.00 47.52 ? 21  LYS A CB  1 
ATOM   133  C CG  . LYS A 1 18  ? -8.805  12.141  -7.262  1.00 52.01 ? 21  LYS A CG  1 
ATOM   134  C CD  . LYS A 1 18  ? -9.802  11.827  -8.358  1.00 60.70 ? 21  LYS A CD  1 
ATOM   135  C CE  . LYS A 1 18  ? -10.213 10.360  -8.335  1.00 66.41 ? 21  LYS A CE  1 
ATOM   136  N NZ  . LYS A 1 18  ? -10.951 10.016  -7.088  1.00 79.74 ? 21  LYS A NZ  1 
ATOM   137  N N   . ASP A 1 19  ? -10.002 15.958  -5.094  1.00 37.05 ? 22  ASP A N   1 
ATOM   138  C CA  . ASP A 1 19  ? -9.935  16.887  -3.969  1.00 38.72 ? 22  ASP A CA  1 
ATOM   139  C C   . ASP A 1 19  ? -9.394  16.210  -2.712  1.00 39.06 ? 22  ASP A C   1 
ATOM   140  O O   . ASP A 1 19  ? -8.885  16.874  -1.810  1.00 35.95 ? 22  ASP A O   1 
ATOM   141  C CB  . ASP A 1 19  ? -11.314 17.482  -3.669  1.00 51.89 ? 22  ASP A CB  1 
ATOM   142  C CG  . ASP A 1 19  ? -11.852 18.314  -4.815  1.00 60.44 ? 22  ASP A CG  1 
ATOM   143  O OD1 . ASP A 1 19  ? -11.041 18.852  -5.600  1.00 56.57 ? 22  ASP A OD1 1 
ATOM   144  O OD2 . ASP A 1 19  ? -13.090 18.446  -4.916  1.00 71.99 ? 22  ASP A OD2 1 
ATOM   145  N N   . LEU A 1 20  ? -9.523  14.887  -2.656  1.00 40.04 ? 23  LEU A N   1 
ATOM   146  C CA  . LEU A 1 20  ? -9.037  14.102  -1.519  1.00 38.45 ? 23  LEU A CA  1 
ATOM   147  C C   . LEU A 1 20  ? -7.900  13.197  -1.989  1.00 31.51 ? 23  LEU A C   1 
ATOM   148  O O   . LEU A 1 20  ? -8.010  12.561  -3.035  1.00 24.75 ? 23  LEU A O   1 
ATOM   149  C CB  . LEU A 1 20  ? -10.155 13.218  -0.937  1.00 48.42 ? 23  LEU A CB  1 
ATOM   150  C CG  . LEU A 1 20  ? -10.752 13.500  0.451   1.00 63.20 ? 23  LEU A CG  1 
ATOM   151  C CD1 . LEU A 1 20  ? -9.662  13.998  1.393   1.00 64.31 ? 23  LEU A CD1 1 
ATOM   152  C CD2 . LEU A 1 20  ? -11.868 14.524  0.343   1.00 69.94 ? 23  LEU A CD2 1 
ATOM   153  N N   . VAL A 1 21  ? -6.809  13.142  -1.229  1.00 24.92 ? 24  VAL A N   1 
ATOM   154  C CA  . VAL A 1 21  ? -5.693  12.277  -1.593  1.00 21.45 ? 24  VAL A CA  1 
ATOM   155  C C   . VAL A 1 21  ? -5.413  11.272  -0.474  1.00 19.91 ? 24  VAL A C   1 
ATOM   156  O O   . VAL A 1 21  ? -5.945  11.399  0.635   1.00 24.11 ? 24  VAL A O   1 
ATOM   157  C CB  . VAL A 1 21  ? -4.406  13.096  -1.910  1.00 20.90 ? 24  VAL A CB  1 
ATOM   158  C CG1 . VAL A 1 21  ? -4.626  13.952  -3.149  1.00 24.63 ? 24  VAL A CG1 1 
ATOM   159  C CG2 . VAL A 1 21  ? -4.022  13.965  -0.723  1.00 22.94 ? 24  VAL A CG2 1 
ATOM   160  N N   . SER A 1 22  ? -4.579  10.277  -0.764  1.00 21.73 ? 25  SER A N   1 
ATOM   161  C CA  . SER A 1 22  ? -4.249  9.240   0.216   1.00 20.54 ? 25  SER A CA  1 
ATOM   162  C C   . SER A 1 22  ? -2.738  9.096   0.447   1.00 18.21 ? 25  SER A C   1 
ATOM   163  O O   . SER A 1 22  ? -1.946  9.125   -0.499  1.00 21.41 ? 25  SER A O   1 
ATOM   164  C CB  . SER A 1 22  ? -4.824  7.891   -0.247  1.00 18.21 ? 25  SER A CB  1 
ATOM   165  O OG  . SER A 1 22  ? -6.236  7.951   -0.439  1.00 26.21 ? 25  SER A OG  1 
ATOM   166  N N   . LEU A 1 23  ? -2.339  8.961   1.706   1.00 16.74 ? 26  LEU A N   1 
ATOM   167  C CA  . LEU A 1 23  ? -0.930  8.767   2.049   1.00 17.65 ? 26  LEU A CA  1 
ATOM   168  C C   . LEU A 1 23  ? -0.837  7.328   2.527   1.00 14.18 ? 26  LEU A C   1 
ATOM   169  O O   . LEU A 1 23  ? -1.689  6.871   3.284   1.00 17.94 ? 26  LEU A O   1 
ATOM   170  C CB  . LEU A 1 23  ? -0.492  9.710   3.179   1.00 17.07 ? 26  LEU A CB  1 
ATOM   171  C CG  . LEU A 1 23  ? -0.600  11.219  2.937   1.00 22.34 ? 26  LEU A CG  1 
ATOM   172  C CD1 . LEU A 1 23  ? 0.121   11.959  4.069   1.00 24.39 ? 26  LEU A CD1 1 
ATOM   173  C CD2 . LEU A 1 23  ? 0.029   11.589  1.598   1.00 24.40 ? 26  LEU A CD2 1 
ATOM   174  N N   . THR A 1 24  ? 0.189   6.610   2.106   1.00 16.67 ? 27  THR A N   1 
ATOM   175  C CA  . THR A 1 24  ? 0.312   5.216   2.519   1.00 19.49 ? 27  THR A CA  1 
ATOM   176  C C   . THR A 1 24  ? 1.535   4.895   3.358   1.00 17.34 ? 27  THR A C   1 
ATOM   177  O O   . THR A 1 24  ? 2.637   5.372   3.074   1.00 15.38 ? 27  THR A O   1 
ATOM   178  C CB  . THR A 1 24  ? 0.371   4.273   1.298   1.00 22.99 ? 27  THR A CB  1 
ATOM   179  O OG1 . THR A 1 24  ? -0.804  4.438   0.501   1.00 19.74 ? 27  THR A OG1 1 
ATOM   180  C CG2 . THR A 1 24  ? 0.506   2.817   1.750   1.00 26.77 ? 27  THR A CG2 1 
ATOM   181  N N   . CYS A 1 25  ? 1.352   4.089   4.399   1.00 15.95 ? 28  CYS A N   1 
ATOM   182  C CA  . CYS A 1 25  ? 2.501   3.676   5.179   1.00 21.09 ? 28  CYS A CA  1 
ATOM   183  C C   . CYS A 1 25  ? 2.631   2.164   4.948   1.00 16.69 ? 28  CYS A C   1 
ATOM   184  O O   . CYS A 1 25  ? 1.738   1.383   5.283   1.00 11.63 ? 28  CYS A O   1 
ATOM   185  C CB  . CYS A 1 25  ? 2.325   4.014   6.658   1.00 13.06 ? 28  CYS A CB  1 
ATOM   186  S SG  . CYS A 1 25  ? 3.857   3.798   7.588   1.00 21.15 ? 28  CYS A SG  1 
ATOM   187  N N   . MET A 1 26  ? 3.733   1.780   4.314   1.00 16.50 ? 29  MET A N   1 
ATOM   188  C CA  . MET A 1 26  ? 4.018   0.390   3.987   1.00 13.96 ? 29  MET A CA  1 
ATOM   189  C C   . MET A 1 26  ? 4.993   -0.214  5.013   1.00 17.68 ? 29  MET A C   1 
ATOM   190  O O   . MET A 1 26  ? 6.157   0.172   5.075   1.00 18.70 ? 29  MET A O   1 
ATOM   191  C CB  . MET A 1 26  ? 4.602   0.331   2.572   1.00 16.21 ? 29  MET A CB  1 
ATOM   192  C CG  . MET A 1 26  ? 4.787   -1.064  2.009   1.00 19.82 ? 29  MET A CG  1 
ATOM   193  S SD  . MET A 1 26  ? 5.500   -1.001  0.331   1.00 28.91 ? 29  MET A SD  1 
ATOM   194  C CE  . MET A 1 26  ? 5.818   -2.742  0.034   1.00 31.30 ? 29  MET A CE  1 
ATOM   195  N N   . ILE A 1 27  ? 4.504   -1.171  5.802   1.00 18.15 ? 30  ILE A N   1 
ATOM   196  C CA  . ILE A 1 27  ? 5.286   -1.827  6.856   1.00 15.31 ? 30  ILE A CA  1 
ATOM   197  C C   . ILE A 1 27  ? 5.451   -3.324  6.556   1.00 15.07 ? 30  ILE A C   1 
ATOM   198  O O   . ILE A 1 27  ? 4.490   -4.096  6.613   1.00 13.80 ? 30  ILE A O   1 
ATOM   199  C CB  . ILE A 1 27  ? 4.572   -1.642  8.202   1.00 16.91 ? 30  ILE A CB  1 
ATOM   200  C CG1 . ILE A 1 27  ? 4.282   -0.152  8.409   1.00 16.00 ? 30  ILE A CG1 1 
ATOM   201  C CG2 . ILE A 1 27  ? 5.424   -2.205  9.332   1.00 22.47 ? 30  ILE A CG2 1 
ATOM   202  C CD1 . ILE A 1 27  ? 3.093   0.135   9.309   1.00 17.45 ? 30  ILE A CD1 1 
ATOM   203  N N   . THR A 1 28  ? 6.680   -3.735  6.265   1.00 16.42 ? 31  THR A N   1 
ATOM   204  C CA  . THR A 1 28  ? 6.932   -5.122  5.886   1.00 17.54 ? 31  THR A CA  1 
ATOM   205  C C   . THR A 1 28  ? 7.979   -5.889  6.692   1.00 20.06 ? 31  THR A C   1 
ATOM   206  O O   . THR A 1 28  ? 8.610   -5.347  7.597   1.00 23.07 ? 31  THR A O   1 
ATOM   207  C CB  . THR A 1 28  ? 7.368   -5.162  4.401   1.00 19.33 ? 31  THR A CB  1 
ATOM   208  O OG1 . THR A 1 28  ? 8.694   -4.602  4.266   1.00 20.15 ? 31  THR A OG1 1 
ATOM   209  C CG2 . THR A 1 28  ? 6.411   -4.328  3.554   1.00 12.53 ? 31  THR A CG2 1 
ATOM   210  N N   . ASP A 1 29  ? 8.119   -7.170  6.357   1.00 19.53 ? 32  ASP A N   1 
ATOM   211  C CA  . ASP A 1 29  ? 9.138   -8.047  6.933   1.00 20.67 ? 32  ASP A CA  1 
ATOM   212  C C   . ASP A 1 29  ? 9.257   -8.147  8.445   1.00 18.70 ? 32  ASP A C   1 
ATOM   213  O O   . ASP A 1 29  ? 10.371  -8.261  8.951   1.00 23.96 ? 32  ASP A O   1 
ATOM   214  C CB  . ASP A 1 29  ? 10.512  -7.621  6.403   1.00 27.56 ? 32  ASP A CB  1 
ATOM   215  C CG  . ASP A 1 29  ? 10.571  -7.578  4.893   1.00 37.08 ? 32  ASP A CG  1 
ATOM   216  O OD1 . ASP A 1 29  ? 10.507  -8.652  4.257   1.00 46.18 ? 32  ASP A OD1 1 
ATOM   217  O OD2 . ASP A 1 29  ? 10.682  -6.469  4.335   1.00 45.17 ? 32  ASP A OD2 1 
ATOM   218  N N   . PHE A 1 30  ? 8.148   -8.124  9.176   1.00 19.63 ? 33  PHE A N   1 
ATOM   219  C CA  . PHE A 1 30  ? 8.245   -8.193  10.636  1.00 18.67 ? 33  PHE A CA  1 
ATOM   220  C C   . PHE A 1 30  ? 7.679   -9.452  11.284  1.00 21.63 ? 33  PHE A C   1 
ATOM   221  O O   . PHE A 1 30  ? 6.892   -10.169 10.670  1.00 23.86 ? 33  PHE A O   1 
ATOM   222  C CB  . PHE A 1 30  ? 7.603   -6.945  11.246  1.00 16.87 ? 33  PHE A CB  1 
ATOM   223  C CG  . PHE A 1 30  ? 6.129   -6.839  11.005  1.00 12.08 ? 33  PHE A CG  1 
ATOM   224  C CD1 . PHE A 1 30  ? 5.233   -7.432  11.880  1.00 12.22 ? 33  PHE A CD1 1 
ATOM   225  C CD2 . PHE A 1 30  ? 5.634   -6.131  9.914   1.00 13.00 ? 33  PHE A CD2 1 
ATOM   226  C CE1 . PHE A 1 30  ? 3.856   -7.321  11.676  1.00 11.61 ? 33  PHE A CE1 1 
ATOM   227  C CE2 . PHE A 1 30  ? 4.253   -6.014  9.697   1.00 11.30 ? 33  PHE A CE2 1 
ATOM   228  C CZ  . PHE A 1 30  ? 3.363   -6.608  10.580  1.00 11.37 ? 33  PHE A CZ  1 
ATOM   229  N N   . PHE A 1 31  ? 8.095   -9.715  12.524  1.00 25.36 ? 34  PHE A N   1 
ATOM   230  C CA  . PHE A 1 31  ? 7.645   -10.886 13.280  1.00 19.93 ? 34  PHE A CA  1 
ATOM   231  C C   . PHE A 1 31  ? 7.919   -10.741 14.781  1.00 17.46 ? 34  PHE A C   1 
ATOM   232  O O   . PHE A 1 31  ? 9.017   -10.323 15.176  1.00 21.55 ? 34  PHE A O   1 
ATOM   233  C CB  . PHE A 1 31  ? 8.351   -12.144 12.775  1.00 19.17 ? 34  PHE A CB  1 
ATOM   234  C CG  . PHE A 1 31  ? 7.801   -13.406 13.357  1.00 30.72 ? 34  PHE A CG  1 
ATOM   235  C CD1 . PHE A 1 31  ? 6.790   -14.101 12.703  1.00 25.38 ? 34  PHE A CD1 1 
ATOM   236  C CD2 . PHE A 1 31  ? 8.262   -13.879 14.582  1.00 35.89 ? 34  PHE A CD2 1 
ATOM   237  C CE1 . PHE A 1 31  ? 6.239   -15.251 13.265  1.00 25.15 ? 34  PHE A CE1 1 
ATOM   238  C CE2 . PHE A 1 31  ? 7.718   -15.029 15.154  1.00 33.65 ? 34  PHE A CE2 1 
ATOM   239  C CZ  . PHE A 1 31  ? 6.704   -15.716 14.494  1.00 32.11 ? 34  PHE A CZ  1 
ATOM   240  N N   . PRO A 1 32  ? 6.949   -11.123 15.644  1.00 18.70 ? 35  PRO A N   1 
ATOM   241  C CA  . PRO A 1 32  ? 5.605   -11.670 15.388  1.00 19.67 ? 35  PRO A CA  1 
ATOM   242  C C   . PRO A 1 32  ? 4.615   -10.663 14.805  1.00 22.81 ? 35  PRO A C   1 
ATOM   243  O O   . PRO A 1 32  ? 4.994   -9.534  14.497  1.00 27.94 ? 35  PRO A O   1 
ATOM   244  C CB  . PRO A 1 32  ? 5.171   -12.162 16.765  1.00 20.71 ? 35  PRO A CB  1 
ATOM   245  C CG  . PRO A 1 32  ? 5.767   -11.139 17.661  1.00 20.72 ? 35  PRO A CG  1 
ATOM   246  C CD  . PRO A 1 32  ? 7.168   -10.983 17.095  1.00 20.01 ? 35  PRO A CD  1 
ATOM   247  N N   . GLU A 1 33  ? 3.349   -11.069 14.682  1.00 25.73 ? 36  GLU A N   1 
ATOM   248  C CA  . GLU A 1 33  ? 2.304   -10.225 14.091  1.00 31.67 ? 36  GLU A CA  1 
ATOM   249  C C   . GLU A 1 33  ? 1.810   -9.028  14.900  1.00 30.54 ? 36  GLU A C   1 
ATOM   250  O O   . GLU A 1 33  ? 1.290   -8.072  14.330  1.00 40.00 ? 36  GLU A O   1 
ATOM   251  C CB  . GLU A 1 33  ? 1.075   -11.060 13.704  1.00 34.36 ? 36  GLU A CB  1 
ATOM   252  C CG  . GLU A 1 33  ? 1.247   -12.565 13.748  1.00 54.65 ? 36  GLU A CG  1 
ATOM   253  C CD  . GLU A 1 33  ? 1.243   -13.122 15.153  1.00 63.10 ? 36  GLU A CD  1 
ATOM   254  O OE1 . GLU A 1 33  ? 0.306   -12.799 15.916  1.00 70.00 ? 36  GLU A OE1 1 
ATOM   255  O OE2 . GLU A 1 33  ? 2.162   -13.900 15.487  1.00 67.32 ? 36  GLU A OE2 1 
ATOM   256  N N   . ASP A 1 34  ? 1.945   -9.086  16.218  1.00 30.55 ? 37  ASP A N   1 
ATOM   257  C CA  . ASP A 1 34  ? 1.496   -7.991  17.074  1.00 28.50 ? 37  ASP A CA  1 
ATOM   258  C C   . ASP A 1 34  ? 2.171   -6.685  16.674  1.00 23.43 ? 37  ASP A C   1 
ATOM   259  O O   . ASP A 1 34  ? 3.396   -6.606  16.613  1.00 25.89 ? 37  ASP A O   1 
ATOM   260  C CB  . ASP A 1 34  ? 1.798   -8.329  18.534  1.00 38.18 ? 37  ASP A CB  1 
ATOM   261  C CG  . ASP A 1 34  ? 1.073   -9.577  18.995  1.00 50.52 ? 37  ASP A CG  1 
ATOM   262  O OD1 . ASP A 1 34  ? 1.745   -10.512 19.474  1.00 57.79 ? 37  ASP A OD1 1 
ATOM   263  O OD2 . ASP A 1 34  ? -0.169  -9.625  18.871  1.00 59.36 ? 37  ASP A OD2 1 
ATOM   264  N N   . ILE A 1 35  ? 1.364   -5.671  16.382  1.00 21.09 ? 38  ILE A N   1 
ATOM   265  C CA  . ILE A 1 35  ? 1.898   -4.385  15.981  1.00 16.53 ? 38  ILE A CA  1 
ATOM   266  C C   . ILE A 1 35  ? 0.842   -3.283  16.035  1.00 18.57 ? 38  ILE A C   1 
ATOM   267  O O   . ILE A 1 35  ? -0.347  -3.536  15.825  1.00 21.31 ? 38  ILE A O   1 
ATOM   268  C CB  . ILE A 1 35  ? 2.485   -4.471  14.559  1.00 18.22 ? 38  ILE A CB  1 
ATOM   269  C CG1 . ILE A 1 35  ? 3.325   -3.225  14.265  1.00 12.94 ? 38  ILE A CG1 1 
ATOM   270  C CG2 . ILE A 1 35  ? 1.357   -4.619  13.532  1.00 20.01 ? 38  ILE A CG2 1 
ATOM   271  C CD1 . ILE A 1 35  ? 4.010   -3.264  12.902  1.00 15.18 ? 38  ILE A CD1 1 
ATOM   272  N N   . THR A 1 36  ? 1.285   -2.062  16.333  1.00 18.68 ? 39  THR A N   1 
ATOM   273  C CA  . THR A 1 36  ? 0.393   -0.909  16.423  1.00 16.48 ? 39  THR A CA  1 
ATOM   274  C C   . THR A 1 36  ? 0.855   0.197   15.492  1.00 20.80 ? 39  THR A C   1 
ATOM   275  O O   . THR A 1 36  ? 2.021   0.601   15.518  1.00 23.15 ? 39  THR A O   1 
ATOM   276  C CB  . THR A 1 36  ? 0.347   -0.360  17.854  1.00 18.90 ? 39  THR A CB  1 
ATOM   277  O OG1 . THR A 1 36  ? -0.174  -1.367  18.724  1.00 22.39 ? 39  THR A OG1 1 
ATOM   278  C CG2 . THR A 1 36  ? -0.541  0.867   17.930  1.00 12.18 ? 39  THR A CG2 1 
ATOM   279  N N   . VAL A 1 37  ? -0.074  0.688   14.680  1.00 18.90 ? 40  VAL A N   1 
ATOM   280  C CA  . VAL A 1 37  ? 0.225   1.733   13.717  1.00 16.77 ? 40  VAL A CA  1 
ATOM   281  C C   . VAL A 1 37  ? -0.708  2.922   13.890  1.00 16.87 ? 40  VAL A C   1 
ATOM   282  O O   . VAL A 1 37  ? -1.930  2.751   13.940  1.00 18.74 ? 40  VAL A O   1 
ATOM   283  C CB  . VAL A 1 37  ? 0.095   1.201   12.265  1.00 16.13 ? 40  VAL A CB  1 
ATOM   284  C CG1 . VAL A 1 37  ? 0.489   2.286   11.273  1.00 12.89 ? 40  VAL A CG1 1 
ATOM   285  C CG2 . VAL A 1 37  ? 0.962   -0.041  12.087  1.00 14.38 ? 40  VAL A CG2 1 
ATOM   286  N N   . GLU A 1 38  ? -0.126  4.121   13.967  1.00 18.65 ? 41  GLU A N   1 
ATOM   287  C CA  . GLU A 1 38  ? -0.888  5.366   14.134  1.00 18.79 ? 41  GLU A CA  1 
ATOM   288  C C   . GLU A 1 38  ? -0.329  6.492   13.266  1.00 16.62 ? 41  GLU A C   1 
ATOM   289  O O   . GLU A 1 38  ? 0.850   6.484   12.906  1.00 20.78 ? 41  GLU A O   1 
ATOM   290  C CB  . GLU A 1 38  ? -0.854  5.814   15.597  1.00 21.02 ? 41  GLU A CB  1 
ATOM   291  C CG  . GLU A 1 38  ? -1.371  4.781   16.578  1.00 39.78 ? 41  GLU A CG  1 
ATOM   292  C CD  . GLU A 1 38  ? -1.293  5.256   18.016  1.00 49.15 ? 41  GLU A CD  1 
ATOM   293  O OE1 . GLU A 1 38  ? -1.780  4.527   18.904  1.00 51.38 ? 41  GLU A OE1 1 
ATOM   294  O OE2 . GLU A 1 38  ? -0.743  6.351   18.258  1.00 53.28 ? 41  GLU A OE2 1 
ATOM   295  N N   . TRP A 1 39  ? -1.182  7.461   12.936  1.00 14.80 ? 42  TRP A N   1 
ATOM   296  C CA  . TRP A 1 39  ? -0.781  8.604   12.115  1.00 19.85 ? 42  TRP A CA  1 
ATOM   297  C C   . TRP A 1 39  ? -0.875  9.908   12.907  1.00 20.49 ? 42  TRP A C   1 
ATOM   298  O O   . TRP A 1 39  ? -1.738  10.056  13.770  1.00 20.76 ? 42  TRP A O   1 
ATOM   299  C CB  . TRP A 1 39  ? -1.673  8.738   10.861  1.00 19.08 ? 42  TRP A CB  1 
ATOM   300  C CG  . TRP A 1 39  ? -1.313  7.860   9.660   1.00 15.11 ? 42  TRP A CG  1 
ATOM   301  C CD1 . TRP A 1 39  ? -1.874  6.649   9.324   1.00 12.74 ? 42  TRP A CD1 1 
ATOM   302  C CD2 . TRP A 1 39  ? -0.356  8.150   8.629   1.00 11.83 ? 42  TRP A CD2 1 
ATOM   303  N NE1 . TRP A 1 39  ? -1.332  6.186   8.149   1.00 13.30 ? 42  TRP A NE1 1 
ATOM   304  C CE2 . TRP A 1 39  ? -0.399  7.081   7.699   1.00 15.18 ? 42  TRP A CE2 1 
ATOM   305  C CE3 . TRP A 1 39  ? 0.537   9.209   8.398   1.00 16.44 ? 42  TRP A CE3 1 
ATOM   306  C CZ2 . TRP A 1 39  ? 0.416   7.042   6.558   1.00 10.33 ? 42  TRP A CZ2 1 
ATOM   307  C CZ3 . TRP A 1 39  ? 1.350   9.168   7.259   1.00 16.01 ? 42  TRP A CZ3 1 
ATOM   308  C CH2 . TRP A 1 39  ? 1.280   8.089   6.356   1.00 9.35  ? 42  TRP A CH2 1 
ATOM   309  N N   . GLN A 1 40  ? 0.013   10.854  12.615  1.00 18.06 ? 43  GLN A N   1 
ATOM   310  C CA  . GLN A 1 40  ? -0.019  12.157  13.276  1.00 16.54 ? 43  GLN A CA  1 
ATOM   311  C C   . GLN A 1 40  ? -0.022  13.274  12.225  1.00 18.70 ? 43  GLN A C   1 
ATOM   312  O O   . GLN A 1 40  ? 0.465   13.098  11.108  1.00 20.81 ? 43  GLN A O   1 
ATOM   313  C CB  . GLN A 1 40  ? 1.185   12.338  14.205  1.00 22.05 ? 43  GLN A CB  1 
ATOM   314  C CG  . GLN A 1 40  ? 1.205   11.435  15.427  1.00 33.59 ? 43  GLN A CG  1 
ATOM   315  C CD  . GLN A 1 40  ? 2.378   11.736  16.342  1.00 46.56 ? 43  GLN A CD  1 
ATOM   316  O OE1 . GLN A 1 40  ? 3.534   11.749  15.910  1.00 45.09 ? 43  GLN A OE1 1 
ATOM   317  N NE2 . GLN A 1 40  ? 2.087   11.968  17.616  1.00 59.53 ? 43  GLN A NE2 1 
ATOM   318  N N   . TRP A 1 41  ? -0.583  14.420  12.597  1.00 18.91 ? 44  TRP A N   1 
ATOM   319  C CA  . TRP A 1 41  ? -0.651  15.588  11.727  1.00 22.09 ? 44  TRP A CA  1 
ATOM   320  C C   . TRP A 1 41  ? 0.023   16.716  12.508  1.00 24.74 ? 44  TRP A C   1 
ATOM   321  O O   . TRP A 1 41  ? -0.527  17.205  13.492  1.00 25.00 ? 44  TRP A O   1 
ATOM   322  C CB  . TRP A 1 41  ? -2.112  15.941  11.429  1.00 32.00 ? 44  TRP A CB  1 
ATOM   323  C CG  . TRP A 1 41  ? -2.284  17.187  10.620  1.00 33.63 ? 44  TRP A CG  1 
ATOM   324  C CD1 . TRP A 1 41  ? -2.028  17.348  9.289   1.00 40.61 ? 44  TRP A CD1 1 
ATOM   325  C CD2 . TRP A 1 41  ? -2.709  18.463  11.105  1.00 39.84 ? 44  TRP A CD2 1 
ATOM   326  N NE1 . TRP A 1 41  ? -2.269  18.648  8.913   1.00 47.70 ? 44  TRP A NE1 1 
ATOM   327  C CE2 . TRP A 1 41  ? -2.691  19.355  10.009  1.00 45.05 ? 44  TRP A CE2 1 
ATOM   328  C CE3 . TRP A 1 41  ? -3.108  18.940  12.361  1.00 39.12 ? 44  TRP A CE3 1 
ATOM   329  C CZ2 . TRP A 1 41  ? -3.049  20.705  10.131  1.00 44.16 ? 44  TRP A CZ2 1 
ATOM   330  C CZ3 . TRP A 1 41  ? -3.468  20.283  12.485  1.00 41.83 ? 44  TRP A CZ3 1 
ATOM   331  C CH2 . TRP A 1 41  ? -3.439  21.149  11.372  1.00 42.13 ? 44  TRP A CH2 1 
ATOM   332  N N   . ASN A 1 42  ? 1.219   17.104  12.064  1.00 25.30 ? 45  ASN A N   1 
ATOM   333  C CA  . ASN A 1 42  ? 2.022   18.139  12.721  1.00 25.72 ? 45  ASN A CA  1 
ATOM   334  C C   . ASN A 1 42  ? 2.242   17.824  14.194  1.00 25.00 ? 45  ASN A C   1 
ATOM   335  O O   . ASN A 1 42  ? 2.208   18.723  15.036  1.00 26.65 ? 45  ASN A O   1 
ATOM   336  C CB  . ASN A 1 42  ? 1.370   19.519  12.609  1.00 26.05 ? 45  ASN A CB  1 
ATOM   337  C CG  . ASN A 1 42  ? 1.299   20.015  11.188  1.00 28.88 ? 45  ASN A CG  1 
ATOM   338  O OD1 . ASN A 1 42  ? 2.194   19.755  10.386  1.00 38.75 ? 45  ASN A OD1 1 
ATOM   339  N ND2 . ASN A 1 42  ? 0.238   20.743  10.866  1.00 27.78 ? 45  ASN A ND2 1 
ATOM   340  N N   . GLY A 1 43  ? 2.464   16.552  14.503  1.00 25.32 ? 46  GLY A N   1 
ATOM   341  C CA  . GLY A 1 43  ? 2.679   16.156  15.883  1.00 23.78 ? 46  GLY A CA  1 
ATOM   342  C C   . GLY A 1 43  ? 1.406   15.816  16.646  1.00 29.63 ? 46  GLY A C   1 
ATOM   343  O O   . GLY A 1 43  ? 1.473   15.260  17.738  1.00 31.07 ? 46  GLY A O   1 
ATOM   344  N N   . GLN A 1 44  ? 0.246   16.145  16.079  1.00 30.97 ? 47  GLN A N   1 
ATOM   345  C CA  . GLN A 1 44  ? -1.035  15.855  16.726  1.00 31.74 ? 47  GLN A CA  1 
ATOM   346  C C   . GLN A 1 44  ? -1.685  14.573  16.195  1.00 31.80 ? 47  GLN A C   1 
ATOM   347  O O   . GLN A 1 44  ? -1.430  14.157  15.066  1.00 31.90 ? 47  GLN A O   1 
ATOM   348  C CB  . GLN A 1 44  ? -1.996  17.039  16.554  1.00 31.76 ? 47  GLN A CB  1 
ATOM   349  C CG  . GLN A 1 44  ? -2.218  17.820  17.839  1.00 31.31 ? 47  GLN A CG  1 
ATOM   350  C CD  . GLN A 1 44  ? -2.253  19.319  17.628  1.00 31.01 ? 47  GLN A CD  1 
ATOM   351  O OE1 . GLN A 1 44  ? -1.658  20.073  18.397  1.00 30.75 ? 47  GLN A OE1 1 
ATOM   352  N NE2 . GLN A 1 44  ? -2.957  19.760  16.591  1.00 30.75 ? 47  GLN A NE2 1 
ATOM   353  N N   . PRO A 1 45  ? -2.541  13.931  17.010  1.00 33.22 ? 48  PRO A N   1 
ATOM   354  C CA  . PRO A 1 45  ? -3.227  12.693  16.619  1.00 32.78 ? 48  PRO A CA  1 
ATOM   355  C C   . PRO A 1 45  ? -4.170  12.897  15.433  1.00 31.51 ? 48  PRO A C   1 
ATOM   356  O O   . PRO A 1 45  ? -4.938  13.861  15.397  1.00 31.64 ? 48  PRO A O   1 
ATOM   357  C CB  . PRO A 1 45  ? -3.984  12.298  17.893  1.00 32.97 ? 48  PRO A CB  1 
ATOM   358  C CG  . PRO A 1 45  ? -3.206  12.979  18.996  1.00 33.69 ? 48  PRO A CG  1 
ATOM   359  C CD  . PRO A 1 45  ? -2.915  14.314  18.381  1.00 34.40 ? 48  PRO A CD  1 
ATOM   360  N N   . ALA A 1 46  ? -4.093  12.001  14.455  1.00 29.27 ? 49  ALA A N   1 
ATOM   361  C CA  . ALA A 1 46  ? -4.970  12.075  13.288  1.00 37.79 ? 49  ALA A CA  1 
ATOM   362  C C   . ALA A 1 46  ? -6.044  11.019  13.512  1.00 38.57 ? 49  ALA A C   1 
ATOM   363  O O   . ALA A 1 46  ? -5.891  10.166  14.385  1.00 41.81 ? 49  ALA A O   1 
ATOM   364  C CB  . ALA A 1 46  ? -4.188  11.783  12.011  1.00 34.92 ? 49  ALA A CB  1 
ATOM   365  N N   . GLU A 1 47  ? -7.130  11.060  12.745  1.00 45.07 ? 50  GLU A N   1 
ATOM   366  C CA  . GLU A 1 47  ? -8.187  10.071  12.941  1.00 48.93 ? 50  GLU A CA  1 
ATOM   367  C C   . GLU A 1 47  ? -8.714  9.342   11.710  1.00 44.81 ? 50  GLU A C   1 
ATOM   368  O O   . GLU A 1 47  ? -9.188  8.214   11.821  1.00 46.85 ? 50  GLU A O   1 
ATOM   369  C CB  . GLU A 1 47  ? -9.366  10.706  13.687  1.00 56.82 ? 50  GLU A CB  1 
ATOM   370  C CG  . GLU A 1 47  ? -9.561  12.182  13.401  1.00 68.62 ? 50  GLU A CG  1 
ATOM   371  C CD  . GLU A 1 47  ? -10.901 12.695  13.898  1.00 76.83 ? 50  GLU A CD  1 
ATOM   372  O OE1 . GLU A 1 47  ? -11.464 12.099  14.844  1.00 76.86 ? 50  GLU A OE1 1 
ATOM   373  O OE2 . GLU A 1 47  ? -11.386 13.707  13.354  1.00 80.86 ? 50  GLU A OE2 1 
ATOM   374  N N   . ASN A 1 48  ? -8.628  9.965   10.541  1.00 40.07 ? 51  ASN A N   1 
ATOM   375  C CA  . ASN A 1 48  ? -9.147  9.332   9.329   1.00 39.10 ? 51  ASN A CA  1 
ATOM   376  C C   . ASN A 1 48  ? -8.207  8.364   8.605   1.00 33.27 ? 51  ASN A C   1 
ATOM   377  O O   . ASN A 1 48  ? -7.902  8.541   7.422   1.00 33.07 ? 51  ASN A O   1 
ATOM   378  C CB  . ASN A 1 48  ? -9.630  10.414  8.361   1.00 44.78 ? 51  ASN A CB  1 
ATOM   379  C CG  . ASN A 1 48  ? -10.788 11.214  8.924   1.00 55.57 ? 51  ASN A CG  1 
ATOM   380  O OD1 . ASN A 1 48  ? -10.867 12.429  8.743   1.00 67.96 ? 51  ASN A OD1 1 
ATOM   381  N ND2 . ASN A 1 48  ? -11.706 10.528  9.603   1.00 52.86 ? 51  ASN A ND2 1 
ATOM   382  N N   . TYR A 1 49  ? -7.739  7.346   9.319   1.00 26.23 ? 52  TYR A N   1 
ATOM   383  C CA  . TYR A 1 49  ? -6.871  6.345   8.707   1.00 24.80 ? 52  TYR A CA  1 
ATOM   384  C C   . TYR A 1 49  ? -7.402  4.963   9.044   1.00 21.84 ? 52  TYR A C   1 
ATOM   385  O O   . TYR A 1 49  ? -8.141  4.801   10.008  1.00 24.52 ? 52  TYR A O   1 
ATOM   386  C CB  . TYR A 1 49  ? -5.419  6.459   9.196   1.00 17.38 ? 52  TYR A CB  1 
ATOM   387  C CG  . TYR A 1 49  ? -5.220  6.190   10.672  1.00 19.84 ? 52  TYR A CG  1 
ATOM   388  C CD1 . TYR A 1 49  ? -5.195  7.234   11.600  1.00 22.25 ? 52  TYR A CD1 1 
ATOM   389  C CD2 . TYR A 1 49  ? -5.051  4.891   11.144  1.00 21.63 ? 52  TYR A CD2 1 
ATOM   390  C CE1 . TYR A 1 49  ? -5.003  6.985   12.961  1.00 22.00 ? 52  TYR A CE1 1 
ATOM   391  C CE2 . TYR A 1 49  ? -4.862  4.631   12.499  1.00 22.86 ? 52  TYR A CE2 1 
ATOM   392  C CZ  . TYR A 1 49  ? -4.837  5.682   13.399  1.00 23.30 ? 52  TYR A CZ  1 
ATOM   393  O OH  . TYR A 1 49  ? -4.642  5.445   14.732  1.00 23.51 ? 52  TYR A OH  1 
ATOM   394  N N   . LYS A 1 50  ? -7.028  3.977   8.235   1.00 24.77 ? 53  LYS A N   1 
ATOM   395  C CA  . LYS A 1 50  ? -7.443  2.590   8.443   1.00 17.34 ? 53  LYS A CA  1 
ATOM   396  C C   . LYS A 1 50  ? -6.248  1.679   8.193   1.00 18.78 ? 53  LYS A C   1 
ATOM   397  O O   . LYS A 1 50  ? -5.509  1.864   7.230   1.00 17.30 ? 53  LYS A O   1 
ATOM   398  C CB  . LYS A 1 50  ? -8.575  2.212   7.482   1.00 15.14 ? 53  LYS A CB  1 
ATOM   399  C CG  . LYS A 1 50  ? -9.876  2.966   7.697   1.00 17.80 ? 53  LYS A CG  1 
ATOM   400  C CD  . LYS A 1 50  ? -10.621 2.479   8.925   1.00 20.08 ? 53  LYS A CD  1 
ATOM   401  C CE  . LYS A 1 50  ? -11.892 3.288   9.136   1.00 27.17 ? 53  LYS A CE  1 
ATOM   402  N NZ  . LYS A 1 50  ? -11.566 4.695   9.500   1.00 44.91 ? 53  LYS A NZ  1 
ATOM   403  N N   . ASN A 1 51  ? -6.058  0.699   9.066   1.00 22.68 ? 54  ASN A N   1 
ATOM   404  C CA  . ASN A 1 51  ? -4.957  -0.251  8.939   1.00 19.03 ? 54  ASN A CA  1 
ATOM   405  C C   . ASN A 1 51  ? -5.510  -1.611  8.486   1.00 17.95 ? 54  ASN A C   1 
ATOM   406  O O   . ASN A 1 51  ? -6.601  -2.016  8.904   1.00 24.83 ? 54  ASN A O   1 
ATOM   407  C CB  . ASN A 1 51  ? -4.268  -0.447  10.294  1.00 21.15 ? 54  ASN A CB  1 
ATOM   408  C CG  . ASN A 1 51  ? -3.665  0.841   10.863  1.00 19.31 ? 54  ASN A CG  1 
ATOM   409  O OD1 . ASN A 1 51  ? -3.561  0.997   12.080  1.00 30.26 ? 54  ASN A OD1 1 
ATOM   410  N ND2 . ASN A 1 51  ? -3.247  1.745   9.993   1.00 24.18 ? 54  ASN A ND2 1 
ATOM   411  N N   . THR A 1 52  ? -4.775  -2.314  7.632   1.00 16.78 ? 55  THR A N   1 
ATOM   412  C CA  . THR A 1 52  ? -5.211  -3.654  7.214   1.00 19.05 ? 55  THR A CA  1 
ATOM   413  C C   . THR A 1 52  ? -4.749  -4.645  8.290   1.00 21.52 ? 55  THR A C   1 
ATOM   414  O O   . THR A 1 52  ? -3.921  -4.311  9.138   1.00 21.69 ? 55  THR A O   1 
ATOM   415  C CB  . THR A 1 52  ? -4.578  -4.099  5.870   1.00 11.63 ? 55  THR A CB  1 
ATOM   416  O OG1 . THR A 1 52  ? -3.150  -4.135  5.999   1.00 12.37 ? 55  THR A OG1 1 
ATOM   417  C CG2 . THR A 1 52  ? -4.965  -3.161  4.751   1.00 14.81 ? 55  THR A CG2 1 
ATOM   418  N N   . GLN A 1 53  ? -5.293  -5.859  8.272   1.00 27.63 ? 56  GLN A N   1 
ATOM   419  C CA  . GLN A 1 53  ? -4.878  -6.877  9.239   1.00 26.57 ? 56  GLN A CA  1 
ATOM   420  C C   . GLN A 1 53  ? -3.573  -7.499  8.755   1.00 22.49 ? 56  GLN A C   1 
ATOM   421  O O   . GLN A 1 53  ? -3.381  -7.666  7.554   1.00 26.27 ? 56  GLN A O   1 
ATOM   422  C CB  . GLN A 1 53  ? -5.939  -7.969  9.366   0.00 31.01 ? 56  GLN A CB  1 
ATOM   423  C CG  . GLN A 1 53  ? -7.172  -7.551  10.136  0.00 37.27 ? 56  GLN A CG  1 
ATOM   424  C CD  . GLN A 1 53  ? -7.153  -8.043  11.568  0.00 40.47 ? 56  GLN A CD  1 
ATOM   425  O OE1 . GLN A 1 53  ? -8.028  -8.801  11.981  0.00 43.33 ? 56  GLN A OE1 1 
ATOM   426  N NE2 . GLN A 1 53  ? -6.148  -7.622  12.329  0.00 43.09 ? 56  GLN A NE2 1 
ATOM   427  N N   . PRO A 1 54  ? -2.667  -7.859  9.676   1.00 25.30 ? 57  PRO A N   1 
ATOM   428  C CA  . PRO A 1 54  ? -1.384  -8.465  9.297   1.00 21.46 ? 57  PRO A CA  1 
ATOM   429  C C   . PRO A 1 54  ? -1.596  -9.672  8.379   1.00 22.77 ? 57  PRO A C   1 
ATOM   430  O O   . PRO A 1 54  ? -2.480  -10.501 8.608   1.00 17.77 ? 57  PRO A O   1 
ATOM   431  C CB  . PRO A 1 54  ? -0.770  -8.856  10.639  1.00 23.95 ? 57  PRO A CB  1 
ATOM   432  C CG  . PRO A 1 54  ? -1.348  -7.830  11.576  1.00 24.38 ? 57  PRO A CG  1 
ATOM   433  C CD  . PRO A 1 54  ? -2.782  -7.760  11.144  1.00 22.62 ? 57  PRO A CD  1 
ATOM   434  N N   . ILE A 1 55  ? -0.791  -9.750  7.328   1.00 25.72 ? 58  ILE A N   1 
ATOM   435  C CA  . ILE A 1 55  ? -0.875  -10.854 6.376   1.00 21.40 ? 58  ILE A CA  1 
ATOM   436  C C   . ILE A 1 55  ? 0.472   -11.575 6.372   1.00 22.92 ? 58  ILE A C   1 
ATOM   437  O O   . ILE A 1 55  ? 1.520   -10.933 6.230   1.00 21.52 ? 58  ILE A O   1 
ATOM   438  C CB  . ILE A 1 55  ? -1.132  -10.348 4.923   1.00 22.05 ? 58  ILE A CB  1 
ATOM   439  C CG1 . ILE A 1 55  ? -2.381  -9.458  4.856   1.00 25.32 ? 58  ILE A CG1 1 
ATOM   440  C CG2 . ILE A 1 55  ? -1.278  -11.540 3.982   1.00 16.89 ? 58  ILE A CG2 1 
ATOM   441  C CD1 . ILE A 1 55  ? -3.699  -10.192 4.898   1.00 28.91 ? 58  ILE A CD1 1 
ATOM   442  N N   . MET A 1 56  ? 0.456   -12.901 6.511   1.00 22.60 ? 59  MET A N   1 
ATOM   443  C CA  . MET A 1 56  ? 1.709   -13.650 6.491   1.00 22.37 ? 59  MET A CA  1 
ATOM   444  C C   . MET A 1 56  ? 2.270   -13.697 5.068   1.00 22.60 ? 59  MET A C   1 
ATOM   445  O O   . MET A 1 56  ? 1.598   -14.152 4.141   1.00 21.34 ? 59  MET A O   1 
ATOM   446  C CB  . MET A 1 56  ? 1.518   -15.080 7.014   1.00 20.69 ? 59  MET A CB  1 
ATOM   447  C CG  . MET A 1 56  ? 2.852   -15.765 7.323   1.00 30.22 ? 59  MET A CG  1 
ATOM   448  S SD  . MET A 1 56  ? 2.763   -17.492 7.837   1.00 32.95 ? 59  MET A SD  1 
ATOM   449  C CE  . MET A 1 56  ? 1.337   -17.476 8.872   1.00 34.14 ? 59  MET A CE  1 
ATOM   450  N N   . ASP A 1 57  ? 3.502   -13.215 4.896   1.00 22.16 ? 60  ASP A N   1 
ATOM   451  C CA  . ASP A 1 57  ? 4.141   -13.195 3.585   1.00 20.44 ? 60  ASP A CA  1 
ATOM   452  C C   . ASP A 1 57  ? 4.728   -14.579 3.268   1.00 24.72 ? 60  ASP A C   1 
ATOM   453  O O   . ASP A 1 57  ? 4.795   -15.463 4.132   1.00 18.20 ? 60  ASP A O   1 
ATOM   454  C CB  . ASP A 1 57  ? 5.254   -12.138 3.550   1.00 22.22 ? 60  ASP A CB  1 
ATOM   455  C CG  . ASP A 1 57  ? 5.418   -11.499 2.180   1.00 26.02 ? 60  ASP A CG  1 
ATOM   456  O OD1 . ASP A 1 57  ? 4.963   -12.093 1.176   1.00 32.29 ? 60  ASP A OD1 1 
ATOM   457  O OD2 . ASP A 1 57  ? 6.017   -10.402 2.101   1.00 31.98 ? 60  ASP A OD2 1 
ATOM   458  N N   . THR A 1 58  ? 5.158   -14.744 2.023   1.00 26.70 ? 61  THR A N   1 
ATOM   459  C CA  . THR A 1 58  ? 5.734   -15.998 1.540   1.00 30.54 ? 61  THR A CA  1 
ATOM   460  C C   . THR A 1 58  ? 6.842   -16.563 2.430   1.00 29.95 ? 61  THR A C   1 
ATOM   461  O O   . THR A 1 58  ? 6.931   -17.777 2.620   1.00 30.98 ? 61  THR A O   1 
ATOM   462  C CB  . THR A 1 58  ? 6.308   -15.828 0.111   1.00 31.72 ? 61  THR A CB  1 
ATOM   463  O OG1 . THR A 1 58  ? 5.355   -15.143 -0.712  1.00 36.98 ? 61  THR A OG1 1 
ATOM   464  C CG2 . THR A 1 58  ? 6.606   -17.189 -0.508  1.00 40.09 ? 61  THR A CG2 1 
ATOM   465  N N   . ASP A 1 59  ? 7.677   -15.688 2.982   1.00 30.23 ? 62  ASP A N   1 
ATOM   466  C CA  . ASP A 1 59  ? 8.785   -16.137 3.823   1.00 29.18 ? 62  ASP A CA  1 
ATOM   467  C C   . ASP A 1 59  ? 8.457   -16.328 5.299   1.00 26.85 ? 62  ASP A C   1 
ATOM   468  O O   . ASP A 1 59  ? 9.354   -16.516 6.114   1.00 34.23 ? 62  ASP A O   1 
ATOM   469  C CB  . ASP A 1 59  ? 9.974   -15.175 3.704   1.00 34.19 ? 62  ASP A CB  1 
ATOM   470  C CG  . ASP A 1 59  ? 9.702   -13.814 4.328   1.00 40.03 ? 62  ASP A CG  1 
ATOM   471  O OD1 . ASP A 1 59  ? 10.643  -12.992 4.363   1.00 47.27 ? 62  ASP A OD1 1 
ATOM   472  O OD2 . ASP A 1 59  ? 8.564   -13.561 4.776   1.00 39.60 ? 62  ASP A OD2 1 
ATOM   473  N N   . GLY A 1 60  ? 7.182   -16.282 5.653   1.00 21.02 ? 63  GLY A N   1 
ATOM   474  C CA  . GLY A 1 60  ? 6.824   -16.455 7.050   1.00 10.81 ? 63  GLY A CA  1 
ATOM   475  C C   . GLY A 1 60  ? 6.785   -15.158 7.860   1.00 17.83 ? 63  GLY A C   1 
ATOM   476  O O   . GLY A 1 60  ? 6.456   -15.186 9.052   1.00 21.99 ? 63  GLY A O   1 
ATOM   477  N N   . SER A 1 61  ? 7.120   -14.024 7.247   1.00 19.84 ? 64  SER A N   1 
ATOM   478  C CA  . SER A 1 61  ? 7.081   -12.747 7.975   1.00 16.07 ? 64  SER A CA  1 
ATOM   479  C C   . SER A 1 61  ? 5.724   -12.096 7.747   1.00 20.59 ? 64  SER A C   1 
ATOM   480  O O   . SER A 1 61  ? 4.885   -12.641 7.030   1.00 25.41 ? 64  SER A O   1 
ATOM   481  C CB  . SER A 1 61  ? 8.210   -11.800 7.513   1.00 10.70 ? 64  SER A CB  1 
ATOM   482  O OG  . SER A 1 61  ? 7.954   -11.242 6.235   1.00 14.49 ? 64  SER A OG  1 
ATOM   483  N N   . TYR A 1 62  ? 5.486   -10.949 8.373   1.00 20.32 ? 65  TYR A N   1 
ATOM   484  C CA  . TYR A 1 62  ? 4.213   -10.268 8.185   1.00 20.04 ? 65  TYR A CA  1 
ATOM   485  C C   . TYR A 1 62  ? 4.373   -8.891  7.565   1.00 23.36 ? 65  TYR A C   1 
ATOM   486  O O   . TYR A 1 62  ? 5.469   -8.332  7.543   1.00 31.05 ? 65  TYR A O   1 
ATOM   487  C CB  . TYR A 1 62  ? 3.454   -10.117 9.511   1.00 22.13 ? 65  TYR A CB  1 
ATOM   488  C CG  . TYR A 1 62  ? 2.944   -11.415 10.077  1.00 26.67 ? 65  TYR A CG  1 
ATOM   489  C CD1 . TYR A 1 62  ? 3.783   -12.256 10.809  1.00 30.09 ? 65  TYR A CD1 1 
ATOM   490  C CD2 . TYR A 1 62  ? 1.624   -11.821 9.857   1.00 23.54 ? 65  TYR A CD2 1 
ATOM   491  C CE1 . TYR A 1 62  ? 3.324   -13.474 11.303  1.00 27.80 ? 65  TYR A CE1 1 
ATOM   492  C CE2 . TYR A 1 62  ? 1.155   -13.037 10.343  1.00 24.88 ? 65  TYR A CE2 1 
ATOM   493  C CZ  . TYR A 1 62  ? 2.012   -13.858 11.067  1.00 29.65 ? 65  TYR A CZ  1 
ATOM   494  O OH  . TYR A 1 62  ? 1.558   -15.066 11.533  1.00 30.56 ? 65  TYR A OH  1 
ATOM   495  N N   . PHE A 1 63  ? 3.262   -8.360  7.060   1.00 20.50 ? 66  PHE A N   1 
ATOM   496  C CA  . PHE A 1 63  ? 3.238   -7.032  6.469   1.00 18.79 ? 66  PHE A CA  1 
ATOM   497  C C   . PHE A 1 63  ? 1.855   -6.416  6.677   1.00 22.99 ? 66  PHE A C   1 
ATOM   498  O O   . PHE A 1 63  ? 0.848   -7.127  6.745   1.00 16.08 ? 66  PHE A O   1 
ATOM   499  C CB  . PHE A 1 63  ? 3.608   -7.087  4.979   1.00 19.92 ? 66  PHE A CB  1 
ATOM   500  C CG  . PHE A 1 63  ? 2.510   -7.587  4.088   1.00 17.20 ? 66  PHE A CG  1 
ATOM   501  C CD1 . PHE A 1 63  ? 1.521   -6.728  3.637   1.00 15.03 ? 66  PHE A CD1 1 
ATOM   502  C CD2 . PHE A 1 63  ? 2.486   -8.916  3.666   1.00 20.30 ? 66  PHE A CD2 1 
ATOM   503  C CE1 . PHE A 1 63  ? 0.523   -7.174  2.774   1.00 14.52 ? 66  PHE A CE1 1 
ATOM   504  C CE2 . PHE A 1 63  ? 1.487   -9.380  2.800   1.00 15.43 ? 66  PHE A CE2 1 
ATOM   505  C CZ  . PHE A 1 63  ? 0.505   -8.501  2.355   1.00 17.40 ? 66  PHE A CZ  1 
ATOM   506  N N   . VAL A 1 64  ? 1.835   -5.089  6.784   1.00 20.51 ? 67  VAL A N   1 
ATOM   507  C CA  . VAL A 1 64  ? 0.622   -4.317  7.006   1.00 17.22 ? 67  VAL A CA  1 
ATOM   508  C C   . VAL A 1 64  ? 0.650   -2.984  6.249   1.00 20.07 ? 67  VAL A C   1 
ATOM   509  O O   . VAL A 1 64  ? 1.707   -2.374  6.094   1.00 17.95 ? 67  VAL A O   1 
ATOM   510  C CB  . VAL A 1 64  ? 0.457   -3.992  8.520   1.00 18.91 ? 67  VAL A CB  1 
ATOM   511  C CG1 . VAL A 1 64  ? -0.427  -2.759  8.705   1.00 26.44 ? 67  VAL A CG1 1 
ATOM   512  C CG2 . VAL A 1 64  ? -0.160  -5.177  9.246   1.00 19.12 ? 67  VAL A CG2 1 
ATOM   513  N N   . TYR A 1 65  ? -0.513  -2.546  5.769   1.00 21.76 ? 68  TYR A N   1 
ATOM   514  C CA  . TYR A 1 65  ? -0.618  -1.254  5.101   1.00 15.68 ? 68  TYR A CA  1 
ATOM   515  C C   . TYR A 1 65  ? -1.538  -0.365  5.918   1.00 11.63 ? 68  TYR A C   1 
ATOM   516  O O   . TYR A 1 65  ? -2.507  -0.840  6.519   1.00 14.17 ? 68  TYR A O   1 
ATOM   517  C CB  . TYR A 1 65  ? -1.200  -1.367  3.690   1.00 14.77 ? 68  TYR A CB  1 
ATOM   518  C CG  . TYR A 1 65  ? -0.237  -1.860  2.651   1.00 15.57 ? 68  TYR A CG  1 
ATOM   519  C CD1 . TYR A 1 65  ? -0.124  -3.216  2.365   1.00 18.12 ? 68  TYR A CD1 1 
ATOM   520  C CD2 . TYR A 1 65  ? 0.549   -0.963  1.928   1.00 14.99 ? 68  TYR A CD2 1 
ATOM   521  C CE1 . TYR A 1 65  ? 0.757   -3.666  1.382   1.00 13.80 ? 68  TYR A CE1 1 
ATOM   522  C CE2 . TYR A 1 65  ? 1.430   -1.404  0.941   1.00 14.78 ? 68  TYR A CE2 1 
ATOM   523  C CZ  . TYR A 1 65  ? 1.524   -2.766  0.676   1.00 17.18 ? 68  TYR A CZ  1 
ATOM   524  O OH  . TYR A 1 65  ? 2.388   -3.244  -0.283  1.00 24.84 ? 68  TYR A OH  1 
ATOM   525  N N   . SER A 1 66  ? -1.229  0.928   5.946   1.00 12.43 ? 69  SER A N   1 
ATOM   526  C CA  . SER A 1 66  ? -2.053  1.895   6.661   1.00 11.70 ? 69  SER A CA  1 
ATOM   527  C C   . SER A 1 66  ? -2.318  3.054   5.709   1.00 13.60 ? 69  SER A C   1 
ATOM   528  O O   . SER A 1 66  ? -1.377  3.643   5.180   1.00 17.17 ? 69  SER A O   1 
ATOM   529  C CB  . SER A 1 66  ? -1.342  2.412   7.917   1.00 16.71 ? 69  SER A CB  1 
ATOM   530  O OG  . SER A 1 66  ? -2.114  3.426   8.543   1.00 16.52 ? 69  SER A OG  1 
ATOM   531  N N   . LYS A 1 67  ? -3.594  3.379   5.493   1.00 16.36 ? 70  LYS A N   1 
ATOM   532  C CA  . LYS A 1 67  ? -3.969  4.459   4.575   1.00 13.96 ? 70  LYS A CA  1 
ATOM   533  C C   . LYS A 1 67  ? -4.623  5.657   5.272   1.00 12.00 ? 70  LYS A C   1 
ATOM   534  O O   . LYS A 1 67  ? -5.638  5.502   5.938   1.00 14.01 ? 70  LYS A O   1 
ATOM   535  C CB  . LYS A 1 67  ? -4.918  3.920   3.488   1.00 14.99 ? 70  LYS A CB  1 
ATOM   536  C CG  . LYS A 1 67  ? -5.232  4.915   2.362   1.00 15.74 ? 70  LYS A CG  1 
ATOM   537  C CD  . LYS A 1 67  ? -5.953  4.248   1.192   1.00 15.18 ? 70  LYS A CD  1 
ATOM   538  C CE  . LYS A 1 67  ? -7.413  3.895   1.520   1.00 12.86 ? 70  LYS A CE  1 
ATOM   539  N NZ  . LYS A 1 67  ? -8.297  5.100   1.478   1.00 12.96 ? 70  LYS A NZ  1 
ATOM   540  N N   . LEU A 1 68  ? -4.036  6.842   5.105   1.00 16.01 ? 71  LEU A N   1 
ATOM   541  C CA  . LEU A 1 68  ? -4.559  8.083   5.693   1.00 17.00 ? 71  LEU A CA  1 
ATOM   542  C C   . LEU A 1 68  ? -5.143  8.986   4.593   1.00 17.86 ? 71  LEU A C   1 
ATOM   543  O O   . LEU A 1 68  ? -4.446  9.343   3.646   1.00 20.72 ? 71  LEU A O   1 
ATOM   544  C CB  . LEU A 1 68  ? -3.436  8.862   6.408   1.00 16.49 ? 71  LEU A CB  1 
ATOM   545  C CG  . LEU A 1 68  ? -3.824  10.227  7.008   1.00 18.28 ? 71  LEU A CG  1 
ATOM   546  C CD1 . LEU A 1 68  ? -4.682  9.983   8.238   1.00 16.77 ? 71  LEU A CD1 1 
ATOM   547  C CD2 . LEU A 1 68  ? -2.583  11.045  7.401   1.00 17.86 ? 71  LEU A CD2 1 
ATOM   548  N N   . ASN A 1 69  ? -6.412  9.352   4.707   1.00 19.87 ? 72  ASN A N   1 
ATOM   549  C CA  . ASN A 1 69  ? -7.013  10.229  3.703   1.00 24.53 ? 72  ASN A CA  1 
ATOM   550  C C   . ASN A 1 69  ? -6.989  11.695  4.164   1.00 24.31 ? 72  ASN A C   1 
ATOM   551  O O   . ASN A 1 69  ? -7.361  12.009  5.293   1.00 22.74 ? 72  ASN A O   1 
ATOM   552  C CB  . ASN A 1 69  ? -8.453  9.804   3.412   1.00 33.18 ? 72  ASN A CB  1 
ATOM   553  C CG  . ASN A 1 69  ? -8.551  8.382   2.894   1.00 36.09 ? 72  ASN A CG  1 
ATOM   554  O OD1 . ASN A 1 69  ? -7.904  8.014   1.916   1.00 28.69 ? 72  ASN A OD1 1 
ATOM   555  N ND2 . ASN A 1 69  ? -9.374  7.573   3.554   1.00 41.04 ? 72  ASN A ND2 1 
ATOM   556  N N   . VAL A 1 70  ? -6.550  12.582  3.278   1.00 26.44 ? 73  VAL A N   1 
ATOM   557  C CA  . VAL A 1 70  ? -6.474  14.005  3.593   1.00 28.69 ? 73  VAL A CA  1 
ATOM   558  C C   . VAL A 1 70  ? -6.914  14.865  2.402   1.00 31.40 ? 73  VAL A C   1 
ATOM   559  O O   . VAL A 1 70  ? -6.819  14.444  1.246   1.00 28.44 ? 73  VAL A O   1 
ATOM   560  C CB  . VAL A 1 70  ? -5.026  14.434  3.954   1.00 28.64 ? 73  VAL A CB  1 
ATOM   561  C CG1 . VAL A 1 70  ? -4.445  13.504  5.005   1.00 32.94 ? 73  VAL A CG1 1 
ATOM   562  C CG2 . VAL A 1 70  ? -4.158  14.445  2.695   1.00 21.27 ? 73  VAL A CG2 1 
ATOM   563  N N   . GLN A 1 71  ? -7.385  16.072  2.697   1.00 32.13 ? 74  GLN A N   1 
ATOM   564  C CA  . GLN A 1 71  ? -7.800  17.016  1.665   1.00 27.51 ? 74  GLN A CA  1 
ATOM   565  C C   . GLN A 1 71  ? -6.544  17.393  0.887   1.00 26.67 ? 74  GLN A C   1 
ATOM   566  O O   . GLN A 1 71  ? -5.480  17.580  1.483   1.00 28.35 ? 74  GLN A O   1 
ATOM   567  C CB  . GLN A 1 71  ? -8.385  18.274  2.308   1.00 35.62 ? 74  GLN A CB  1 
ATOM   568  C CG  . GLN A 1 71  ? -9.649  18.040  3.108   1.00 48.17 ? 74  GLN A CG  1 
ATOM   569  C CD  . GLN A 1 71  ? -10.890 18.123  2.254   1.00 53.23 ? 74  GLN A CD  1 
ATOM   570  O OE1 . GLN A 1 71  ? -11.208 19.180  1.712   1.00 57.91 ? 74  GLN A OE1 1 
ATOM   571  N NE2 . GLN A 1 71  ? -11.598 17.007  2.124   1.00 49.92 ? 74  GLN A NE2 1 
ATOM   572  N N   . LYS A 1 72  ? -6.677  17.520  -0.431  1.00 18.52 ? 75  LYS A N   1 
ATOM   573  C CA  . LYS A 1 72  ? -5.555  17.862  -1.301  1.00 24.80 ? 75  LYS A CA  1 
ATOM   574  C C   . LYS A 1 72  ? -4.892  19.185  -0.905  1.00 28.56 ? 75  LYS A C   1 
ATOM   575  O O   . LYS A 1 72  ? -3.686  19.367  -1.097  1.00 27.86 ? 75  LYS A O   1 
ATOM   576  C CB  . LYS A 1 72  ? -6.033  17.938  -2.760  1.00 28.23 ? 75  LYS A CB  1 
ATOM   577  C CG  . LYS A 1 72  ? -4.961  17.628  -3.802  1.00 35.99 ? 75  LYS A CG  1 
ATOM   578  C CD  . LYS A 1 72  ? -4.544  18.856  -4.605  1.00 39.21 ? 75  LYS A CD  1 
ATOM   579  C CE  . LYS A 1 72  ? -4.819  18.695  -6.099  1.00 44.00 ? 75  LYS A CE  1 
ATOM   580  N NZ  . LYS A 1 72  ? -6.260  18.752  -6.436  1.00 48.78 ? 75  LYS A NZ  1 
ATOM   581  N N   . SER A 1 73  ? -5.680  20.107  -0.360  1.00 30.95 ? 76  SER A N   1 
ATOM   582  C CA  . SER A 1 73  ? -5.162  21.410  0.057   1.00 31.31 ? 76  SER A CA  1 
ATOM   583  C C   . SER A 1 73  ? -4.310  21.254  1.312   1.00 31.91 ? 76  SER A C   1 
ATOM   584  O O   . SER A 1 73  ? -3.357  22.001  1.516   1.00 31.63 ? 76  SER A O   1 
ATOM   585  C CB  . SER A 1 73  ? -6.311  22.383  0.347   1.00 33.25 ? 76  SER A CB  1 
ATOM   586  O OG  . SER A 1 73  ? -7.066  21.944  1.466   1.00 34.23 ? 76  SER A OG  1 
ATOM   587  N N   . ASN A 1 74  ? -4.659  20.276  2.143   1.00 35.55 ? 77  ASN A N   1 
ATOM   588  C CA  . ASN A 1 74  ? -3.927  20.025  3.380   1.00 37.39 ? 77  ASN A CA  1 
ATOM   589  C C   . ASN A 1 74  ? -2.535  19.503  3.036   1.00 32.66 ? 77  ASN A C   1 
ATOM   590  O O   . ASN A 1 74  ? -1.555  19.843  3.692   1.00 29.72 ? 77  ASN A O   1 
ATOM   591  C CB  . ASN A 1 74  ? -4.676  19.003  4.247   1.00 40.81 ? 77  ASN A CB  1 
ATOM   592  C CG  . ASN A 1 74  ? -4.280  19.080  5.716   1.00 48.01 ? 77  ASN A CG  1 
ATOM   593  O OD1 . ASN A 1 74  ? -4.744  18.294  6.546   1.00 47.86 ? 77  ASN A OD1 1 
ATOM   594  N ND2 . ASN A 1 74  ? -3.422  20.036  6.043   1.00 56.03 ? 77  ASN A ND2 1 
ATOM   595  N N   . TRP A 1 75  ? -2.463  18.674  1.998   1.00 32.12 ? 78  TRP A N   1 
ATOM   596  C CA  . TRP A 1 75  ? -1.198  18.107  1.549   1.00 29.66 ? 78  TRP A CA  1 
ATOM   597  C C   . TRP A 1 75  ? -0.332  19.187  0.891   1.00 31.84 ? 78  TRP A C   1 
ATOM   598  O O   . TRP A 1 75  ? 0.805   19.420  1.301   1.00 30.32 ? 78  TRP A O   1 
ATOM   599  C CB  . TRP A 1 75  ? -1.465  16.960  0.563   1.00 24.26 ? 78  TRP A CB  1 
ATOM   600  C CG  . TRP A 1 75  ? -0.247  16.445  -0.143  1.00 22.81 ? 78  TRP A CG  1 
ATOM   601  C CD1 . TRP A 1 75  ? 0.032   16.551  -1.476  1.00 21.77 ? 78  TRP A CD1 1 
ATOM   602  C CD2 . TRP A 1 75  ? 0.845   15.718  0.438   1.00 22.62 ? 78  TRP A CD2 1 
ATOM   603  N NE1 . TRP A 1 75  ? 1.226   15.942  -1.762  1.00 22.96 ? 78  TRP A NE1 1 
ATOM   604  C CE2 . TRP A 1 75  ? 1.750   15.425  -0.606  1.00 20.12 ? 78  TRP A CE2 1 
ATOM   605  C CE3 . TRP A 1 75  ? 1.151   15.298  1.738   1.00 21.92 ? 78  TRP A CE3 1 
ATOM   606  C CZ2 . TRP A 1 75  ? 2.942   14.716  -0.392  1.00 16.72 ? 78  TRP A CZ2 1 
ATOM   607  C CZ3 . TRP A 1 75  ? 2.339   14.595  1.953   1.00 17.69 ? 78  TRP A CZ3 1 
ATOM   608  C CH2 . TRP A 1 75  ? 3.215   14.313  0.888   1.00 20.77 ? 78  TRP A CH2 1 
ATOM   609  N N   . GLU A 1 76  ? -0.879  19.851  -0.122  1.00 35.83 ? 79  GLU A N   1 
ATOM   610  C CA  . GLU A 1 76  ? -0.140  20.891  -0.830  1.00 37.12 ? 79  GLU A CA  1 
ATOM   611  C C   . GLU A 1 76  ? 0.165   22.112  0.027   1.00 34.66 ? 79  GLU A C   1 
ATOM   612  O O   . GLU A 1 76  ? 0.999   22.940  -0.337  1.00 37.15 ? 79  GLU A O   1 
ATOM   613  C CB  . GLU A 1 76  ? -0.896  21.326  -2.087  1.00 42.01 ? 79  GLU A CB  1 
ATOM   614  C CG  . GLU A 1 76  ? -0.941  20.267  -3.178  1.00 48.19 ? 79  GLU A CG  1 
ATOM   615  C CD  . GLU A 1 76  ? -1.657  20.759  -4.417  1.00 51.52 ? 79  GLU A CD  1 
ATOM   616  O OE1 . GLU A 1 76  ? -2.613  21.551  -4.271  1.00 52.28 ? 79  GLU A OE1 1 
ATOM   617  O OE2 . GLU A 1 76  ? -1.279  20.340  -5.533  1.00 59.37 ? 79  GLU A OE2 1 
ATOM   618  N N   . ALA A 1 77  ? -0.511  22.237  1.162   1.00 32.17 ? 80  ALA A N   1 
ATOM   619  C CA  . ALA A 1 77  ? -0.263  23.369  2.041   1.00 34.43 ? 80  ALA A CA  1 
ATOM   620  C C   . ALA A 1 77  ? 1.077   23.162  2.733   1.00 40.79 ? 80  ALA A C   1 
ATOM   621  O O   . ALA A 1 77  ? 1.643   24.094  3.300   1.00 42.44 ? 80  ALA A O   1 
ATOM   622  C CB  . ALA A 1 77  ? -1.368  23.499  3.066   1.00 33.96 ? 80  ALA A CB  1 
ATOM   623  N N   . GLY A 1 78  ? 1.572   21.929  2.693   1.00 42.39 ? 81  GLY A N   1 
ATOM   624  C CA  . GLY A 1 78  ? 2.855   21.632  3.299   1.00 37.26 ? 81  GLY A CA  1 
ATOM   625  C C   . GLY A 1 78  ? 2.856   21.126  4.730   1.00 36.74 ? 81  GLY A C   1 
ATOM   626  O O   . GLY A 1 78  ? 3.903   21.147  5.379   1.00 42.49 ? 81  GLY A O   1 
ATOM   627  N N   . ASN A 1 79  ? 1.710   20.682  5.243   1.00 30.72 ? 82  ASN A N   1 
ATOM   628  C CA  . ASN A 1 79  ? 1.683   20.165  6.607   1.00 23.98 ? 82  ASN A CA  1 
ATOM   629  C C   . ASN A 1 79  ? 2.473   18.856  6.676   1.00 27.04 ? 82  ASN A C   1 
ATOM   630  O O   . ASN A 1 79  ? 2.662   18.181  5.660   1.00 25.66 ? 82  ASN A O   1 
ATOM   631  C CB  . ASN A 1 79  ? 0.248   19.931  7.089   1.00 27.02 ? 82  ASN A CB  1 
ATOM   632  C CG  . ASN A 1 79  ? -0.526  21.225  7.249   1.00 28.72 ? 82  ASN A CG  1 
ATOM   633  O OD1 . ASN A 1 79  ? -1.225  21.663  6.333   1.00 32.75 ? 82  ASN A OD1 1 
ATOM   634  N ND2 . ASN A 1 79  ? -0.385  21.857  8.407   1.00 24.83 ? 82  ASN A ND2 1 
ATOM   635  N N   . THR A 1 80  ? 2.927   18.512  7.879   1.00 22.14 ? 83  THR A N   1 
ATOM   636  C CA  . THR A 1 80  ? 3.729   17.314  8.101   1.00 25.71 ? 83  THR A CA  1 
ATOM   637  C C   . THR A 1 80  ? 2.929   16.132  8.623   1.00 26.42 ? 83  THR A C   1 
ATOM   638  O O   . THR A 1 80  ? 2.186   16.250  9.601   1.00 28.72 ? 83  THR A O   1 
ATOM   639  C CB  . THR A 1 80  ? 4.881   17.614  9.089   1.00 27.29 ? 83  THR A CB  1 
ATOM   640  O OG1 . THR A 1 80  ? 5.776   18.561  8.492   1.00 31.26 ? 83  THR A OG1 1 
ATOM   641  C CG2 . THR A 1 80  ? 5.645   16.340  9.455   1.00 16.00 ? 83  THR A CG2 1 
ATOM   642  N N   . PHE A 1 81  ? 3.085   14.991  7.959   1.00 20.21 ? 84  PHE A N   1 
ATOM   643  C CA  . PHE A 1 81  ? 2.377   13.782  8.361   1.00 17.85 ? 84  PHE A CA  1 
ATOM   644  C C   . PHE A 1 81  ? 3.384   12.737  8.813   1.00 18.47 ? 84  PHE A C   1 
ATOM   645  O O   . PHE A 1 81  ? 4.417   12.515  8.179   1.00 13.26 ? 84  PHE A O   1 
ATOM   646  C CB  . PHE A 1 81  ? 1.520   13.257  7.210   1.00 14.46 ? 84  PHE A CB  1 
ATOM   647  C CG  . PHE A 1 81  ? 0.561   14.275  6.673   1.00 21.89 ? 84  PHE A CG  1 
ATOM   648  C CD1 . PHE A 1 81  ? 0.973   15.181  5.702   1.00 22.28 ? 84  PHE A CD1 1 
ATOM   649  C CD2 . PHE A 1 81  ? -0.740  14.362  7.168   1.00 23.94 ? 84  PHE A CD2 1 
ATOM   650  C CE1 . PHE A 1 81  ? 0.111   16.162  5.228   1.00 18.28 ? 84  PHE A CE1 1 
ATOM   651  C CE2 . PHE A 1 81  ? -1.619  15.346  6.699   1.00 18.25 ? 84  PHE A CE2 1 
ATOM   652  C CZ  . PHE A 1 81  ? -1.190  16.245  5.727   1.00 14.68 ? 84  PHE A CZ  1 
ATOM   653  N N   . THR A 1 82  ? 3.077   12.106  9.933   1.00 20.84 ? 85  THR A N   1 
ATOM   654  C CA  . THR A 1 82  ? 3.971   11.123  10.509  1.00 18.39 ? 85  THR A CA  1 
ATOM   655  C C   . THR A 1 82  ? 3.305   9.783   10.758  1.00 16.65 ? 85  THR A C   1 
ATOM   656  O O   . THR A 1 82  ? 2.183   9.735   11.248  1.00 16.60 ? 85  THR A O   1 
ATOM   657  C CB  . THR A 1 82  ? 4.533   11.634  11.846  1.00 17.87 ? 85  THR A CB  1 
ATOM   658  O OG1 . THR A 1 82  ? 5.333   12.798  11.609  1.00 16.34 ? 85  THR A OG1 1 
ATOM   659  C CG2 . THR A 1 82  ? 5.359   10.550  12.527  1.00 17.85 ? 85  THR A CG2 1 
ATOM   660  N N   . CYS A 1 83  ? 4.001   8.700   10.417  1.00 14.13 ? 86  CYS A N   1 
ATOM   661  C CA  . CYS A 1 83  ? 3.489   7.355   10.640  1.00 17.72 ? 86  CYS A CA  1 
ATOM   662  C C   . CYS A 1 83  ? 4.266   6.729   11.798  1.00 21.83 ? 86  CYS A C   1 
ATOM   663  O O   . CYS A 1 83  ? 5.477   6.520   11.694  1.00 21.42 ? 86  CYS A O   1 
ATOM   664  C CB  . CYS A 1 83  ? 3.657   6.507   9.379   1.00 18.37 ? 86  CYS A CB  1 
ATOM   665  S SG  . CYS A 1 83  ? 3.368   4.754   9.638   1.00 19.32 ? 86  CYS A SG  1 
ATOM   666  N N   . SER A 1 84  ? 3.570   6.465   12.904  1.00 24.39 ? 87  SER A N   1 
ATOM   667  C CA  . SER A 1 84  ? 4.176   5.858   14.092  1.00 25.17 ? 87  SER A CA  1 
ATOM   668  C C   . SER A 1 84  ? 3.949   4.350   14.200  1.00 22.74 ? 87  SER A C   1 
ATOM   669  O O   . SER A 1 84  ? 2.838   3.861   14.002  1.00 24.60 ? 87  SER A O   1 
ATOM   670  C CB  . SER A 1 84  ? 3.653   6.525   15.363  1.00 29.19 ? 87  SER A CB  1 
ATOM   671  O OG  . SER A 1 84  ? 4.500   7.587   15.747  1.00 41.90 ? 87  SER A OG  1 
ATOM   672  N N   . VAL A 1 85  ? 5.012   3.626   14.543  1.00 20.40 ? 88  VAL A N   1 
ATOM   673  C CA  . VAL A 1 85  ? 4.945   2.173   14.662  1.00 18.87 ? 88  VAL A CA  1 
ATOM   674  C C   . VAL A 1 85  ? 5.508   1.593   15.968  1.00 18.20 ? 88  VAL A C   1 
ATOM   675  O O   . VAL A 1 85  ? 6.637   1.893   16.369  1.00 21.22 ? 88  VAL A O   1 
ATOM   676  C CB  . VAL A 1 85  ? 5.703   1.491   13.499  1.00 17.70 ? 88  VAL A CB  1 
ATOM   677  C CG1 . VAL A 1 85  ? 5.500   -0.021  13.558  1.00 19.72 ? 88  VAL A CG1 1 
ATOM   678  C CG2 . VAL A 1 85  ? 5.256   2.071   12.176  1.00 20.20 ? 88  VAL A CG2 1 
ATOM   679  N N   . LEU A 1 86  ? 4.716   0.738   16.602  1.00 24.59 ? 89  LEU A N   1 
ATOM   680  C CA  . LEU A 1 86  ? 5.098   0.048   17.828  1.00 23.91 ? 89  LEU A CA  1 
ATOM   681  C C   . LEU A 1 86  ? 5.280   -1.446  17.534  1.00 24.08 ? 89  LEU A C   1 
ATOM   682  O O   . LEU A 1 86  ? 4.347   -2.115  17.097  1.00 19.94 ? 89  LEU A O   1 
ATOM   683  C CB  . LEU A 1 86  ? 4.010   0.210   18.889  1.00 35.04 ? 89  LEU A CB  1 
ATOM   684  C CG  . LEU A 1 86  ? 4.224   1.258   19.977  1.00 37.90 ? 89  LEU A CG  1 
ATOM   685  C CD1 . LEU A 1 86  ? 4.593   2.591   19.358  1.00 40.57 ? 89  LEU A CD1 1 
ATOM   686  C CD2 . LEU A 1 86  ? 2.947   1.383   20.806  1.00 41.58 ? 89  LEU A CD2 1 
ATOM   687  N N   . HIS A 1 87  ? 6.484   -1.958  17.762  1.00 20.89 ? 90  HIS A N   1 
ATOM   688  C CA  . HIS A 1 87  ? 6.774   -3.375  17.539  1.00 20.73 ? 90  HIS A CA  1 
ATOM   689  C C   . HIS A 1 87  ? 7.959   -3.759  18.419  1.00 19.98 ? 90  HIS A C   1 
ATOM   690  O O   . HIS A 1 87  ? 8.904   -2.982  18.571  1.00 24.96 ? 90  HIS A O   1 
ATOM   691  C CB  . HIS A 1 87  ? 7.083   -3.662  16.052  1.00 16.66 ? 90  HIS A CB  1 
ATOM   692  C CG  . HIS A 1 87  ? 7.139   -5.124  15.721  1.00 14.55 ? 90  HIS A CG  1 
ATOM   693  N ND1 . HIS A 1 87  ? 8.314   -5.845  15.711  1.00 18.05 ? 90  HIS A ND1 1 
ATOM   694  C CD2 . HIS A 1 87  ? 6.151   -6.011  15.444  1.00 16.60 ? 90  HIS A CD2 1 
ATOM   695  C CE1 . HIS A 1 87  ? 8.049   -7.112  15.444  1.00 16.61 ? 90  HIS A CE1 1 
ATOM   696  N NE2 . HIS A 1 87  ? 6.745   -7.240  15.278  1.00 18.78 ? 90  HIS A NE2 1 
ATOM   697  N N   . GLU A 1 88  ? 7.907   -4.958  18.996  1.00 22.20 ? 91  GLU A N   1 
ATOM   698  C CA  . GLU A 1 88  ? 8.952   -5.432  19.906  1.00 25.81 ? 91  GLU A CA  1 
ATOM   699  C C   . GLU A 1 88  ? 10.308  -5.718  19.266  1.00 28.47 ? 91  GLU A C   1 
ATOM   700  O O   . GLU A 1 88  ? 11.256  -6.103  19.960  1.00 28.60 ? 91  GLU A O   1 
ATOM   701  C CB  . GLU A 1 88  ? 8.468   -6.688  20.635  1.00 30.26 ? 91  GLU A CB  1 
ATOM   702  C CG  . GLU A 1 88  ? 8.147   -7.837  19.692  1.00 31.16 ? 91  GLU A CG  1 
ATOM   703  C CD  . GLU A 1 88  ? 7.350   -8.932  20.360  1.00 41.48 ? 91  GLU A CD  1 
ATOM   704  O OE1 . GLU A 1 88  ? 7.962   -9.792  21.027  1.00 48.62 ? 91  GLU A OE1 1 
ATOM   705  O OE2 . GLU A 1 88  ? 6.107   -8.921  20.232  1.00 46.10 ? 91  GLU A OE2 1 
ATOM   706  N N   . GLY A 1 89  ? 10.402  -5.548  17.950  1.00 25.75 ? 92  GLY A N   1 
ATOM   707  C CA  . GLY A 1 89  ? 11.666  -5.794  17.280  1.00 21.69 ? 92  GLY A CA  1 
ATOM   708  C C   . GLY A 1 89  ? 12.506  -4.543  17.078  1.00 22.01 ? 92  GLY A C   1 
ATOM   709  O O   . GLY A 1 89  ? 13.704  -4.634  16.790  1.00 22.07 ? 92  GLY A O   1 
ATOM   710  N N   . LEU A 1 90  ? 11.875  -3.382  17.261  1.00 18.71 ? 93  LEU A N   1 
ATOM   711  C CA  . LEU A 1 90  ? 12.503  -2.082  17.090  1.00 16.90 ? 93  LEU A CA  1 
ATOM   712  C C   . LEU A 1 90  ? 13.247  -1.558  18.297  1.00 19.23 ? 93  LEU A C   1 
ATOM   713  O O   . LEU A 1 90  ? 12.921  -1.887  19.430  1.00 20.51 ? 93  LEU A O   1 
ATOM   714  C CB  . LEU A 1 90  ? 11.461  -1.027  16.730  1.00 18.78 ? 93  LEU A CB  1 
ATOM   715  C CG  . LEU A 1 90  ? 10.671  -1.179  15.437  1.00 17.17 ? 93  LEU A CG  1 
ATOM   716  C CD1 . LEU A 1 90  ? 9.415   -0.352  15.578  1.00 17.60 ? 93  LEU A CD1 1 
ATOM   717  C CD2 . LEU A 1 90  ? 11.527  -0.729  14.236  1.00 11.19 ? 93  LEU A CD2 1 
ATOM   718  N N   . HIS A 1 91  ? 14.224  -0.698  18.051  1.00 21.56 ? 94  HIS A N   1 
ATOM   719  C CA  . HIS A 1 91  ? 14.966  -0.113  19.156  1.00 28.07 ? 94  HIS A CA  1 
ATOM   720  C C   . HIS A 1 91  ? 13.879  0.542   20.044  1.00 35.89 ? 94  HIS A C   1 
ATOM   721  O O   . HIS A 1 91  ? 13.088  1.344   19.555  1.00 49.29 ? 94  HIS A O   1 
ATOM   722  C CB  . HIS A 1 91  ? 15.959  0.943   18.603  1.00 29.09 ? 94  HIS A CB  1 
ATOM   723  C CG  . HIS A 1 91  ? 16.804  1.556   19.667  1.00 38.02 ? 94  HIS A CG  1 
ATOM   724  N ND1 . HIS A 1 91  ? 18.030  1.061   20.045  1.00 35.81 ? 94  HIS A ND1 1 
ATOM   725  C CD2 . HIS A 1 91  ? 16.575  2.630   20.472  1.00 38.83 ? 94  HIS A CD2 1 
ATOM   726  C CE1 . HIS A 1 91  ? 18.515  1.776   21.045  1.00 36.16 ? 94  HIS A CE1 1 
ATOM   727  N NE2 . HIS A 1 91  ? 17.647  2.730   21.326  1.00 37.04 ? 94  HIS A NE2 1 
ATOM   728  N N   . ASN A 1 92  ? 13.862  0.172   21.323  1.00 33.33 ? 95  ASN A N   1 
ATOM   729  C CA  . ASN A 1 92  ? 12.860  0.632   22.317  1.00 26.05 ? 95  ASN A CA  1 
ATOM   730  C C   . ASN A 1 92  ? 11.377  0.436   21.853  1.00 28.24 ? 95  ASN A C   1 
ATOM   731  O O   . ASN A 1 92  ? 10.502  1.199   22.267  1.00 25.44 ? 95  ASN A O   1 
ATOM   732  C CB  . ASN A 1 92  ? 13.062  2.128   22.697  1.00 32.44 ? 95  ASN A CB  1 
ATOM   733  C CG  . ASN A 1 92  ? 14.285  2.368   23.560  1.00 31.45 ? 95  ASN A CG  1 
ATOM   734  O OD1 . ASN A 1 92  ? 14.694  1.566   24.383  1.00 38.63 ? 95  ASN A OD1 1 
ATOM   735  N ND2 . ASN A 1 92  ? 14.860  3.558   23.378  1.00 28.79 ? 95  ASN A ND2 1 
ATOM   736  N N   . HIS A 1 93  ? 11.113  -0.471  20.904  1.00 28.74 ? 96  HIS A N   1 
ATOM   737  C CA  . HIS A 1 93  ? 9.770   -0.769  20.424  1.00 23.77 ? 96  HIS A CA  1 
ATOM   738  C C   . HIS A 1 93  ? 9.008   0.327   19.718  1.00 23.20 ? 96  HIS A C   1 
ATOM   739  O O   . HIS A 1 93  ? 7.790   0.327   19.740  1.00 28.90 ? 96  HIS A O   1 
ATOM   740  C CB  . HIS A 1 93  ? 8.935   -1.325  21.582  1.00 22.66 ? 96  HIS A CB  1 
ATOM   741  C CG  . HIS A 1 93  ? 9.471   -2.595  22.161  1.00 22.03 ? 96  HIS A CG  1 
ATOM   742  N ND1 . HIS A 1 93  ? 8.727   -3.407  22.992  1.00 19.93 ? 96  HIS A ND1 1 
ATOM   743  C CD2 . HIS A 1 93  ? 10.667  -3.203  22.007  1.00 17.33 ? 96  HIS A CD2 1 
ATOM   744  C CE1 . HIS A 1 93  ? 9.446   -4.465  23.314  1.00 19.29 ? 96  HIS A CE1 1 
ATOM   745  N NE2 . HIS A 1 93  ? 10.625  -4.367  22.730  1.00 18.96 ? 96  HIS A NE2 1 
ATOM   746  N N   . HIS A 1 94  ? 9.711   1.264   19.092  1.00 22.60 ? 97  HIS A N   1 
ATOM   747  C CA  . HIS A 1 94  ? 9.035   2.363   18.403  1.00 27.54 ? 97  HIS A CA  1 
ATOM   748  C C   . HIS A 1 94  ? 9.896   3.045   17.349  1.00 24.95 ? 97  HIS A C   1 
ATOM   749  O O   . HIS A 1 94  ? 11.113  3.040   17.449  1.00 28.70 ? 97  HIS A O   1 
ATOM   750  C CB  . HIS A 1 94  ? 8.554   3.417   19.418  1.00 24.50 ? 97  HIS A CB  1 
ATOM   751  C CG  . HIS A 1 94  ? 8.004   4.662   18.788  1.00 32.20 ? 97  HIS A CG  1 
ATOM   752  N ND1 . HIS A 1 94  ? 8.767   5.792   18.588  1.00 34.12 ? 97  HIS A ND1 1 
ATOM   753  C CD2 . HIS A 1 94  ? 6.777   4.941   18.285  1.00 35.73 ? 97  HIS A CD2 1 
ATOM   754  C CE1 . HIS A 1 94  ? 8.035   6.712   17.987  1.00 39.79 ? 97  HIS A CE1 1 
ATOM   755  N NE2 . HIS A 1 94  ? 6.824   6.221   17.791  1.00 35.15 ? 97  HIS A NE2 1 
ATOM   756  N N   . THR A 1 95  ? 9.257   3.622   16.335  1.00 23.93 ? 98  THR A N   1 
ATOM   757  C CA  . THR A 1 95  ? 9.966   4.326   15.277  1.00 17.05 ? 98  THR A CA  1 
ATOM   758  C C   . THR A 1 95  ? 8.983   5.250   14.549  1.00 19.72 ? 98  THR A C   1 
ATOM   759  O O   . THR A 1 95  ? 7.766   5.080   14.667  1.00 22.44 ? 98  THR A O   1 
ATOM   760  C CB  . THR A 1 95  ? 10.614  3.335   14.272  1.00 21.06 ? 98  THR A CB  1 
ATOM   761  O OG1 . THR A 1 95  ? 11.524  4.046   13.419  1.00 24.38 ? 98  THR A OG1 1 
ATOM   762  C CG2 . THR A 1 95  ? 9.549   2.664   13.411  1.00 25.92 ? 98  THR A CG2 1 
ATOM   763  N N   . GLU A 1 96  ? 9.508   6.230   13.817  1.00 22.08 ? 99  GLU A N   1 
ATOM   764  C CA  . GLU A 1 96  ? 8.676   7.185   13.080  1.00 23.23 ? 99  GLU A CA  1 
ATOM   765  C C   . GLU A 1 96  ? 9.278   7.579   11.732  1.00 24.76 ? 99  GLU A C   1 
ATOM   766  O O   . GLU A 1 96  ? 10.494  7.647   11.582  1.00 27.27 ? 99  GLU A O   1 
ATOM   767  C CB  . GLU A 1 96  ? 8.468   8.459   13.909  1.00 28.15 ? 99  GLU A CB  1 
ATOM   768  C CG  . GLU A 1 96  ? 7.622   8.275   15.158  1.00 37.55 ? 99  GLU A CG  1 
ATOM   769  C CD  . GLU A 1 96  ? 7.520   9.542   15.994  1.00 38.55 ? 99  GLU A CD  1 
ATOM   770  O OE1 . GLU A 1 96  ? 8.232   10.527  15.698  1.00 34.97 ? 99  GLU A OE1 1 
ATOM   771  O OE2 . GLU A 1 96  ? 6.729   9.548   16.957  1.00 46.49 ? 99  GLU A OE2 1 
ATOM   772  N N   . LYS A 1 97  ? 8.405   7.843   10.765  1.00 26.47 ? 100 LYS A N   1 
ATOM   773  C CA  . LYS A 1 97  ? 8.787   8.265   9.415   1.00 25.49 ? 100 LYS A CA  1 
ATOM   774  C C   . LYS A 1 97  ? 7.839   9.405   9.036   1.00 22.42 ? 100 LYS A C   1 
ATOM   775  O O   . LYS A 1 97  ? 6.618   9.242   9.101   1.00 24.63 ? 100 LYS A O   1 
ATOM   776  C CB  . LYS A 1 97  ? 8.613   7.115   8.421   1.00 32.19 ? 100 LYS A CB  1 
ATOM   777  C CG  . LYS A 1 97  ? 9.658   6.028   8.506   1.00 39.43 ? 100 LYS A CG  1 
ATOM   778  C CD  . LYS A 1 97  ? 10.784  6.278   7.515   1.00 44.25 ? 100 LYS A CD  1 
ATOM   779  C CE  . LYS A 1 97  ? 11.776  5.124   7.510   1.00 50.93 ? 100 LYS A CE  1 
ATOM   780  N NZ  . LYS A 1 97  ? 12.082  4.670   6.127   1.00 50.89 ? 100 LYS A NZ  1 
ATOM   781  N N   . SER A 1 98  ? 8.393   10.553  8.644   1.00 24.15 ? 101 SER A N   1 
ATOM   782  C CA  . SER A 1 98  ? 7.583   11.713  8.273   1.00 25.56 ? 101 SER A CA  1 
ATOM   783  C C   . SER A 1 98  ? 7.483   11.972  6.768   1.00 28.83 ? 101 SER A C   1 
ATOM   784  O O   . SER A 1 98  ? 8.373   11.601  6.003   1.00 36.79 ? 101 SER A O   1 
ATOM   785  C CB  . SER A 1 98  ? 8.101   12.967  8.979   1.00 24.59 ? 101 SER A CB  1 
ATOM   786  O OG  . SER A 1 98  ? 7.824   12.916  10.369  1.00 22.45 ? 101 SER A OG  1 
ATOM   787  N N   . LEU A 1 99  ? 6.391   12.622  6.371   1.00 30.87 ? 102 LEU A N   1 
ATOM   788  C CA  . LEU A 1 99  ? 6.091   12.930  4.972   1.00 30.28 ? 102 LEU A CA  1 
ATOM   789  C C   . LEU A 1 99  ? 5.692   14.390  4.819   1.00 25.85 ? 102 LEU A C   1 
ATOM   790  O O   . LEU A 1 99  ? 5.009   14.936  5.677   1.00 27.20 ? 102 LEU A O   1 
ATOM   791  C CB  . LEU A 1 99  ? 4.915   12.066  4.480   1.00 28.64 ? 102 LEU A CB  1 
ATOM   792  C CG  . LEU A 1 99  ? 5.121   11.201  3.240   1.00 26.63 ? 102 LEU A CG  1 
ATOM   793  C CD1 . LEU A 1 99  ? 3.777   10.735  2.687   1.00 31.46 ? 102 LEU A CD1 1 
ATOM   794  C CD2 . LEU A 1 99  ? 5.881   11.986  2.200   1.00 28.12 ? 102 LEU A CD2 1 
ATOM   795  N N   . SER A 1 100 ? 6.096   15.008  3.715   1.00 25.82 ? 103 SER A N   1 
ATOM   796  C CA  . SER A 1 100 ? 5.750   16.399  3.465   1.00 28.63 ? 103 SER A CA  1 
ATOM   797  C C   . SER A 1 100 ? 5.722   16.698  1.972   1.00 30.14 ? 103 SER A C   1 
ATOM   798  O O   . SER A 1 100 ? 6.507   16.148  1.202   1.00 28.48 ? 103 SER A O   1 
ATOM   799  C CB  . SER A 1 100 ? 6.751   17.317  4.158   1.00 35.86 ? 103 SER A CB  1 
ATOM   800  O OG  . SER A 1 100 ? 6.396   18.667  3.974   1.00 45.66 ? 103 SER A OG  1 
ATOM   801  N N   . HIS A 1 101 ? 4.810   17.573  1.566   1.00 34.78 ? 104 HIS A N   1 
ATOM   802  C CA  . HIS A 1 101 ? 4.693   17.948  0.163   1.00 43.05 ? 104 HIS A CA  1 
ATOM   803  C C   . HIS A 1 101 ? 5.943   18.692  -0.323  1.00 49.84 ? 104 HIS A C   1 
ATOM   804  O O   . HIS A 1 101 ? 6.603   18.201  -1.267  1.00 49.97 ? 104 HIS A O   1 
ATOM   805  C CB  . HIS A 1 101 ? 3.462   18.832  -0.039  1.00 42.39 ? 104 HIS A CB  1 
ATOM   806  C CG  . HIS A 1 101 ? 3.327   19.365  -1.431  1.00 43.16 ? 104 HIS A CG  1 
ATOM   807  N ND1 . HIS A 1 101 ? 3.032   18.562  -2.512  1.00 47.56 ? 104 HIS A ND1 1 
ATOM   808  C CD2 . HIS A 1 101 ? 3.497   20.613  -1.925  1.00 45.60 ? 104 HIS A CD2 1 
ATOM   809  C CE1 . HIS A 1 101 ? 3.028   19.292  -3.613  1.00 45.98 ? 104 HIS A CE1 1 
ATOM   810  N NE2 . HIS A 1 101 ? 3.309   20.541  -3.284  1.00 44.39 ? 104 HIS A NE2 1 
ATOM   811  O OXT . HIS A 1 101 ? 6.250   19.764  0.239   1.00 53.67 ? 104 HIS A OXT 1 
ATOM   812  N N   . PRO B 1 1   ? -23.173 0.467   -8.065  1.00 36.75 ? 204 PRO B N   1 
ATOM   813  C CA  . PRO B 1 1   ? -21.864 0.100   -7.512  1.00 33.19 ? 204 PRO B CA  1 
ATOM   814  C C   . PRO B 1 1   ? -20.861 1.197   -7.853  1.00 29.28 ? 204 PRO B C   1 
ATOM   815  O O   . PRO B 1 1   ? -21.071 1.965   -8.788  1.00 27.16 ? 204 PRO B O   1 
ATOM   816  C CB  . PRO B 1 1   ? -21.526 -1.212  -8.242  1.00 34.57 ? 204 PRO B CB  1 
ATOM   817  C CG  . PRO B 1 1   ? -22.801 -1.566  -9.028  1.00 33.45 ? 204 PRO B CG  1 
ATOM   818  C CD  . PRO B 1 1   ? -23.398 -0.238  -9.330  1.00 33.71 ? 204 PRO B CD  1 
ATOM   819  N N   . ALA B 1 2   ? -19.778 1.276   -7.091  1.00 25.14 ? 205 ALA B N   1 
ATOM   820  C CA  . ALA B 1 2   ? -18.746 2.267   -7.356  1.00 21.11 ? 205 ALA B CA  1 
ATOM   821  C C   . ALA B 1 2   ? -17.511 1.514   -7.855  1.00 24.38 ? 205 ALA B C   1 
ATOM   822  O O   . ALA B 1 2   ? -16.974 0.656   -7.152  1.00 30.12 ? 205 ALA B O   1 
ATOM   823  C CB  . ALA B 1 2   ? -18.416 3.037   -6.087  1.00 16.91 ? 205 ALA B CB  1 
ATOM   824  N N   . ALA B 1 3   ? -17.073 1.830   -9.069  1.00 22.93 ? 206 ALA B N   1 
ATOM   825  C CA  . ALA B 1 3   ? -15.903 1.175   -9.648  1.00 18.78 ? 206 ALA B CA  1 
ATOM   826  C C   . ALA B 1 3   ? -14.639 1.548   -8.872  1.00 16.13 ? 206 ALA B C   1 
ATOM   827  O O   . ALA B 1 3   ? -14.490 2.674   -8.425  1.00 20.47 ? 206 ALA B O   1 
ATOM   828  C CB  . ALA B 1 3   ? -15.751 1.574   -11.116 1.00 16.73 ? 206 ALA B CB  1 
ATOM   829  N N   . PRO B 1 4   ? -13.729 0.587   -8.680  1.00 15.79 ? 207 PRO B N   1 
ATOM   830  C CA  . PRO B 1 4   ? -12.490 0.879   -7.955  1.00 14.93 ? 207 PRO B CA  1 
ATOM   831  C C   . PRO B 1 4   ? -11.518 1.745   -8.731  1.00 21.45 ? 207 PRO B C   1 
ATOM   832  O O   . PRO B 1 4   ? -11.535 1.772   -9.963  1.00 17.53 ? 207 PRO B O   1 
ATOM   833  C CB  . PRO B 1 4   ? -11.889 -0.505  -7.715  1.00 21.39 ? 207 PRO B CB  1 
ATOM   834  C CG  . PRO B 1 4   ? -12.408 -1.306  -8.879  1.00 19.63 ? 207 PRO B CG  1 
ATOM   835  C CD  . PRO B 1 4   ? -13.859 -0.857  -8.929  1.00 17.55 ? 207 PRO B CD  1 
ATOM   836  N N   . GLN B 1 5   ? -10.667 2.441   -7.981  1.00 22.60 ? 208 GLN B N   1 
ATOM   837  C CA  . GLN B 1 5   ? -9.608  3.273   -8.533  1.00 19.45 ? 208 GLN B CA  1 
ATOM   838  C C   . GLN B 1 5   ? -8.378  2.383   -8.398  1.00 17.70 ? 208 GLN B C   1 
ATOM   839  O O   . GLN B 1 5   ? -8.069  1.914   -7.302  1.00 17.82 ? 208 GLN B O   1 
ATOM   840  C CB  . GLN B 1 5   ? -9.395  4.524   -7.681  1.00 24.29 ? 208 GLN B CB  1 
ATOM   841  C CG  . GLN B 1 5   ? -10.637 5.349   -7.483  1.00 31.62 ? 208 GLN B CG  1 
ATOM   842  C CD  . GLN B 1 5   ? -11.180 5.864   -8.786  1.00 40.63 ? 208 GLN B CD  1 
ATOM   843  O OE1 . GLN B 1 5   ? -12.389 5.848   -9.015  1.00 51.15 ? 208 GLN B OE1 1 
ATOM   844  N NE2 . GLN B 1 5   ? -10.291 6.335   -9.655  1.00 42.37 ? 208 GLN B NE2 1 
ATOM   845  N N   . VAL B 1 6   ? -7.679  2.149   -9.501  1.00 19.99 ? 209 VAL B N   1 
ATOM   846  C CA  . VAL B 1 6   ? -6.498  1.297   -9.464  1.00 22.00 ? 209 VAL B CA  1 
ATOM   847  C C   . VAL B 1 6   ? -5.215  2.091   -9.674  1.00 15.68 ? 209 VAL B C   1 
ATOM   848  O O   . VAL B 1 6   ? -5.053  2.754   -10.687 1.00 17.80 ? 209 VAL B O   1 
ATOM   849  C CB  . VAL B 1 6   ? -6.598  0.165   -10.526 1.00 19.15 ? 209 VAL B CB  1 
ATOM   850  C CG1 . VAL B 1 6   ? -5.329  -0.696  -10.503 1.00 16.91 ? 209 VAL B CG1 1 
ATOM   851  C CG2 . VAL B 1 6   ? -7.819  -0.701  -10.240 1.00 8.89  ? 209 VAL B CG2 1 
ATOM   852  N N   . TYR B 1 7   ? -4.322  2.032   -8.687  1.00 16.33 ? 210 TYR B N   1 
ATOM   853  C CA  . TYR B 1 7   ? -3.041  2.720   -8.745  1.00 15.91 ? 210 TYR B CA  1 
ATOM   854  C C   . TYR B 1 7   ? -1.941  1.699   -8.533  1.00 14.48 ? 210 TYR B C   1 
ATOM   855  O O   . TYR B 1 7   ? -2.028  0.818   -7.669  1.00 15.19 ? 210 TYR B O   1 
ATOM   856  C CB  . TYR B 1 7   ? -2.933  3.801   -7.668  1.00 19.78 ? 210 TYR B CB  1 
ATOM   857  C CG  . TYR B 1 7   ? -4.038  4.823   -7.704  1.00 19.45 ? 210 TYR B CG  1 
ATOM   858  C CD1 . TYR B 1 7   ? -4.106  5.788   -8.715  1.00 15.04 ? 210 TYR B CD1 1 
ATOM   859  C CD2 . TYR B 1 7   ? -5.035  4.815   -6.726  1.00 22.73 ? 210 TYR B CD2 1 
ATOM   860  C CE1 . TYR B 1 7   ? -5.147  6.719   -8.747  1.00 13.54 ? 210 TYR B CE1 1 
ATOM   861  C CE2 . TYR B 1 7   ? -6.076  5.727   -6.749  1.00 24.07 ? 210 TYR B CE2 1 
ATOM   862  C CZ  . TYR B 1 7   ? -6.133  6.677   -7.753  1.00 24.33 ? 210 TYR B CZ  1 
ATOM   863  O OH  . TYR B 1 7   ? -7.185  7.563   -7.770  1.00 22.79 ? 210 TYR B OH  1 
ATOM   864  N N   . THR B 1 8   ? -0.895  1.844   -9.324  1.00 21.03 ? 211 THR B N   1 
ATOM   865  C CA  . THR B 1 8   ? 0.245   0.952   -9.283  1.00 22.09 ? 211 THR B CA  1 
ATOM   866  C C   . THR B 1 8   ? 1.434   1.725   -8.685  1.00 24.40 ? 211 THR B C   1 
ATOM   867  O O   . THR B 1 8   ? 1.707   2.858   -9.079  1.00 23.56 ? 211 THR B O   1 
ATOM   868  C CB  . THR B 1 8   ? 0.510   0.462   -10.722 1.00 27.91 ? 211 THR B CB  1 
ATOM   869  O OG1 . THR B 1 8   ? 0.389   -0.964  -10.770 1.00 41.30 ? 211 THR B OG1 1 
ATOM   870  C CG2 . THR B 1 8   ? 1.846   0.920   -11.220 1.00 30.14 ? 211 THR B CG2 1 
ATOM   871  N N   . ILE B 1 9   ? 2.138   1.118   -7.731  1.00 21.35 ? 212 ILE B N   1 
ATOM   872  C CA  . ILE B 1 9   ? 3.262   1.787   -7.066  1.00 19.67 ? 212 ILE B CA  1 
ATOM   873  C C   . ILE B 1 9   ? 4.579   1.001   -7.099  1.00 20.08 ? 212 ILE B C   1 
ATOM   874  O O   . ILE B 1 9   ? 4.630   -0.153  -6.679  1.00 20.37 ? 212 ILE B O   1 
ATOM   875  C CB  . ILE B 1 9   ? 2.907   2.065   -5.580  1.00 25.62 ? 212 ILE B CB  1 
ATOM   876  C CG1 . ILE B 1 9   ? 1.676   2.970   -5.497  1.00 29.08 ? 212 ILE B CG1 1 
ATOM   877  C CG2 . ILE B 1 9   ? 4.098   2.681   -4.859  1.00 21.21 ? 212 ILE B CG2 1 
ATOM   878  C CD1 . ILE B 1 9   ? 0.852   2.750   -4.260  1.00 30.12 ? 212 ILE B CD1 1 
ATOM   879  N N   . PRO B 1 10  ? 5.660   1.617   -7.599  1.00 21.52 ? 213 PRO B N   1 
ATOM   880  C CA  . PRO B 1 10  ? 6.988   0.988   -7.685  1.00 18.74 ? 213 PRO B CA  1 
ATOM   881  C C   . PRO B 1 10  ? 7.640   0.870   -6.301  1.00 21.14 ? 213 PRO B C   1 
ATOM   882  O O   . PRO B 1 10  ? 7.162   1.463   -5.337  1.00 23.52 ? 213 PRO B O   1 
ATOM   883  C CB  . PRO B 1 10  ? 7.762   1.931   -8.589  1.00 20.84 ? 213 PRO B CB  1 
ATOM   884  C CG  . PRO B 1 10  ? 7.188   3.254   -8.217  1.00 16.14 ? 213 PRO B CG  1 
ATOM   885  C CD  . PRO B 1 10  ? 5.702   2.963   -8.206  1.00 23.36 ? 213 PRO B CD  1 
ATOM   886  N N   . PRO B 1 11  ? 8.752   0.132   -6.199  1.00 22.43 ? 214 PRO B N   1 
ATOM   887  C CA  . PRO B 1 11  ? 9.461   -0.048  -4.922  1.00 23.72 ? 214 PRO B CA  1 
ATOM   888  C C   . PRO B 1 11  ? 9.966   1.260   -4.300  1.00 21.06 ? 214 PRO B C   1 
ATOM   889  O O   . PRO B 1 11  ? 10.398  2.167   -5.009  1.00 21.17 ? 214 PRO B O   1 
ATOM   890  C CB  . PRO B 1 11  ? 10.609  -0.989  -5.288  1.00 20.05 ? 214 PRO B CB  1 
ATOM   891  C CG  . PRO B 1 11  ? 10.130  -1.669  -6.553  1.00 23.84 ? 214 PRO B CG  1 
ATOM   892  C CD  . PRO B 1 11  ? 9.489   -0.536  -7.286  1.00 23.97 ? 214 PRO B CD  1 
ATOM   893  N N   . PRO B 1 12  ? 9.900   1.382   -2.963  1.00 20.08 ? 215 PRO B N   1 
ATOM   894  C CA  . PRO B 1 12  ? 10.389  2.606   -2.328  1.00 21.14 ? 215 PRO B CA  1 
ATOM   895  C C   . PRO B 1 12  ? 11.897  2.687   -2.572  1.00 26.87 ? 215 PRO B C   1 
ATOM   896  O O   . PRO B 1 12  ? 12.582  1.660   -2.673  1.00 25.78 ? 215 PRO B O   1 
ATOM   897  C CB  . PRO B 1 12  ? 10.042  2.409   -0.853  1.00 15.62 ? 215 PRO B CB  1 
ATOM   898  C CG  . PRO B 1 12  ? 8.829   1.529   -0.899  1.00 9.82  ? 215 PRO B CG  1 
ATOM   899  C CD  . PRO B 1 12  ? 9.208   0.527   -1.983  1.00 15.78 ? 215 PRO B CD  1 
ATOM   900  N N   . LEU B 1 13  ? 12.406  3.907   -2.680  1.00 30.93 ? 216 LEU B N   1 
ATOM   901  C CA  . LEU B 1 13  ? 13.822  4.128   -2.934  1.00 35.80 ? 216 LEU B CA  1 
ATOM   902  C C   . LEU B 1 13  ? 14.723  3.409   -1.932  1.00 34.61 ? 216 LEU B C   1 
ATOM   903  O O   . LEU B 1 13  ? 15.762  2.863   -2.301  1.00 32.26 ? 216 LEU B O   1 
ATOM   904  C CB  . LEU B 1 13  ? 14.111  5.630   -2.922  1.00 45.40 ? 216 LEU B CB  1 
ATOM   905  C CG  . LEU B 1 13  ? 14.938  6.197   -4.081  1.00 61.55 ? 216 LEU B CG  1 
ATOM   906  C CD1 . LEU B 1 13  ? 16.380  5.744   -3.944  1.00 61.42 ? 216 LEU B CD1 1 
ATOM   907  C CD2 . LEU B 1 13  ? 14.334  5.767   -5.420  1.00 67.50 ? 216 LEU B CD2 1 
ATOM   908  N N   . GLU B 1 14  ? 14.302  3.396   -0.671  1.00 33.35 ? 217 GLU B N   1 
ATOM   909  C CA  . GLU B 1 14  ? 15.067  2.772   0.400   1.00 31.00 ? 217 GLU B CA  1 
ATOM   910  C C   . GLU B 1 14  ? 15.068  1.261   0.296   1.00 28.59 ? 217 GLU B C   1 
ATOM   911  O O   . GLU B 1 14  ? 15.822  0.589   0.987   1.00 34.09 ? 217 GLU B O   1 
ATOM   912  C CB  . GLU B 1 14  ? 14.484  3.163   1.752   1.00 33.88 ? 217 GLU B CB  1 
ATOM   913  C CG  . GLU B 1 14  ? 14.250  4.640   1.910   1.00 44.50 ? 217 GLU B CG  1 
ATOM   914  C CD  . GLU B 1 14  ? 12.881  4.929   2.466   1.00 51.31 ? 217 GLU B CD  1 
ATOM   915  O OE1 . GLU B 1 14  ? 11.934  5.083   1.669   1.00 57.97 ? 217 GLU B OE1 1 
ATOM   916  O OE2 . GLU B 1 14  ? 12.755  4.980   3.705   1.00 56.73 ? 217 GLU B OE2 1 
ATOM   917  N N   . GLN B 1 15  ? 14.211  0.720   -0.555  1.00 30.27 ? 218 GLN B N   1 
ATOM   918  C CA  . GLN B 1 15  ? 14.146  -0.722  -0.717  1.00 29.39 ? 218 GLN B CA  1 
ATOM   919  C C   . GLN B 1 15  ? 15.041  -1.170  -1.886  1.00 32.92 ? 218 GLN B C   1 
ATOM   920  O O   . GLN B 1 15  ? 15.224  -2.366  -2.110  1.00 32.64 ? 218 GLN B O   1 
ATOM   921  C CB  . GLN B 1 15  ? 12.687  -1.150  -0.956  1.00 27.71 ? 218 GLN B CB  1 
ATOM   922  C CG  . GLN B 1 15  ? 12.414  -2.655  -0.826  1.00 23.78 ? 218 GLN B CG  1 
ATOM   923  C CD  . GLN B 1 15  ? 10.962  -3.013  -1.145  1.00 24.47 ? 218 GLN B CD  1 
ATOM   924  O OE1 . GLN B 1 15  ? 10.426  -2.608  -2.181  1.00 22.68 ? 218 GLN B OE1 1 
ATOM   925  N NE2 . GLN B 1 15  ? 10.329  -3.790  -0.268  1.00 20.78 ? 218 GLN B NE2 1 
ATOM   926  N N   . MET B 1 16  ? 15.606  -0.211  -2.618  1.00 33.36 ? 219 MET B N   1 
ATOM   927  C CA  . MET B 1 16  ? 16.457  -0.538  -3.767  1.00 34.73 ? 219 MET B CA  1 
ATOM   928  C C   . MET B 1 16  ? 17.849  -1.071  -3.434  1.00 33.79 ? 219 MET B C   1 
ATOM   929  O O   . MET B 1 16  ? 18.632  -1.388  -4.333  1.00 34.08 ? 219 MET B O   1 
ATOM   930  C CB  . MET B 1 16  ? 16.592  0.671   -4.694  1.00 34.12 ? 219 MET B CB  1 
ATOM   931  C CG  . MET B 1 16  ? 15.291  1.071   -5.352  1.00 34.57 ? 219 MET B CG  1 
ATOM   932  S SD  . MET B 1 16  ? 14.515  -0.313  -6.188  1.00 40.11 ? 219 MET B SD  1 
ATOM   933  C CE  . MET B 1 16  ? 15.464  -0.383  -7.684  1.00 34.56 ? 219 MET B CE  1 
ATOM   934  N N   . ALA B 1 17  ? 18.158  -1.174  -2.150  1.00 34.22 ? 220 ALA B N   1 
ATOM   935  C CA  . ALA B 1 17  ? 19.452  -1.686  -1.731  1.00 34.13 ? 220 ALA B CA  1 
ATOM   936  C C   . ALA B 1 17  ? 19.359  -3.184  -1.418  1.00 37.13 ? 220 ALA B C   1 
ATOM   937  O O   . ALA B 1 17  ? 20.380  -3.856  -1.266  1.00 36.35 ? 220 ALA B O   1 
ATOM   938  C CB  . ALA B 1 17  ? 19.944  -0.916  -0.506  1.00 37.68 ? 220 ALA B CB  1 
ATOM   939  N N   . LYS B 1 18  ? 18.130  -3.695  -1.341  1.00 35.99 ? 221 LYS B N   1 
ATOM   940  C CA  . LYS B 1 18  ? 17.876  -5.108  -1.037  1.00 35.48 ? 221 LYS B CA  1 
ATOM   941  C C   . LYS B 1 18  ? 17.830  -5.967  -2.311  1.00 31.52 ? 221 LYS B C   1 
ATOM   942  O O   . LYS B 1 18  ? 17.636  -5.455  -3.414  1.00 34.62 ? 221 LYS B O   1 
ATOM   943  C CB  . LYS B 1 18  ? 16.529  -5.277  -0.305  1.00 37.16 ? 221 LYS B CB  1 
ATOM   944  C CG  . LYS B 1 18  ? 16.130  -4.181  0.682   1.00 47.87 ? 221 LYS B CG  1 
ATOM   945  C CD  . LYS B 1 18  ? 16.919  -4.230  1.983   1.00 61.57 ? 221 LYS B CD  1 
ATOM   946  C CE  . LYS B 1 18  ? 16.000  -4.218  3.204   1.00 66.44 ? 221 LYS B CE  1 
ATOM   947  N NZ  . LYS B 1 18  ? 15.188  -5.462  3.265   1.00 72.71 ? 221 LYS B NZ  1 
ATOM   948  N N   . ASP B 1 19  ? 17.988  -7.279  -2.157  1.00 30.19 ? 222 ASP B N   1 
ATOM   949  C CA  . ASP B 1 19  ? 17.944  -8.173  -3.315  1.00 36.41 ? 222 ASP B CA  1 
ATOM   950  C C   . ASP B 1 19  ? 16.515  -8.475  -3.761  1.00 34.01 ? 222 ASP B C   1 
ATOM   951  O O   . ASP B 1 19  ? 16.281  -8.862  -4.905  1.00 34.72 ? 222 ASP B O   1 
ATOM   952  C CB  . ASP B 1 19  ? 18.689  -9.485  -3.031  1.00 45.08 ? 222 ASP B CB  1 
ATOM   953  C CG  . ASP B 1 19  ? 20.175  -9.275  -2.773  1.00 59.27 ? 222 ASP B CG  1 
ATOM   954  O OD1 . ASP B 1 19  ? 20.745  -8.270  -3.255  1.00 66.67 ? 222 ASP B OD1 1 
ATOM   955  O OD2 . ASP B 1 19  ? 20.779  -10.128 -2.094  1.00 57.46 ? 222 ASP B OD2 1 
ATOM   956  N N   . LEU B 1 20  ? 15.560  -8.299  -2.854  1.00 32.15 ? 223 LEU B N   1 
ATOM   957  C CA  . LEU B 1 20  ? 14.153  -8.523  -3.166  1.00 30.00 ? 223 LEU B CA  1 
ATOM   958  C C   . LEU B 1 20  ? 13.373  -7.213  -3.022  1.00 29.68 ? 223 LEU B C   1 
ATOM   959  O O   . LEU B 1 20  ? 13.509  -6.519  -2.016  1.00 30.76 ? 223 LEU B O   1 
ATOM   960  C CB  . LEU B 1 20  ? 13.543  -9.559  -2.214  1.00 44.38 ? 223 LEU B CB  1 
ATOM   961  C CG  . LEU B 1 20  ? 13.157  -10.947 -2.740  1.00 52.58 ? 223 LEU B CG  1 
ATOM   962  C CD1 . LEU B 1 20  ? 12.645  -10.822 -4.170  1.00 53.19 ? 223 LEU B CD1 1 
ATOM   963  C CD2 . LEU B 1 20  ? 14.351  -11.883 -2.676  1.00 55.83 ? 223 LEU B CD2 1 
ATOM   964  N N   . VAL B 1 21  ? 12.560  -6.868  -4.018  1.00 27.16 ? 224 VAL B N   1 
ATOM   965  C CA  . VAL B 1 21  ? 11.766  -5.649  -3.928  1.00 23.81 ? 224 VAL B CA  1 
ATOM   966  C C   . VAL B 1 21  ? 10.270  -5.979  -3.958  1.00 21.54 ? 224 VAL B C   1 
ATOM   967  O O   . VAL B 1 21  ? 9.886   -7.093  -4.308  1.00 22.07 ? 224 VAL B O   1 
ATOM   968  C CB  . VAL B 1 21  ? 12.112  -4.648  -5.061  1.00 23.15 ? 224 VAL B CB  1 
ATOM   969  C CG1 . VAL B 1 21  ? 13.510  -4.076  -4.841  1.00 23.50 ? 224 VAL B CG1 1 
ATOM   970  C CG2 . VAL B 1 21  ? 12.034  -5.336  -6.412  1.00 15.50 ? 224 VAL B CG2 1 
ATOM   971  N N   . SER B 1 22  ? 9.444   -5.006  -3.593  1.00 18.90 ? 225 SER B N   1 
ATOM   972  C CA  . SER B 1 22  ? 7.989   -5.180  -3.548  1.00 18.95 ? 225 SER B CA  1 
ATOM   973  C C   . SER B 1 22  ? 7.206   -4.156  -4.381  1.00 16.98 ? 225 SER B C   1 
ATOM   974  O O   . SER B 1 22  ? 7.411   -2.951  -4.243  1.00 15.22 ? 225 SER B O   1 
ATOM   975  C CB  . SER B 1 22  ? 7.507   -5.094  -2.089  1.00 19.61 ? 225 SER B CB  1 
ATOM   976  O OG  . SER B 1 22  ? 8.043   -6.134  -1.289  1.00 20.14 ? 225 SER B OG  1 
ATOM   977  N N   . LEU B 1 23  ? 6.308   -4.642  -5.235  1.00 21.25 ? 226 LEU B N   1 
ATOM   978  C CA  . LEU B 1 23  ? 5.466   -3.780  -6.068  1.00 17.13 ? 226 LEU B CA  1 
ATOM   979  C C   . LEU B 1 23  ? 4.078   -3.736  -5.416  1.00 17.80 ? 226 LEU B C   1 
ATOM   980  O O   . LEU B 1 23  ? 3.551   -4.765  -4.962  1.00 13.41 ? 226 LEU B O   1 
ATOM   981  C CB  . LEU B 1 23  ? 5.354   -4.340  -7.489  1.00 17.50 ? 226 LEU B CB  1 
ATOM   982  C CG  . LEU B 1 23  ? 6.656   -4.555  -8.277  1.00 21.83 ? 226 LEU B CG  1 
ATOM   983  C CD1 . LEU B 1 23  ? 6.338   -4.977  -9.707  1.00 24.03 ? 226 LEU B CD1 1 
ATOM   984  C CD2 . LEU B 1 23  ? 7.473   -3.267  -8.285  1.00 22.18 ? 226 LEU B CD2 1 
ATOM   985  N N   . THR B 1 24  ? 3.477   -2.555  -5.370  1.00 17.23 ? 227 THR B N   1 
ATOM   986  C CA  . THR B 1 24  ? 2.171   -2.425  -4.730  1.00 16.87 ? 227 THR B CA  1 
ATOM   987  C C   . THR B 1 24  ? 1.033   -2.013  -5.648  1.00 13.33 ? 227 THR B C   1 
ATOM   988  O O   . THR B 1 24  ? 1.213   -1.152  -6.488  1.00 12.72 ? 227 THR B O   1 
ATOM   989  C CB  . THR B 1 24  ? 2.214   -1.380  -3.577  1.00 14.63 ? 227 THR B CB  1 
ATOM   990  O OG1 . THR B 1 24  ? 3.211   -1.753  -2.615  1.00 14.13 ? 227 THR B OG1 1 
ATOM   991  C CG2 . THR B 1 24  ? 0.844   -1.302  -2.888  1.00 14.95 ? 227 THR B CG2 1 
ATOM   992  N N   . CYS B 1 25  ? -0.134  -2.639  -5.504  1.00 18.37 ? 228 CYS B N   1 
ATOM   993  C CA  . CYS B 1 25  ? -1.298  -2.231  -6.284  1.00 16.89 ? 228 CYS B CA  1 
ATOM   994  C C   . CYS B 1 25  ? -2.296  -1.749  -5.235  1.00 15.08 ? 228 CYS B C   1 
ATOM   995  O O   . CYS B 1 25  ? -2.706  -2.499  -4.341  1.00 18.09 ? 228 CYS B O   1 
ATOM   996  C CB  . CYS B 1 25  ? -1.890  -3.372  -7.117  1.00 13.87 ? 228 CYS B CB  1 
ATOM   997  S SG  . CYS B 1 25  ? -3.083  -2.720  -8.336  1.00 18.85 ? 228 CYS B SG  1 
ATOM   998  N N   . MET B 1 26  ? -2.623  -0.466  -5.329  1.00 16.82 ? 229 MET B N   1 
ATOM   999  C CA  . MET B 1 26  ? -3.527  0.204   -4.412  1.00 16.67 ? 229 MET B CA  1 
ATOM   1000 C C   . MET B 1 26  ? -4.882  0.332   -5.115  1.00 16.22 ? 229 MET B C   1 
ATOM   1001 O O   . MET B 1 26  ? -4.985  0.959   -6.166  1.00 15.21 ? 229 MET B O   1 
ATOM   1002 C CB  . MET B 1 26  ? -2.939  1.576   -4.066  1.00 17.77 ? 229 MET B CB  1 
ATOM   1003 C CG  . MET B 1 26  ? -3.776  2.433   -3.145  1.00 24.33 ? 229 MET B CG  1 
ATOM   1004 S SD  . MET B 1 26  ? -2.955  4.024   -2.846  1.00 26.49 ? 229 MET B SD  1 
ATOM   1005 C CE  . MET B 1 26  ? -3.913  4.631   -1.475  1.00 31.58 ? 229 MET B CE  1 
ATOM   1006 N N   . ILE B 1 27  ? -5.902  -0.280  -4.518  1.00 16.17 ? 230 ILE B N   1 
ATOM   1007 C CA  . ILE B 1 27  ? -7.256  -0.310  -5.065  1.00 15.08 ? 230 ILE B CA  1 
ATOM   1008 C C   . ILE B 1 27  ? -8.210  0.311   -4.048  1.00 15.57 ? 230 ILE B C   1 
ATOM   1009 O O   . ILE B 1 27  ? -8.410  -0.221  -2.961  1.00 15.77 ? 230 ILE B O   1 
ATOM   1010 C CB  . ILE B 1 27  ? -7.668  -1.770  -5.369  1.00 16.32 ? 230 ILE B CB  1 
ATOM   1011 C CG1 . ILE B 1 27  ? -6.591  -2.416  -6.256  1.00 11.53 ? 230 ILE B CG1 1 
ATOM   1012 C CG2 . ILE B 1 27  ? -9.046  -1.798  -6.028  1.00 18.89 ? 230 ILE B CG2 1 
ATOM   1013 C CD1 . ILE B 1 27  ? -6.471  -3.919  -6.126  1.00 13.23 ? 230 ILE B CD1 1 
ATOM   1014 N N   . THR B 1 28  ? -8.807  1.437   -4.419  1.00 12.50 ? 231 THR B N   1 
ATOM   1015 C CA  . THR B 1 28  ? -9.670  2.151   -3.498  1.00 15.87 ? 231 THR B CA  1 
ATOM   1016 C C   . THR B 1 28  ? -11.026 2.608   -4.042  1.00 18.25 ? 231 THR B C   1 
ATOM   1017 O O   . THR B 1 28  ? -11.316 2.500   -5.233  1.00 18.24 ? 231 THR B O   1 
ATOM   1018 C CB  . THR B 1 28  ? -8.927  3.399   -2.986  1.00 20.32 ? 231 THR B CB  1 
ATOM   1019 O OG1 . THR B 1 28  ? -8.684  4.291   -4.087  1.00 21.87 ? 231 THR B OG1 1 
ATOM   1020 C CG2 . THR B 1 28  ? -7.588  3.006   -2.383  1.00 21.23 ? 231 THR B CG2 1 
ATOM   1021 N N   . ASP B 1 29  ? -11.842 3.115   -3.123  1.00 19.03 ? 232 ASP B N   1 
ATOM   1022 C CA  . ASP B 1 29  ? -13.158 3.665   -3.419  1.00 17.09 ? 232 ASP B CA  1 
ATOM   1023 C C   . ASP B 1 29  ? -14.157 2.775   -4.157  1.00 18.28 ? 232 ASP B C   1 
ATOM   1024 O O   . ASP B 1 29  ? -14.914 3.274   -4.987  1.00 17.87 ? 232 ASP B O   1 
ATOM   1025 C CB  . ASP B 1 29  ? -12.966 4.961   -4.200  1.00 24.03 ? 232 ASP B CB  1 
ATOM   1026 C CG  . ASP B 1 29  ? -12.061 5.942   -3.479  1.00 26.63 ? 232 ASP B CG  1 
ATOM   1027 O OD1 . ASP B 1 29  ? -12.486 6.496   -2.448  1.00 29.47 ? 232 ASP B OD1 1 
ATOM   1028 O OD2 . ASP B 1 29  ? -10.924 6.155   -3.937  1.00 35.87 ? 232 ASP B OD2 1 
ATOM   1029 N N   . PHE B 1 30  ? -14.176 1.474   -3.874  1.00 15.87 ? 233 PHE B N   1 
ATOM   1030 C CA  . PHE B 1 30  ? -15.134 0.600   -4.545  1.00 11.80 ? 233 PHE B CA  1 
ATOM   1031 C C   . PHE B 1 30  ? -16.242 0.072   -3.617  1.00 17.72 ? 233 PHE B C   1 
ATOM   1032 O O   . PHE B 1 30  ? -16.138 0.165   -2.392  1.00 14.73 ? 233 PHE B O   1 
ATOM   1033 C CB  . PHE B 1 30  ? -14.407 -0.560  -5.248  1.00 16.46 ? 233 PHE B CB  1 
ATOM   1034 C CG  . PHE B 1 30  ? -13.649 -1.490  -4.322  1.00 17.13 ? 233 PHE B CG  1 
ATOM   1035 C CD1 . PHE B 1 30  ? -14.290 -2.571  -3.730  1.00 10.32 ? 233 PHE B CD1 1 
ATOM   1036 C CD2 . PHE B 1 30  ? -12.281 -1.308  -4.093  1.00 9.72  ? 233 PHE B CD2 1 
ATOM   1037 C CE1 . PHE B 1 30  ? -13.586 -3.474  -2.924  1.00 10.85 ? 233 PHE B CE1 1 
ATOM   1038 C CE2 . PHE B 1 30  ? -11.561 -2.206  -3.283  1.00 11.20 ? 233 PHE B CE2 1 
ATOM   1039 C CZ  . PHE B 1 30  ? -12.217 -3.291  -2.700  1.00 11.86 ? 233 PHE B CZ  1 
ATOM   1040 N N   . PHE B 1 31  ? -17.318 -0.441  -4.226  1.00 21.92 ? 234 PHE B N   1 
ATOM   1041 C CA  . PHE B 1 31  ? -18.475 -1.023  -3.520  1.00 19.83 ? 234 PHE B CA  1 
ATOM   1042 C C   . PHE B 1 31  ? -19.231 -1.868  -4.547  1.00 17.08 ? 234 PHE B C   1 
ATOM   1043 O O   . PHE B 1 31  ? -19.469 -1.412  -5.672  1.00 18.74 ? 234 PHE B O   1 
ATOM   1044 C CB  . PHE B 1 31  ? -19.418 0.063   -2.967  1.00 18.08 ? 234 PHE B CB  1 
ATOM   1045 C CG  . PHE B 1 31  ? -20.499 -0.476  -2.042  1.00 22.15 ? 234 PHE B CG  1 
ATOM   1046 C CD1 . PHE B 1 31  ? -20.292 -0.542  -0.664  1.00 19.23 ? 234 PHE B CD1 1 
ATOM   1047 C CD2 . PHE B 1 31  ? -21.704 -0.960  -2.556  1.00 20.40 ? 234 PHE B CD2 1 
ATOM   1048 C CE1 . PHE B 1 31  ? -21.265 -1.082  0.192   1.00 20.32 ? 234 PHE B CE1 1 
ATOM   1049 C CE2 . PHE B 1 31  ? -22.687 -1.504  -1.711  1.00 18.72 ? 234 PHE B CE2 1 
ATOM   1050 C CZ  . PHE B 1 31  ? -22.467 -1.568  -0.331  1.00 12.90 ? 234 PHE B CZ  1 
ATOM   1051 N N   . PRO B 1 32  ? -19.629 -3.104  -4.174  1.00 16.55 ? 235 PRO B N   1 
ATOM   1052 C CA  . PRO B 1 32  ? -19.434 -3.782  -2.878  1.00 17.60 ? 235 PRO B CA  1 
ATOM   1053 C C   . PRO B 1 32  ? -18.031 -4.361  -2.637  1.00 19.07 ? 235 PRO B C   1 
ATOM   1054 O O   . PRO B 1 32  ? -17.126 -4.169  -3.451  1.00 18.68 ? 235 PRO B O   1 
ATOM   1055 C CB  . PRO B 1 32  ? -20.511 -4.863  -2.900  1.00 18.02 ? 235 PRO B CB  1 
ATOM   1056 C CG  . PRO B 1 32  ? -20.505 -5.273  -4.343  1.00 15.15 ? 235 PRO B CG  1 
ATOM   1057 C CD  . PRO B 1 32  ? -20.447 -3.935  -5.078  1.00 15.60 ? 235 PRO B CD  1 
ATOM   1058 N N   . GLU B 1 33  ? -17.868 -5.067  -1.515  1.00 22.61 ? 236 GLU B N   1 
ATOM   1059 C CA  . GLU B 1 33  ? -16.584 -5.661  -1.133  1.00 29.20 ? 236 GLU B CA  1 
ATOM   1060 C C   . GLU B 1 33  ? -16.052 -6.802  -2.004  1.00 29.32 ? 236 GLU B C   1 
ATOM   1061 O O   . GLU B 1 33  ? -14.850 -7.049  -2.007  1.00 30.99 ? 236 GLU B O   1 
ATOM   1062 C CB  . GLU B 1 33  ? -16.608 -6.174  0.322   1.00 25.28 ? 236 GLU B CB  1 
ATOM   1063 C CG  . GLU B 1 33  ? -17.790 -5.772  1.171   1.00 33.63 ? 236 GLU B CG  1 
ATOM   1064 C CD  . GLU B 1 33  ? -19.028 -6.552  0.836   1.00 32.60 ? 236 GLU B CD  1 
ATOM   1065 O OE1 . GLU B 1 33  ? -18.949 -7.795  0.800   1.00 35.49 ? 236 GLU B OE1 1 
ATOM   1066 O OE2 . GLU B 1 33  ? -20.081 -5.925  0.627   1.00 40.75 ? 236 GLU B OE2 1 
ATOM   1067 N N   . ASP B 1 34  ? -16.933 -7.509  -2.708  1.00 24.76 ? 237 ASP B N   1 
ATOM   1068 C CA  . ASP B 1 34  ? -16.514 -8.618  -3.569  1.00 25.98 ? 237 ASP B CA  1 
ATOM   1069 C C   . ASP B 1 34  ? -15.578 -8.137  -4.676  1.00 21.87 ? 237 ASP B C   1 
ATOM   1070 O O   . ASP B 1 34  ? -15.941 -7.277  -5.477  1.00 24.64 ? 237 ASP B O   1 
ATOM   1071 C CB  . ASP B 1 34  ? -17.735 -9.289  -4.197  1.00 30.20 ? 237 ASP B CB  1 
ATOM   1072 C CG  . ASP B 1 34  ? -18.629 -9.957  -3.171  1.00 43.60 ? 237 ASP B CG  1 
ATOM   1073 O OD1 . ASP B 1 34  ? -19.861 -9.777  -3.254  1.00 46.28 ? 237 ASP B OD1 1 
ATOM   1074 O OD2 . ASP B 1 34  ? -18.105 -10.671 -2.286  1.00 45.10 ? 237 ASP B OD2 1 
ATOM   1075 N N   . ILE B 1 35  ? -14.375 -8.696  -4.720  1.00 20.26 ? 238 ILE B N   1 
ATOM   1076 C CA  . ILE B 1 35  ? -13.403 -8.303  -5.731  1.00 18.37 ? 238 ILE B CA  1 
ATOM   1077 C C   . ILE B 1 35  ? -12.331 -9.392  -5.899  1.00 20.38 ? 238 ILE B C   1 
ATOM   1078 O O   . ILE B 1 35  ? -12.146 -10.231 -5.016  1.00 19.91 ? 238 ILE B O   1 
ATOM   1079 C CB  . ILE B 1 35  ? -12.754 -6.939  -5.330  1.00 18.38 ? 238 ILE B CB  1 
ATOM   1080 C CG1 . ILE B 1 35  ? -11.867 -6.402  -6.462  1.00 15.28 ? 238 ILE B CG1 1 
ATOM   1081 C CG2 . ILE B 1 35  ? -11.937 -7.103  -4.037  1.00 15.95 ? 238 ILE B CG2 1 
ATOM   1082 C CD1 . ILE B 1 35  ? -11.430 -4.953  -6.241  1.00 12.10 ? 238 ILE B CD1 1 
ATOM   1083 N N   . THR B 1 36  ? -11.645 -9.394  -7.040  1.00 22.62 ? 239 THR B N   1 
ATOM   1084 C CA  . THR B 1 36  ? -10.583 -10.370 -7.289  1.00 19.87 ? 239 THR B CA  1 
ATOM   1085 C C   . THR B 1 36  ? -9.366  -9.632  -7.836  1.00 18.88 ? 239 THR B C   1 
ATOM   1086 O O   . THR B 1 36  ? -9.469  -8.845  -8.779  1.00 21.20 ? 239 THR B O   1 
ATOM   1087 C CB  . THR B 1 36  ? -11.030 -11.480 -8.295  1.00 22.52 ? 239 THR B CB  1 
ATOM   1088 O OG1 . THR B 1 36  ? -12.140 -12.205 -7.746  1.00 20.93 ? 239 THR B OG1 1 
ATOM   1089 C CG2 . THR B 1 36  ? -9.897  -12.465 -8.558  1.00 14.93 ? 239 THR B CG2 1 
ATOM   1090 N N   . VAL B 1 37  ? -8.215  -9.872  -7.222  1.00 18.00 ? 240 VAL B N   1 
ATOM   1091 C CA  . VAL B 1 37  ? -6.985  -9.222  -7.649  1.00 21.06 ? 240 VAL B CA  1 
ATOM   1092 C C   . VAL B 1 37  ? -5.921  -10.257 -7.974  1.00 18.05 ? 240 VAL B C   1 
ATOM   1093 O O   . VAL B 1 37  ? -5.706  -11.189 -7.201  1.00 18.95 ? 240 VAL B O   1 
ATOM   1094 C CB  . VAL B 1 37  ? -6.424  -8.288  -6.551  1.00 20.63 ? 240 VAL B CB  1 
ATOM   1095 C CG1 . VAL B 1 37  ? -5.250  -7.486  -7.103  1.00 17.82 ? 240 VAL B CG1 1 
ATOM   1096 C CG2 . VAL B 1 37  ? -7.519  -7.374  -6.034  1.00 17.79 ? 240 VAL B CG2 1 
ATOM   1097 N N   . GLU B 1 38  ? -5.249  -10.068 -9.107  1.00 18.44 ? 241 GLU B N   1 
ATOM   1098 C CA  . GLU B 1 38  ? -4.197  -10.976 -9.548  1.00 20.85 ? 241 GLU B CA  1 
ATOM   1099 C C   . GLU B 1 38  ? -3.060  -10.194 -10.190 1.00 16.80 ? 241 GLU B C   1 
ATOM   1100 O O   . GLU B 1 38  ? -3.263  -9.083  -10.669 1.00 18.03 ? 241 GLU B O   1 
ATOM   1101 C CB  . GLU B 1 38  ? -4.749  -11.968 -10.582 1.00 25.91 ? 241 GLU B CB  1 
ATOM   1102 C CG  . GLU B 1 38  ? -5.870  -12.856 -10.077 1.00 40.20 ? 241 GLU B CG  1 
ATOM   1103 C CD  . GLU B 1 38  ? -6.392  -13.797 -11.152 1.00 53.16 ? 241 GLU B CD  1 
ATOM   1104 O OE1 . GLU B 1 38  ? -7.299  -14.598 -10.843 1.00 63.65 ? 241 GLU B OE1 1 
ATOM   1105 O OE2 . GLU B 1 38  ? -5.902  -13.735 -12.302 1.00 47.61 ? 241 GLU B OE2 1 
ATOM   1106 N N   . TRP B 1 39  ? -1.865  -10.777 -10.197 1.00 18.22 ? 242 TRP B N   1 
ATOM   1107 C CA  . TRP B 1 39  ? -0.700  -10.136 -10.816 1.00 22.32 ? 242 TRP B CA  1 
ATOM   1108 C C   . TRP B 1 39  ? -0.185  -10.982 -11.984 1.00 28.01 ? 242 TRP B C   1 
ATOM   1109 O O   . TRP B 1 39  ? -0.306  -12.204 -11.972 1.00 26.45 ? 242 TRP B O   1 
ATOM   1110 C CB  . TRP B 1 39  ? 0.452   -9.969  -9.817  1.00 23.30 ? 242 TRP B CB  1 
ATOM   1111 C CG  . TRP B 1 39  ? 0.387   -8.777  -8.906  1.00 17.17 ? 242 TRP B CG  1 
ATOM   1112 C CD1 . TRP B 1 39  ? -0.107  -8.747  -7.632  1.00 17.18 ? 242 TRP B CD1 1 
ATOM   1113 C CD2 . TRP B 1 39  ? 0.906   -7.460  -9.168  1.00 18.24 ? 242 TRP B CD2 1 
ATOM   1114 N NE1 . TRP B 1 39  ? 0.079   -7.494  -7.082  1.00 18.27 ? 242 TRP B NE1 1 
ATOM   1115 C CE2 . TRP B 1 39  ? 0.698   -6.688  -8.000  1.00 19.75 ? 242 TRP B CE2 1 
ATOM   1116 C CE3 . TRP B 1 39  ? 1.531   -6.858  -10.274 1.00 17.57 ? 242 TRP B CE3 1 
ATOM   1117 C CZ2 . TRP B 1 39  ? 1.087   -5.341  -7.909  1.00 16.60 ? 242 TRP B CZ2 1 
ATOM   1118 C CZ3 . TRP B 1 39  ? 1.921   -5.512  -10.183 1.00 15.46 ? 242 TRP B CZ3 1 
ATOM   1119 C CH2 . TRP B 1 39  ? 1.700   -4.775  -9.002  1.00 18.37 ? 242 TRP B CH2 1 
ATOM   1120 N N   . GLN B 1 40  ? 0.396   -10.321 -12.984 1.00 28.70 ? 243 GLN B N   1 
ATOM   1121 C CA  . GLN B 1 40  ? 0.972   -11.007 -14.142 1.00 24.47 ? 243 GLN B CA  1 
ATOM   1122 C C   . GLN B 1 40  ? 2.377   -10.476 -14.421 1.00 23.05 ? 243 GLN B C   1 
ATOM   1123 O O   . GLN B 1 40  ? 2.670   -9.298  -14.176 1.00 21.41 ? 243 GLN B O   1 
ATOM   1124 C CB  . GLN B 1 40  ? 0.119   -10.805 -15.392 1.00 22.28 ? 243 GLN B CB  1 
ATOM   1125 C CG  . GLN B 1 40  ? -1.198  -11.549 -15.417 1.00 29.98 ? 243 GLN B CG  1 
ATOM   1126 C CD  . GLN B 1 40  ? -1.964  -11.278 -16.694 1.00 43.41 ? 243 GLN B CD  1 
ATOM   1127 O OE1 . GLN B 1 40  ? -2.181  -10.123 -17.066 1.00 45.55 ? 243 GLN B OE1 1 
ATOM   1128 N NE2 . GLN B 1 40  ? -2.381  -12.337 -17.372 1.00 53.12 ? 243 GLN B NE2 1 
ATOM   1129 N N   . TRP B 1 41  ? 3.229   -11.357 -14.943 1.00 20.31 ? 244 TRP B N   1 
ATOM   1130 C CA  . TRP B 1 41  ? 4.614   -11.047 -15.296 1.00 24.54 ? 244 TRP B CA  1 
ATOM   1131 C C   . TRP B 1 41  ? 4.754   -11.310 -16.800 1.00 26.84 ? 244 TRP B C   1 
ATOM   1132 O O   . TRP B 1 41  ? 4.733   -12.461 -17.240 1.00 29.50 ? 244 TRP B O   1 
ATOM   1133 C CB  . TRP B 1 41  ? 5.566   -11.954 -14.518 1.00 29.74 ? 244 TRP B CB  1 
ATOM   1134 C CG  . TRP B 1 41  ? 7.000   -11.809 -14.924 1.00 32.16 ? 244 TRP B CG  1 
ATOM   1135 C CD1 . TRP B 1 41  ? 7.830   -10.767 -14.642 1.00 37.11 ? 244 TRP B CD1 1 
ATOM   1136 C CD2 . TRP B 1 41  ? 7.763   -12.725 -15.718 1.00 36.53 ? 244 TRP B CD2 1 
ATOM   1137 N NE1 . TRP B 1 41  ? 9.067   -10.974 -15.207 1.00 34.53 ? 244 TRP B NE1 1 
ATOM   1138 C CE2 . TRP B 1 41  ? 9.053   -12.171 -15.875 1.00 40.65 ? 244 TRP B CE2 1 
ATOM   1139 C CE3 . TRP B 1 41  ? 7.483   -13.963 -16.314 1.00 37.72 ? 244 TRP B CE3 1 
ATOM   1140 C CZ2 . TRP B 1 41  ? 10.062  -12.806 -16.606 1.00 45.86 ? 244 TRP B CZ2 1 
ATOM   1141 C CZ3 . TRP B 1 41  ? 8.491   -14.597 -17.045 1.00 40.98 ? 244 TRP B CZ3 1 
ATOM   1142 C CH2 . TRP B 1 41  ? 9.766   -14.017 -17.177 1.00 42.93 ? 244 TRP B CH2 1 
ATOM   1143 N N   . ASN B 1 42  ? 4.893   -10.237 -17.574 1.00 28.48 ? 245 ASN B N   1 
ATOM   1144 C CA  . ASN B 1 42  ? 4.992   -10.311 -19.033 1.00 31.54 ? 245 ASN B CA  1 
ATOM   1145 C C   . ASN B 1 42  ? 3.823   -11.069 -19.648 1.00 32.47 ? 245 ASN B C   1 
ATOM   1146 O O   . ASN B 1 42  ? 3.995   -11.798 -20.623 1.00 40.70 ? 245 ASN B O   1 
ATOM   1147 C CB  . ASN B 1 42  ? 6.305   -10.967 -19.486 1.00 33.74 ? 245 ASN B CB  1 
ATOM   1148 C CG  . ASN B 1 42  ? 7.529   -10.162 -19.096 1.00 39.05 ? 245 ASN B CG  1 
ATOM   1149 O OD1 . ASN B 1 42  ? 7.482   -8.933  -19.007 1.00 43.06 ? 245 ASN B OD1 1 
ATOM   1150 N ND2 . ASN B 1 42  ? 8.640   -10.853 -18.880 1.00 40.66 ? 245 ASN B ND2 1 
ATOM   1151 N N   . GLY B 1 43  ? 2.635   -10.904 -19.076 1.00 32.43 ? 246 GLY B N   1 
ATOM   1152 C CA  . GLY B 1 43  ? 1.463   -11.582 -19.603 1.00 32.26 ? 246 GLY B CA  1 
ATOM   1153 C C   . GLY B 1 43  ? 1.173   -12.932 -18.967 1.00 37.77 ? 246 GLY B C   1 
ATOM   1154 O O   . GLY B 1 43  ? 0.068   -13.457 -19.097 1.00 44.43 ? 246 GLY B O   1 
ATOM   1155 N N   . GLN B 1 44  ? 2.165   -13.499 -18.281 1.00 41.89 ? 247 GLN B N   1 
ATOM   1156 C CA  . GLN B 1 44  ? 2.004   -14.792 -17.617 1.00 36.86 ? 247 GLN B CA  1 
ATOM   1157 C C   . GLN B 1 44  ? 1.603   -14.627 -16.151 1.00 36.31 ? 247 GLN B C   1 
ATOM   1158 O O   . GLN B 1 44  ? 1.884   -13.605 -15.532 1.00 31.22 ? 247 GLN B O   1 
ATOM   1159 C CB  . GLN B 1 44  ? 3.291   -15.613 -17.739 1.00 35.75 ? 247 GLN B CB  1 
ATOM   1160 C CG  . GLN B 1 44  ? 3.170   -16.725 -18.765 1.00 33.49 ? 247 GLN B CG  1 
ATOM   1161 C CD  . GLN B 1 44  ? 4.397   -16.869 -19.634 1.00 32.51 ? 247 GLN B CD  1 
ATOM   1162 O OE1 . GLN B 1 44  ? 4.286   -17.081 -20.841 1.00 31.86 ? 247 GLN B OE1 1 
ATOM   1163 N NE2 . GLN B 1 44  ? 5.575   -16.770 -19.028 1.00 31.86 ? 247 GLN B NE2 1 
ATOM   1164 N N   . PRO B 1 45  ? 0.927   -15.637 -15.581 1.00 37.04 ? 248 PRO B N   1 
ATOM   1165 C CA  . PRO B 1 45  ? 0.474   -15.613 -14.187 1.00 35.06 ? 248 PRO B CA  1 
ATOM   1166 C C   . PRO B 1 45  ? 1.628   -15.614 -13.186 1.00 34.19 ? 248 PRO B C   1 
ATOM   1167 O O   . PRO B 1 45  ? 2.543   -16.429 -13.284 1.00 34.64 ? 248 PRO B O   1 
ATOM   1168 C CB  . PRO B 1 45  ? -0.386  -16.875 -14.079 1.00 32.86 ? 248 PRO B CB  1 
ATOM   1169 C CG  . PRO B 1 45  ? -0.801  -17.144 -15.505 1.00 39.64 ? 248 PRO B CG  1 
ATOM   1170 C CD  . PRO B 1 45  ? 0.470   -16.865 -16.249 1.00 41.63 ? 248 PRO B CD  1 
ATOM   1171 N N   . ALA B 1 46  ? 1.587   -14.683 -12.239 1.00 32.61 ? 249 ALA B N   1 
ATOM   1172 C CA  . ALA B 1 46  ? 2.613   -14.593 -11.207 1.00 32.97 ? 249 ALA B CA  1 
ATOM   1173 C C   . ALA B 1 46  ? 2.043   -15.329 -9.997  1.00 36.03 ? 249 ALA B C   1 
ATOM   1174 O O   . ALA B 1 46  ? 0.834   -15.558 -9.932  1.00 44.21 ? 249 ALA B O   1 
ATOM   1175 C CB  . ALA B 1 46  ? 2.897   -13.127 -10.869 1.00 27.94 ? 249 ALA B CB  1 
ATOM   1176 N N   . GLU B 1 47  ? 2.894   -15.704 -9.047  1.00 40.77 ? 250 GLU B N   1 
ATOM   1177 C CA  . GLU B 1 47  ? 2.429   -16.436 -7.866  1.00 41.70 ? 250 GLU B CA  1 
ATOM   1178 C C   . GLU B 1 47  ? 2.856   -15.905 -6.493  1.00 36.62 ? 250 GLU B C   1 
ATOM   1179 O O   . GLU B 1 47  ? 2.196   -16.193 -5.490  1.00 36.08 ? 250 GLU B O   1 
ATOM   1180 C CB  . GLU B 1 47  ? 2.838   -17.912 -7.972  1.00 49.19 ? 250 GLU B CB  1 
ATOM   1181 C CG  . GLU B 1 47  ? 4.085   -18.152 -8.812  1.00 65.01 ? 250 GLU B CG  1 
ATOM   1182 C CD  . GLU B 1 47  ? 4.703   -19.512 -8.565  1.00 71.67 ? 250 GLU B CD  1 
ATOM   1183 O OE1 . GLU B 1 47  ? 3.949   -20.477 -8.316  1.00 75.50 ? 250 GLU B OE1 1 
ATOM   1184 O OE2 . GLU B 1 47  ? 5.946   -19.619 -8.633  1.00 74.64 ? 250 GLU B OE2 1 
ATOM   1185 N N   . ASN B 1 48  ? 3.946   -15.146 -6.430  1.00 26.29 ? 251 ASN B N   1 
ATOM   1186 C CA  . ASN B 1 48  ? 4.402   -14.629 -5.136  1.00 24.49 ? 251 ASN B CA  1 
ATOM   1187 C C   . ASN B 1 48  ? 3.795   -13.281 -4.742  1.00 23.67 ? 251 ASN B C   1 
ATOM   1188 O O   . ASN B 1 48  ? 4.509   -12.282 -4.591  1.00 21.35 ? 251 ASN B O   1 
ATOM   1189 C CB  . ASN B 1 48  ? 5.929   -14.517 -5.107  1.00 22.91 ? 251 ASN B CB  1 
ATOM   1190 C CG  . ASN B 1 48  ? 6.622   -15.859 -5.293  1.00 27.11 ? 251 ASN B CG  1 
ATOM   1191 O OD1 . ASN B 1 48  ? 7.615   -15.946 -6.006  1.00 38.31 ? 251 ASN B OD1 1 
ATOM   1192 N ND2 . ASN B 1 48  ? 6.113   -16.903 -4.638  1.00 26.13 ? 251 ASN B ND2 1 
ATOM   1193 N N   . TYR B 1 49  ? 2.477   -13.255 -4.585  1.00 18.02 ? 252 TYR B N   1 
ATOM   1194 C CA  . TYR B 1 49  ? 1.791   -12.042 -4.162  1.00 22.67 ? 252 TYR B CA  1 
ATOM   1195 C C   . TYR B 1 49  ? 0.750   -12.414 -3.104  1.00 20.69 ? 252 TYR B C   1 
ATOM   1196 O O   . TYR B 1 49  ? 0.299   -13.560 -3.039  1.00 19.92 ? 252 TYR B O   1 
ATOM   1197 C CB  . TYR B 1 49  ? 1.100   -11.348 -5.343  1.00 19.00 ? 252 TYR B CB  1 
ATOM   1198 C CG  . TYR B 1 49  ? -0.065  -12.118 -5.915  1.00 17.20 ? 252 TYR B CG  1 
ATOM   1199 C CD1 . TYR B 1 49  ? 0.102   -12.961 -7.010  1.00 23.06 ? 252 TYR B CD1 1 
ATOM   1200 C CD2 . TYR B 1 49  ? -1.336  -12.011 -5.352  1.00 17.45 ? 252 TYR B CD2 1 
ATOM   1201 C CE1 . TYR B 1 49  ? -0.967  -13.675 -7.533  1.00 23.10 ? 252 TYR B CE1 1 
ATOM   1202 C CE2 . TYR B 1 49  ? -2.409  -12.729 -5.861  1.00 15.64 ? 252 TYR B CE2 1 
ATOM   1203 C CZ  . TYR B 1 49  ? -2.220  -13.556 -6.952  1.00 20.87 ? 252 TYR B CZ  1 
ATOM   1204 O OH  . TYR B 1 49  ? -3.285  -14.264 -7.467  1.00 25.89 ? 252 TYR B OH  1 
ATOM   1205 N N   . LYS B 1 50  ? 0.384   -11.437 -2.278  1.00 20.82 ? 253 LYS B N   1 
ATOM   1206 C CA  . LYS B 1 50  ? -0.606  -11.609 -1.220  1.00 16.21 ? 253 LYS B CA  1 
ATOM   1207 C C   . LYS B 1 50  ? -1.538  -10.397 -1.208  1.00 15.11 ? 253 LYS B C   1 
ATOM   1208 O O   . LYS B 1 50  ? -1.073  -9.264  -1.273  1.00 18.35 ? 253 LYS B O   1 
ATOM   1209 C CB  . LYS B 1 50  ? 0.081   -11.709 0.148   1.00 15.04 ? 253 LYS B CB  1 
ATOM   1210 C CG  . LYS B 1 50  ? 1.018   -12.887 0.303   1.00 15.57 ? 253 LYS B CG  1 
ATOM   1211 C CD  . LYS B 1 50  ? 0.242   -14.193 0.398   1.00 20.87 ? 253 LYS B CD  1 
ATOM   1212 C CE  . LYS B 1 50  ? 1.193   -15.377 0.465   1.00 17.76 ? 253 LYS B CE  1 
ATOM   1213 N NZ  . LYS B 1 50  ? 1.898   -15.543 -0.837  1.00 13.90 ? 253 LYS B NZ  1 
ATOM   1214 N N   . ASN B 1 51  ? -2.845  -10.638 -1.119  1.00 18.96 ? 254 ASN B N   1 
ATOM   1215 C CA  . ASN B 1 51  ? -3.840  -9.557  -1.076  1.00 18.58 ? 254 ASN B CA  1 
ATOM   1216 C C   . ASN B 1 51  ? -4.356  -9.414  0.357   1.00 19.49 ? 254 ASN B C   1 
ATOM   1217 O O   . ASN B 1 51  ? -4.542  -10.411 1.056   1.00 16.32 ? 254 ASN B O   1 
ATOM   1218 C CB  . ASN B 1 51  ? -5.058  -9.885  -1.952  1.00 16.24 ? 254 ASN B CB  1 
ATOM   1219 C CG  . ASN B 1 51  ? -4.703  -10.155 -3.412  1.00 11.08 ? 254 ASN B CG  1 
ATOM   1220 O OD1 . ASN B 1 51  ? -5.403  -10.905 -4.091  1.00 21.66 ? 254 ASN B OD1 1 
ATOM   1221 N ND2 . ASN B 1 51  ? -3.638  -9.540  -3.898  1.00 16.10 ? 254 ASN B ND2 1 
ATOM   1222 N N   . THR B 1 52  ? -4.601  -8.185  0.801   1.00 18.52 ? 255 THR B N   1 
ATOM   1223 C CA  . THR B 1 52  ? -5.158  -7.999  2.132   1.00 21.41 ? 255 THR B CA  1 
ATOM   1224 C C   . THR B 1 52  ? -6.669  -8.205  1.976   1.00 25.05 ? 255 THR B C   1 
ATOM   1225 O O   . THR B 1 52  ? -7.170  -8.298  0.856   1.00 23.83 ? 255 THR B O   1 
ATOM   1226 C CB  . THR B 1 52  ? -4.929  -6.566  2.670   1.00 19.30 ? 255 THR B CB  1 
ATOM   1227 O OG1 . THR B 1 52  ? -5.661  -5.623  1.871   1.00 18.79 ? 255 THR B OG1 1 
ATOM   1228 C CG2 . THR B 1 52  ? -3.449  -6.211  2.650   1.00 21.11 ? 255 THR B CG2 1 
ATOM   1229 N N   . GLN B 1 53  ? -7.391  -8.290  3.090   1.00 27.25 ? 256 GLN B N   1 
ATOM   1230 C CA  . GLN B 1 53  ? -8.847  -8.428  3.039   1.00 28.60 ? 256 GLN B CA  1 
ATOM   1231 C C   . GLN B 1 53  ? -9.447  -7.029  2.860   1.00 25.08 ? 256 GLN B C   1 
ATOM   1232 O O   . GLN B 1 53  ? -8.881  -6.044  3.326   1.00 27.33 ? 256 GLN B O   1 
ATOM   1233 C CB  . GLN B 1 53  ? -9.375  -9.037  4.341   1.00 36.95 ? 256 GLN B CB  1 
ATOM   1234 C CG  . GLN B 1 53  ? -9.137  -10.531 4.500   1.00 46.17 ? 256 GLN B CG  1 
ATOM   1235 C CD  . GLN B 1 53  ? -10.343 -11.359 4.099   1.00 49.40 ? 256 GLN B CD  1 
ATOM   1236 O OE1 . GLN B 1 53  ? -10.844 -12.163 4.885   1.00 58.49 ? 256 GLN B OE1 1 
ATOM   1237 N NE2 . GLN B 1 53  ? -10.818 -11.164 2.875   1.00 57.02 ? 256 GLN B NE2 1 
ATOM   1238 N N   . PRO B 1 54  ? -10.597 -6.926  2.168   1.00 23.58 ? 257 PRO B N   1 
ATOM   1239 C CA  . PRO B 1 54  ? -11.245 -5.626  1.950   1.00 21.47 ? 257 PRO B CA  1 
ATOM   1240 C C   . PRO B 1 54  ? -11.556 -4.925  3.281   1.00 19.99 ? 257 PRO B C   1 
ATOM   1241 O O   . PRO B 1 54  ? -12.076 -5.537  4.208   1.00 20.73 ? 257 PRO B O   1 
ATOM   1242 C CB  . PRO B 1 54  ? -12.514 -6.007  1.185   1.00 26.82 ? 257 PRO B CB  1 
ATOM   1243 C CG  . PRO B 1 54  ? -12.075 -7.208  0.402   1.00 26.03 ? 257 PRO B CG  1 
ATOM   1244 C CD  . PRO B 1 54  ? -11.301 -7.993  1.444   1.00 20.14 ? 257 PRO B CD  1 
ATOM   1245 N N   . ILE B 1 55  ? -11.210 -3.645  3.375   1.00 20.62 ? 258 ILE B N   1 
ATOM   1246 C CA  . ILE B 1 55  ? -11.461 -2.871  4.591   1.00 21.96 ? 258 ILE B CA  1 
ATOM   1247 C C   . ILE B 1 55  ? -12.443 -1.761  4.227   1.00 18.43 ? 258 ILE B C   1 
ATOM   1248 O O   . ILE B 1 55  ? -12.306 -1.129  3.182   1.00 18.40 ? 258 ILE B O   1 
ATOM   1249 C CB  . ILE B 1 55  ? -10.168 -2.183  5.129   1.00 24.77 ? 258 ILE B CB  1 
ATOM   1250 C CG1 . ILE B 1 55  ? -9.057  -3.208  5.377   1.00 23.31 ? 258 ILE B CG1 1 
ATOM   1251 C CG2 . ILE B 1 55  ? -10.489 -1.429  6.417   1.00 28.40 ? 258 ILE B CG2 1 
ATOM   1252 C CD1 . ILE B 1 55  ? -9.318  -4.125  6.545   1.00 27.88 ? 258 ILE B CD1 1 
ATOM   1253 N N   . MET B 1 56  ? -13.436 -1.520  5.075   1.00 18.26 ? 259 MET B N   1 
ATOM   1254 C CA  . MET B 1 56  ? -14.381 -0.451  4.783   1.00 18.40 ? 259 MET B CA  1 
ATOM   1255 C C   . MET B 1 56  ? -13.719 0.864   5.193   1.00 19.82 ? 259 MET B C   1 
ATOM   1256 O O   . MET B 1 56  ? -13.172 0.976   6.286   1.00 24.12 ? 259 MET B O   1 
ATOM   1257 C CB  . MET B 1 56  ? -15.684 -0.637  5.566   1.00 19.27 ? 259 MET B CB  1 
ATOM   1258 C CG  . MET B 1 56  ? -16.798 0.319   5.126   1.00 22.76 ? 259 MET B CG  1 
ATOM   1259 S SD  . MET B 1 56  ? -18.224 0.351   6.261   1.00 35.91 ? 259 MET B SD  1 
ATOM   1260 C CE  . MET B 1 56  ? -18.409 -1.409  6.615   1.00 39.54 ? 259 MET B CE  1 
ATOM   1261 N N   . ASP B 1 57  ? -13.761 1.850   4.309   1.00 19.51 ? 260 ASP B N   1 
ATOM   1262 C CA  . ASP B 1 57  ? -13.158 3.142   4.587   1.00 21.65 ? 260 ASP B CA  1 
ATOM   1263 C C   . ASP B 1 57  ? -14.144 4.009   5.356   1.00 26.21 ? 260 ASP B C   1 
ATOM   1264 O O   . ASP B 1 57  ? -15.302 3.630   5.561   1.00 30.14 ? 260 ASP B O   1 
ATOM   1265 C CB  . ASP B 1 57  ? -12.779 3.851   3.281   1.00 21.88 ? 260 ASP B CB  1 
ATOM   1266 C CG  . ASP B 1 57  ? -11.406 4.504   3.337   1.00 23.34 ? 260 ASP B CG  1 
ATOM   1267 O OD1 . ASP B 1 57  ? -10.883 4.729   4.444   1.00 24.11 ? 260 ASP B OD1 1 
ATOM   1268 O OD2 . ASP B 1 57  ? -10.853 4.802   2.261   1.00 24.56 ? 260 ASP B OD2 1 
ATOM   1269 N N   . THR B 1 58  ? -13.675 5.184   5.755   1.00 28.11 ? 261 THR B N   1 
ATOM   1270 C CA  . THR B 1 58  ? -14.475 6.148   6.502   1.00 35.70 ? 261 THR B CA  1 
ATOM   1271 C C   . THR B 1 58  ? -15.792 6.509   5.816   1.00 34.73 ? 261 THR B C   1 
ATOM   1272 O O   . THR B 1 58  ? -16.806 6.728   6.482   1.00 38.84 ? 261 THR B O   1 
ATOM   1273 C CB  . THR B 1 58  ? -13.694 7.465   6.702   1.00 41.54 ? 261 THR B CB  1 
ATOM   1274 O OG1 . THR B 1 58  ? -12.339 7.175   7.078   1.00 40.23 ? 261 THR B OG1 1 
ATOM   1275 C CG2 . THR B 1 58  ? -14.351 8.304   7.787   1.00 45.18 ? 261 THR B CG2 1 
ATOM   1276 N N   . ASP B 1 59  ? -15.771 6.571   4.487   1.00 33.71 ? 262 ASP B N   1 
ATOM   1277 C CA  . ASP B 1 59  ? -16.953 6.941   3.710   1.00 28.04 ? 262 ASP B CA  1 
ATOM   1278 C C   . ASP B 1 59  ? -17.878 5.799   3.303   1.00 22.59 ? 262 ASP B C   1 
ATOM   1279 O O   . ASP B 1 59  ? -18.799 6.000   2.518   1.00 29.31 ? 262 ASP B O   1 
ATOM   1280 C CB  . ASP B 1 59  ? -16.527 7.705   2.451   1.00 32.15 ? 262 ASP B CB  1 
ATOM   1281 C CG  . ASP B 1 59  ? -15.767 6.834   1.455   1.00 29.00 ? 262 ASP B CG  1 
ATOM   1282 O OD1 . ASP B 1 59  ? -15.481 7.329   0.344   1.00 33.01 ? 262 ASP B OD1 1 
ATOM   1283 O OD2 . ASP B 1 59  ? -15.457 5.665   1.779   1.00 30.74 ? 262 ASP B OD2 1 
ATOM   1284 N N   . GLY B 1 60  ? -17.639 4.603   3.817   1.00 24.32 ? 263 GLY B N   1 
ATOM   1285 C CA  . GLY B 1 60  ? -18.498 3.491   3.453   1.00 20.45 ? 263 GLY B CA  1 
ATOM   1286 C C   . GLY B 1 60  ? -18.007 2.681   2.270   1.00 21.07 ? 263 GLY B C   1 
ATOM   1287 O O   . GLY B 1 60  ? -18.557 1.621   1.988   1.00 25.51 ? 263 GLY B O   1 
ATOM   1288 N N   . SER B 1 61  ? -16.996 3.169   1.554   1.00 20.00 ? 264 SER B N   1 
ATOM   1289 C CA  . SER B 1 61  ? -16.460 2.402   0.434   1.00 21.66 ? 264 SER B CA  1 
ATOM   1290 C C   . SER B 1 61  ? -15.400 1.425   0.967   1.00 24.49 ? 264 SER B C   1 
ATOM   1291 O O   . SER B 1 61  ? -15.149 1.382   2.177   1.00 22.71 ? 264 SER B O   1 
ATOM   1292 C CB  . SER B 1 61  ? -15.859 3.327   -0.635  1.00 12.43 ? 264 SER B CB  1 
ATOM   1293 O OG  . SER B 1 61  ? -14.739 4.048   -0.162  1.00 20.37 ? 264 SER B OG  1 
ATOM   1294 N N   . TYR B 1 62  ? -14.803 0.629   0.079   1.00 20.60 ? 265 TYR B N   1 
ATOM   1295 C CA  . TYR B 1 62  ? -13.780 -0.340  0.476   1.00 14.17 ? 265 TYR B CA  1 
ATOM   1296 C C   . TYR B 1 62  ? -12.461 -0.108  -0.257  1.00 19.54 ? 265 TYR B C   1 
ATOM   1297 O O   . TYR B 1 62  ? -12.418 0.592   -1.268  1.00 21.50 ? 265 TYR B O   1 
ATOM   1298 C CB  . TYR B 1 62  ? -14.234 -1.778  0.191   1.00 15.23 ? 265 TYR B CB  1 
ATOM   1299 C CG  . TYR B 1 62  ? -15.371 -2.266  1.059   1.00 13.92 ? 265 TYR B CG  1 
ATOM   1300 C CD1 . TYR B 1 62  ? -16.699 -2.034  0.705   1.00 17.94 ? 265 TYR B CD1 1 
ATOM   1301 C CD2 . TYR B 1 62  ? -15.114 -2.930  2.264   1.00 18.58 ? 265 TYR B CD2 1 
ATOM   1302 C CE1 . TYR B 1 62  ? -17.748 -2.444  1.528   1.00 16.99 ? 265 TYR B CE1 1 
ATOM   1303 C CE2 . TYR B 1 62  ? -16.155 -3.347  3.098   1.00 12.96 ? 265 TYR B CE2 1 
ATOM   1304 C CZ  . TYR B 1 62  ? -17.475 -3.100  2.723   1.00 19.27 ? 265 TYR B CZ  1 
ATOM   1305 O OH  . TYR B 1 62  ? -18.524 -3.517  3.521   1.00 19.51 ? 265 TYR B OH  1 
ATOM   1306 N N   . PHE B 1 63  ? -11.388 -0.697  0.267   1.00 15.26 ? 266 PHE B N   1 
ATOM   1307 C CA  . PHE B 1 63  ? -10.078 -0.591  -0.354  1.00 16.53 ? 266 PHE B CA  1 
ATOM   1308 C C   . PHE B 1 63  ? -9.305  -1.869  -0.049  1.00 19.72 ? 266 PHE B C   1 
ATOM   1309 O O   . PHE B 1 63  ? -9.564  -2.545  0.952   1.00 18.67 ? 266 PHE B O   1 
ATOM   1310 C CB  . PHE B 1 63  ? -9.318  0.667   0.133   1.00 13.45 ? 266 PHE B CB  1 
ATOM   1311 C CG  . PHE B 1 63  ? -8.773  0.571   1.538   1.00 21.80 ? 266 PHE B CG  1 
ATOM   1312 C CD1 . PHE B 1 63  ? -7.554  -0.058  1.788   1.00 17.80 ? 266 PHE B CD1 1 
ATOM   1313 C CD2 . PHE B 1 63  ? -9.457  1.153   2.607   1.00 19.78 ? 266 PHE B CD2 1 
ATOM   1314 C CE1 . PHE B 1 63  ? -7.019  -0.103  3.078   1.00 17.82 ? 266 PHE B CE1 1 
ATOM   1315 C CE2 . PHE B 1 63  ? -8.933  1.116   3.902   1.00 19.42 ? 266 PHE B CE2 1 
ATOM   1316 C CZ  . PHE B 1 63  ? -7.710  0.487   4.135   1.00 17.73 ? 266 PHE B CZ  1 
ATOM   1317 N N   . VAL B 1 64  ? -8.379  -2.207  -0.938  1.00 20.17 ? 267 VAL B N   1 
ATOM   1318 C CA  . VAL B 1 64  ? -7.558  -3.401  -0.801  1.00 17.20 ? 267 VAL B CA  1 
ATOM   1319 C C   . VAL B 1 64  ? -6.146  -3.104  -1.316  1.00 15.82 ? 267 VAL B C   1 
ATOM   1320 O O   . VAL B 1 64  ? -5.961  -2.277  -2.215  1.00 13.62 ? 267 VAL B O   1 
ATOM   1321 C CB  . VAL B 1 64  ? -8.145  -4.598  -1.640  1.00 20.00 ? 267 VAL B CB  1 
ATOM   1322 C CG1 . VAL B 1 64  ? -7.064  -5.629  -1.918  1.00 22.75 ? 267 VAL B CG1 1 
ATOM   1323 C CG2 . VAL B 1 64  ? -9.295  -5.255  -0.899  1.00 21.83 ? 267 VAL B CG2 1 
ATOM   1324 N N   . TYR B 1 65  ? -5.154  -3.767  -0.734  1.00 16.44 ? 268 TYR B N   1 
ATOM   1325 C CA  . TYR B 1 65  ? -3.776  -3.621  -1.183  1.00 15.19 ? 268 TYR B CA  1 
ATOM   1326 C C   . TYR B 1 65  ? -3.281  -5.000  -1.606  1.00 13.53 ? 268 TYR B C   1 
ATOM   1327 O O   . TYR B 1 65  ? -3.636  -5.999  -0.986  1.00 18.49 ? 268 TYR B O   1 
ATOM   1328 C CB  . TYR B 1 65  ? -2.867  -3.100  -0.069  1.00 15.62 ? 268 TYR B CB  1 
ATOM   1329 C CG  . TYR B 1 65  ? -2.900  -1.612  0.147   1.00 11.85 ? 268 TYR B CG  1 
ATOM   1330 C CD1 . TYR B 1 65  ? -3.728  -1.048  1.115   1.00 16.80 ? 268 TYR B CD1 1 
ATOM   1331 C CD2 . TYR B 1 65  ? -2.069  -0.768  -0.593  1.00 5.50  ? 268 TYR B CD2 1 
ATOM   1332 C CE1 . TYR B 1 65  ? -3.727  0.324   1.351   1.00 17.44 ? 268 TYR B CE1 1 
ATOM   1333 C CE2 . TYR B 1 65  ? -2.063  0.608   -0.373  1.00 10.97 ? 268 TYR B CE2 1 
ATOM   1334 C CZ  . TYR B 1 65  ? -2.897  1.147   0.610   1.00 15.28 ? 268 TYR B CZ  1 
ATOM   1335 O OH  . TYR B 1 65  ? -2.911  2.506   0.858   1.00 14.95 ? 268 TYR B OH  1 
ATOM   1336 N N   . SER B 1 66  ? -2.477  -5.046  -2.666  1.00 14.24 ? 269 SER B N   1 
ATOM   1337 C CA  . SER B 1 66  ? -1.902  -6.300  -3.156  1.00 11.60 ? 269 SER B CA  1 
ATOM   1338 C C   . SER B 1 66  ? -0.401  -6.067  -3.324  1.00 12.95 ? 269 SER B C   1 
ATOM   1339 O O   . SER B 1 66  ? 0.007   -5.135  -4.007  1.00 16.66 ? 269 SER B O   1 
ATOM   1340 C CB  . SER B 1 66  ? -2.507  -6.698  -4.506  1.00 8.78  ? 269 SER B CB  1 
ATOM   1341 O OG  . SER B 1 66  ? -1.904  -7.883  -4.993  1.00 10.78 ? 269 SER B OG  1 
ATOM   1342 N N   . LYS B 1 67  ? 0.412   -6.914  -2.698  1.00 18.48 ? 270 LYS B N   1 
ATOM   1343 C CA  . LYS B 1 67  ? 1.866   -6.777  -2.768  1.00 17.27 ? 270 LYS B CA  1 
ATOM   1344 C C   . LYS B 1 67  ? 2.546   -7.969  -3.448  1.00 13.98 ? 270 LYS B C   1 
ATOM   1345 O O   . LYS B 1 67  ? 2.409   -9.111  -3.010  1.00 14.90 ? 270 LYS B O   1 
ATOM   1346 C CB  . LYS B 1 67  ? 2.436   -6.576  -1.351  1.00 16.38 ? 270 LYS B CB  1 
ATOM   1347 C CG  . LYS B 1 67  ? 3.962   -6.479  -1.260  1.00 17.51 ? 270 LYS B CG  1 
ATOM   1348 C CD  . LYS B 1 67  ? 4.424   -6.016  0.129   1.00 17.24 ? 270 LYS B CD  1 
ATOM   1349 C CE  . LYS B 1 67  ? 4.557   -7.163  1.125   1.00 12.36 ? 270 LYS B CE  1 
ATOM   1350 N NZ  . LYS B 1 67  ? 5.777   -7.960  0.833   1.00 17.94 ? 270 LYS B NZ  1 
ATOM   1351 N N   . LEU B 1 68  ? 3.285   -7.677  -4.514  1.00 13.14 ? 271 LEU B N   1 
ATOM   1352 C CA  . LEU B 1 68  ? 4.012   -8.681  -5.280  1.00 16.93 ? 271 LEU B CA  1 
ATOM   1353 C C   . LEU B 1 68  ? 5.514   -8.566  -5.023  1.00 17.91 ? 271 LEU B C   1 
ATOM   1354 O O   . LEU B 1 68  ? 6.098   -7.481  -5.132  1.00 23.94 ? 271 LEU B O   1 
ATOM   1355 C CB  . LEU B 1 68  ? 3.745   -8.492  -6.779  1.00 18.66 ? 271 LEU B CB  1 
ATOM   1356 C CG  . LEU B 1 68  ? 4.498   -9.421  -7.737  1.00 17.32 ? 271 LEU B CG  1 
ATOM   1357 C CD1 . LEU B 1 68  ? 3.943   -10.839 -7.630  1.00 13.09 ? 271 LEU B CD1 1 
ATOM   1358 C CD2 . LEU B 1 68  ? 4.342   -8.917  -9.163  1.00 13.12 ? 271 LEU B CD2 1 
ATOM   1359 N N   . ASN B 1 69  ? 6.145   -9.682  -4.677  1.00 19.21 ? 272 ASN B N   1 
ATOM   1360 C CA  . ASN B 1 69  ? 7.578   -9.672  -4.425  1.00 20.91 ? 272 ASN B CA  1 
ATOM   1361 C C   . ASN B 1 69  ? 8.344   -10.174 -5.646  1.00 19.74 ? 272 ASN B C   1 
ATOM   1362 O O   . ASN B 1 69  ? 7.967   -11.174 -6.253  1.00 17.64 ? 272 ASN B O   1 
ATOM   1363 C CB  . ASN B 1 69  ? 7.912   -10.526 -3.201  1.00 27.40 ? 272 ASN B CB  1 
ATOM   1364 C CG  . ASN B 1 69  ? 7.386   -9.924  -1.910  1.00 27.74 ? 272 ASN B CG  1 
ATOM   1365 O OD1 . ASN B 1 69  ? 7.547   -8.725  -1.663  1.00 22.84 ? 272 ASN B OD1 1 
ATOM   1366 N ND2 . ASN B 1 69  ? 6.768   -10.757 -1.073  1.00 24.65 ? 272 ASN B ND2 1 
ATOM   1367 N N   . VAL B 1 70  ? 9.412   -9.468  -6.007  1.00 19.26 ? 273 VAL B N   1 
ATOM   1368 C CA  . VAL B 1 70  ? 10.223  -9.847  -7.166  1.00 22.11 ? 273 VAL B CA  1 
ATOM   1369 C C   . VAL B 1 70  ? 11.701  -9.567  -6.913  1.00 23.04 ? 273 VAL B C   1 
ATOM   1370 O O   . VAL B 1 70  ? 12.053  -8.666  -6.157  1.00 27.43 ? 273 VAL B O   1 
ATOM   1371 C CB  . VAL B 1 70  ? 9.827   -9.054  -8.451  1.00 25.63 ? 273 VAL B CB  1 
ATOM   1372 C CG1 . VAL B 1 70  ? 8.324   -9.128  -8.676  1.00 24.78 ? 273 VAL B CG1 1 
ATOM   1373 C CG2 . VAL B 1 70  ? 10.281  -7.598  -8.340  1.00 25.60 ? 273 VAL B CG2 1 
ATOM   1374 N N   . GLN B 1 71  ? 12.561  -10.344 -7.559  1.00 26.71 ? 274 GLN B N   1 
ATOM   1375 C CA  . GLN B 1 71  ? 14.000  -10.154 -7.431  1.00 25.10 ? 274 GLN B CA  1 
ATOM   1376 C C   . GLN B 1 71  ? 14.345  -8.787  -8.014  1.00 21.81 ? 274 GLN B C   1 
ATOM   1377 O O   . GLN B 1 71  ? 13.821  -8.411  -9.062  1.00 27.25 ? 274 GLN B O   1 
ATOM   1378 C CB  . GLN B 1 71  ? 14.735  -11.242 -8.200  1.00 25.25 ? 274 GLN B CB  1 
ATOM   1379 C CG  . GLN B 1 71  ? 14.607  -12.614 -7.585  1.00 35.97 ? 274 GLN B CG  1 
ATOM   1380 C CD  . GLN B 1 71  ? 15.608  -12.845 -6.485  1.00 38.64 ? 274 GLN B CD  1 
ATOM   1381 O OE1 . GLN B 1 71  ? 16.816  -12.819 -6.716  1.00 46.23 ? 274 GLN B OE1 1 
ATOM   1382 N NE2 . GLN B 1 71  ? 15.114  -13.077 -5.274  1.00 47.37 ? 274 GLN B NE2 1 
ATOM   1383 N N   . LYS B 1 72  ? 15.219  -8.053  -7.337  1.00 18.49 ? 275 LYS B N   1 
ATOM   1384 C CA  . LYS B 1 72  ? 15.617  -6.722  -7.795  1.00 23.20 ? 275 LYS B CA  1 
ATOM   1385 C C   . LYS B 1 72  ? 16.111  -6.759  -9.240  1.00 25.44 ? 275 LYS B C   1 
ATOM   1386 O O   . LYS B 1 72  ? 15.887  -5.814  -10.001 1.00 29.62 ? 275 LYS B O   1 
ATOM   1387 C CB  . LYS B 1 72  ? 16.717  -6.141  -6.883  1.00 27.56 ? 275 LYS B CB  1 
ATOM   1388 C CG  . LYS B 1 72  ? 16.732  -4.597  -6.759  1.00 28.97 ? 275 LYS B CG  1 
ATOM   1389 C CD  . LYS B 1 72  ? 17.924  -3.949  -7.463  1.00 33.00 ? 275 LYS B CD  1 
ATOM   1390 C CE  . LYS B 1 72  ? 18.872  -3.240  -6.494  1.00 37.89 ? 275 LYS B CE  1 
ATOM   1391 N NZ  . LYS B 1 72  ? 19.554  -4.168  -5.547  1.00 41.50 ? 275 LYS B NZ  1 
ATOM   1392 N N   . SER B 1 73  ? 16.783  -7.848  -9.619  1.00 26.64 ? 276 SER B N   1 
ATOM   1393 C CA  . SER B 1 73  ? 17.306  -7.980  -10.980 1.00 22.93 ? 276 SER B CA  1 
ATOM   1394 C C   . SER B 1 73  ? 16.176  -8.120  -11.999 1.00 27.27 ? 276 SER B C   1 
ATOM   1395 O O   . SER B 1 73  ? 16.308  -7.702  -13.151 1.00 33.68 ? 276 SER B O   1 
ATOM   1396 C CB  . SER B 1 73  ? 18.265  -9.184  -11.084 1.00 24.99 ? 276 SER B CB  1 
ATOM   1397 O OG  . SER B 1 73  ? 17.622  -10.425 -10.812 1.00 26.99 ? 276 SER B OG  1 
ATOM   1398 N N   . ASN B 1 74  ? 15.063  -8.699  -11.568 1.00 26.92 ? 277 ASN B N   1 
ATOM   1399 C CA  . ASN B 1 74  ? 13.913  -8.887  -12.438 1.00 26.37 ? 277 ASN B CA  1 
ATOM   1400 C C   . ASN B 1 74  ? 13.262  -7.523  -12.713 1.00 27.51 ? 277 ASN B C   1 
ATOM   1401 O O   . ASN B 1 74  ? 12.826  -7.240  -13.828 1.00 30.13 ? 277 ASN B O   1 
ATOM   1402 C CB  . ASN B 1 74  ? 12.914  -9.830  -11.763 1.00 34.60 ? 277 ASN B CB  1 
ATOM   1403 C CG  . ASN B 1 74  ? 11.938  -10.448 -12.744 1.00 42.42 ? 277 ASN B CG  1 
ATOM   1404 O OD1 . ASN B 1 74  ? 11.032  -11.197 -12.358 1.00 49.11 ? 277 ASN B OD1 1 
ATOM   1405 N ND2 . ASN B 1 74  ? 12.119  -10.145 -14.020 1.00 47.51 ? 277 ASN B ND2 1 
ATOM   1406 N N   . TRP B 1 75  ? 13.201  -6.684  -11.685 1.00 26.94 ? 278 TRP B N   1 
ATOM   1407 C CA  . TRP B 1 75  ? 12.621  -5.349  -11.808 1.00 25.85 ? 278 TRP B CA  1 
ATOM   1408 C C   . TRP B 1 75  ? 13.497  -4.442  -12.686 1.00 28.85 ? 278 TRP B C   1 
ATOM   1409 O O   . TRP B 1 75  ? 13.007  -3.841  -13.641 1.00 31.27 ? 278 TRP B O   1 
ATOM   1410 C CB  . TRP B 1 75  ? 12.447  -4.727  -10.414 1.00 18.87 ? 278 TRP B CB  1 
ATOM   1411 C CG  . TRP B 1 75  ? 12.056  -3.267  -10.419 1.00 20.33 ? 278 TRP B CG  1 
ATOM   1412 C CD1 . TRP B 1 75  ? 12.806  -2.219  -9.971  1.00 18.75 ? 278 TRP B CD1 1 
ATOM   1413 C CD2 . TRP B 1 75  ? 10.820  -2.700  -10.889 1.00 21.16 ? 278 TRP B CD2 1 
ATOM   1414 N NE1 . TRP B 1 75  ? 12.120  -1.037  -10.126 1.00 22.17 ? 278 TRP B NE1 1 
ATOM   1415 C CE2 . TRP B 1 75  ? 10.898  -1.303  -10.689 1.00 22.89 ? 278 TRP B CE2 1 
ATOM   1416 C CE3 . TRP B 1 75  ? 9.656   -3.239  -11.454 1.00 16.48 ? 278 TRP B CE3 1 
ATOM   1417 C CZ2 . TRP B 1 75  ? 9.859   -0.433  -11.039 1.00 12.23 ? 278 TRP B CZ2 1 
ATOM   1418 C CZ3 . TRP B 1 75  ? 8.621   -2.375  -11.803 1.00 12.83 ? 278 TRP B CZ3 1 
ATOM   1419 C CH2 . TRP B 1 75  ? 8.733   -0.986  -11.590 1.00 17.06 ? 278 TRP B CH2 1 
ATOM   1420 N N   . GLU B 1 76  ? 14.788  -4.346  -12.369 1.00 30.21 ? 279 GLU B N   1 
ATOM   1421 C CA  . GLU B 1 76  ? 15.697  -3.497  -13.146 1.00 32.92 ? 279 GLU B CA  1 
ATOM   1422 C C   . GLU B 1 76  ? 15.974  -4.027  -14.551 1.00 31.69 ? 279 GLU B C   1 
ATOM   1423 O O   . GLU B 1 76  ? 16.484  -3.301  -15.401 1.00 31.26 ? 279 GLU B O   1 
ATOM   1424 C CB  . GLU B 1 76  ? 17.032  -3.300  -12.414 1.00 36.86 ? 279 GLU B CB  1 
ATOM   1425 C CG  . GLU B 1 76  ? 16.953  -2.472  -11.134 1.00 44.26 ? 279 GLU B CG  1 
ATOM   1426 C CD  . GLU B 1 76  ? 18.319  -2.271  -10.497 1.00 55.99 ? 279 GLU B CD  1 
ATOM   1427 O OE1 . GLU B 1 76  ? 19.117  -3.233  -10.486 1.00 64.15 ? 279 GLU B OE1 1 
ATOM   1428 O OE2 . GLU B 1 76  ? 18.595  -1.163  -9.994  1.00 60.79 ? 279 GLU B OE2 1 
ATOM   1429 N N   . ALA B 1 77  ? 15.650  -5.291  -14.794 1.00 36.15 ? 280 ALA B N   1 
ATOM   1430 C CA  . ALA B 1 77  ? 15.867  -5.883  -16.109 1.00 40.87 ? 280 ALA B CA  1 
ATOM   1431 C C   . ALA B 1 77  ? 14.832  -5.306  -17.071 1.00 43.40 ? 280 ALA B C   1 
ATOM   1432 O O   . ALA B 1 77  ? 14.939  -5.460  -18.289 1.00 47.21 ? 280 ALA B O   1 
ATOM   1433 C CB  . ALA B 1 77  ? 15.739  -7.404  -16.040 1.00 40.06 ? 280 ALA B CB  1 
ATOM   1434 N N   . GLY B 1 78  ? 13.819  -4.650  -16.510 1.00 44.03 ? 281 GLY B N   1 
ATOM   1435 C CA  . GLY B 1 78  ? 12.788  -4.042  -17.330 1.00 39.93 ? 281 GLY B CA  1 
ATOM   1436 C C   . GLY B 1 78  ? 11.582  -4.896  -17.695 1.00 40.50 ? 281 GLY B C   1 
ATOM   1437 O O   . GLY B 1 78  ? 10.856  -4.555  -18.630 1.00 43.39 ? 281 GLY B O   1 
ATOM   1438 N N   . ASN B 1 79  ? 11.349  -6.000  -16.991 1.00 35.42 ? 282 ASN B N   1 
ATOM   1439 C CA  . ASN B 1 79  ? 10.185  -6.814  -17.317 1.00 31.01 ? 282 ASN B CA  1 
ATOM   1440 C C   . ASN B 1 79  ? 8.907   -6.037  -16.980 1.00 30.44 ? 282 ASN B C   1 
ATOM   1441 O O   . ASN B 1 79  ? 8.947   -5.065  -16.222 1.00 23.98 ? 282 ASN B O   1 
ATOM   1442 C CB  . ASN B 1 79  ? 10.230  -8.156  -16.571 1.00 33.74 ? 282 ASN B CB  1 
ATOM   1443 C CG  . ASN B 1 79  ? 11.372  -9.045  -17.050 1.00 40.85 ? 282 ASN B CG  1 
ATOM   1444 O OD1 . ASN B 1 79  ? 12.490  -8.968  -16.539 1.00 46.10 ? 282 ASN B OD1 1 
ATOM   1445 N ND2 . ASN B 1 79  ? 11.096  -9.878  -18.051 1.00 34.67 ? 282 ASN B ND2 1 
ATOM   1446 N N   . THR B 1 80  ? 7.785   -6.455  -17.559 1.00 28.65 ? 283 THR B N   1 
ATOM   1447 C CA  . THR B 1 80  ? 6.499   -5.787  -17.344 1.00 28.00 ? 283 THR B CA  1 
ATOM   1448 C C   . THR B 1 80  ? 5.605   -6.521  -16.352 1.00 26.33 ? 283 THR B C   1 
ATOM   1449 O O   . THR B 1 80  ? 5.365   -7.722  -16.489 1.00 30.41 ? 283 THR B O   1 
ATOM   1450 C CB  . THR B 1 80  ? 5.702   -5.644  -18.671 1.00 30.72 ? 283 THR B CB  1 
ATOM   1451 O OG1 . THR B 1 80  ? 6.416   -4.793  -19.576 1.00 25.16 ? 283 THR B OG1 1 
ATOM   1452 C CG2 . THR B 1 80  ? 4.319   -5.040  -18.413 1.00 28.22 ? 283 THR B CG2 1 
ATOM   1453 N N   . PHE B 1 81  ? 5.104   -5.786  -15.366 1.00 20.77 ? 284 PHE B N   1 
ATOM   1454 C CA  . PHE B 1 81  ? 4.227   -6.361  -14.351 1.00 21.28 ? 284 PHE B CA  1 
ATOM   1455 C C   . PHE B 1 81  ? 2.842   -5.723  -14.436 1.00 22.46 ? 284 PHE B C   1 
ATOM   1456 O O   . PHE B 1 81  ? 2.709   -4.504  -14.536 1.00 25.25 ? 284 PHE B O   1 
ATOM   1457 C CB  . PHE B 1 81  ? 4.837   -6.179  -12.963 1.00 18.97 ? 284 PHE B CB  1 
ATOM   1458 C CG  . PHE B 1 81  ? 6.244   -6.712  -12.853 1.00 20.95 ? 284 PHE B CG  1 
ATOM   1459 C CD1 . PHE B 1 81  ? 7.322   -5.972  -13.342 1.00 16.36 ? 284 PHE B CD1 1 
ATOM   1460 C CD2 . PHE B 1 81  ? 6.485   -7.962  -12.289 1.00 15.88 ? 284 PHE B CD2 1 
ATOM   1461 C CE1 . PHE B 1 81  ? 8.619   -6.472  -13.273 1.00 20.10 ? 284 PHE B CE1 1 
ATOM   1462 C CE2 . PHE B 1 81  ? 7.773   -8.473  -12.217 1.00 21.85 ? 284 PHE B CE2 1 
ATOM   1463 C CZ  . PHE B 1 81  ? 8.849   -7.728  -12.709 1.00 20.53 ? 284 PHE B CZ  1 
ATOM   1464 N N   . THR B 1 82  ? 1.816   -6.563  -14.401 1.00 22.81 ? 285 THR B N   1 
ATOM   1465 C CA  . THR B 1 82  ? 0.435   -6.101  -14.529 1.00 19.87 ? 285 THR B CA  1 
ATOM   1466 C C   . THR B 1 82  ? -0.460  -6.510  -13.353 1.00 17.23 ? 285 THR B C   1 
ATOM   1467 O O   . THR B 1 82  ? -0.422  -7.654  -12.915 1.00 16.67 ? 285 THR B O   1 
ATOM   1468 C CB  . THR B 1 82  ? -0.182  -6.665  -15.847 1.00 23.12 ? 285 THR B CB  1 
ATOM   1469 O OG1 . THR B 1 82  ? 0.602   -6.226  -16.965 1.00 30.21 ? 285 THR B OG1 1 
ATOM   1470 C CG2 . THR B 1 82  ? -1.622  -6.200  -16.023 1.00 18.86 ? 285 THR B CG2 1 
ATOM   1471 N N   . CYS B 1 83  ? -1.261  -5.570  -12.852 1.00 20.25 ? 286 CYS B N   1 
ATOM   1472 C CA  . CYS B 1 83  ? -2.196  -5.831  -11.752 1.00 17.61 ? 286 CYS B CA  1 
ATOM   1473 C C   . CYS B 1 83  ? -3.566  -5.965  -12.413 1.00 16.61 ? 286 CYS B C   1 
ATOM   1474 O O   . CYS B 1 83  ? -4.020  -5.035  -13.075 1.00 14.68 ? 286 CYS B O   1 
ATOM   1475 C CB  . CYS B 1 83  ? -2.196  -4.661  -10.751 1.00 17.19 ? 286 CYS B CB  1 
ATOM   1476 S SG  . CYS B 1 83  ? -3.535  -4.738  -9.524  1.00 17.48 ? 286 CYS B SG  1 
ATOM   1477 N N   . SER B 1 84  ? -4.194  -7.131  -12.262 1.00 16.50 ? 287 SER B N   1 
ATOM   1478 C CA  . SER B 1 84  ? -5.505  -7.398  -12.853 1.00 19.57 ? 287 SER B CA  1 
ATOM   1479 C C   . SER B 1 84  ? -6.603  -7.384  -11.804 1.00 18.76 ? 287 SER B C   1 
ATOM   1480 O O   . SER B 1 84  ? -6.493  -8.057  -10.782 1.00 14.48 ? 287 SER B O   1 
ATOM   1481 C CB  . SER B 1 84  ? -5.506  -8.751  -13.573 1.00 21.10 ? 287 SER B CB  1 
ATOM   1482 O OG  . SER B 1 84  ? -5.450  -8.556  -14.968 1.00 37.02 ? 287 SER B OG  1 
ATOM   1483 N N   . VAL B 1 85  ? -7.666  -6.630  -12.074 1.00 20.11 ? 288 VAL B N   1 
ATOM   1484 C CA  . VAL B 1 85  ? -8.786  -6.489  -11.136 1.00 19.95 ? 288 VAL B CA  1 
ATOM   1485 C C   . VAL B 1 85  ? -10.167 -6.866  -11.683 1.00 17.83 ? 288 VAL B C   1 
ATOM   1486 O O   . VAL B 1 85  ? -10.560 -6.436  -12.769 1.00 21.84 ? 288 VAL B O   1 
ATOM   1487 C CB  . VAL B 1 85  ? -8.900  -5.032  -10.639 1.00 23.14 ? 288 VAL B CB  1 
ATOM   1488 C CG1 . VAL B 1 85  ? -9.907  -4.950  -9.504  1.00 21.15 ? 288 VAL B CG1 1 
ATOM   1489 C CG2 . VAL B 1 85  ? -7.529  -4.512  -10.223 1.00 20.79 ? 288 VAL B CG2 1 
ATOM   1490 N N   . LEU B 1 86  ? -10.912 -7.641  -10.898 1.00 21.49 ? 289 LEU B N   1 
ATOM   1491 C CA  . LEU B 1 86  ? -12.269 -8.056  -11.256 1.00 21.91 ? 289 LEU B CA  1 
ATOM   1492 C C   . LEU B 1 86  ? -13.275 -7.474  -10.273 1.00 19.45 ? 289 LEU B C   1 
ATOM   1493 O O   . LEU B 1 86  ? -13.211 -7.747  -9.077  1.00 19.18 ? 289 LEU B O   1 
ATOM   1494 C CB  . LEU B 1 86  ? -12.396 -9.577  -11.247 1.00 24.96 ? 289 LEU B CB  1 
ATOM   1495 C CG  . LEU B 1 86  ? -12.365 -10.283 -12.604 1.00 35.65 ? 289 LEU B CG  1 
ATOM   1496 C CD1 . LEU B 1 86  ? -11.138 -9.858  -13.396 1.00 41.98 ? 289 LEU B CD1 1 
ATOM   1497 C CD2 . LEU B 1 86  ? -12.379 -11.792 -12.381 1.00 33.85 ? 289 LEU B CD2 1 
ATOM   1498 N N   . HIS B 1 87  ? -14.209 -6.679  -10.787 1.00 19.34 ? 290 HIS B N   1 
ATOM   1499 C CA  . HIS B 1 87  ? -15.234 -6.057  -9.955  1.00 18.68 ? 290 HIS B CA  1 
ATOM   1500 C C   . HIS B 1 87  ? -16.425 -5.706  -10.855 1.00 17.98 ? 290 HIS B C   1 
ATOM   1501 O O   . HIS B 1 87  ? -16.243 -5.281  -12.000 1.00 23.80 ? 290 HIS B O   1 
ATOM   1502 C CB  . HIS B 1 87  ? -14.657 -4.803  -9.271  1.00 17.88 ? 290 HIS B CB  1 
ATOM   1503 C CG  . HIS B 1 87  ? -15.541 -4.219  -8.213  1.00 17.96 ? 290 HIS B CG  1 
ATOM   1504 N ND1 . HIS B 1 87  ? -16.493 -3.259  -8.479  1.00 16.28 ? 290 HIS B ND1 1 
ATOM   1505 C CD2 . HIS B 1 87  ? -15.613 -4.459  -6.880  1.00 15.47 ? 290 HIS B CD2 1 
ATOM   1506 C CE1 . HIS B 1 87  ? -17.115 -2.933  -7.359  1.00 17.80 ? 290 HIS B CE1 1 
ATOM   1507 N NE2 . HIS B 1 87  ? -16.599 -3.648  -6.373  1.00 15.86 ? 290 HIS B NE2 1 
ATOM   1508 N N   . GLU B 1 88  ? -17.633 -5.879  -10.329 1.00 16.20 ? 291 GLU B N   1 
ATOM   1509 C CA  . GLU B 1 88  ? -18.867 -5.632  -11.084 1.00 21.89 ? 291 GLU B CA  1 
ATOM   1510 C C   . GLU B 1 88  ? -19.170 -4.185  -11.443 1.00 20.87 ? 291 GLU B C   1 
ATOM   1511 O O   . GLU B 1 88  ? -20.089 -3.916  -12.216 1.00 22.30 ? 291 GLU B O   1 
ATOM   1512 C CB  . GLU B 1 88  ? -20.057 -6.217  -10.320 1.00 27.19 ? 291 GLU B CB  1 
ATOM   1513 C CG  . GLU B 1 88  ? -20.253 -5.604  -8.951  1.00 30.37 ? 291 GLU B CG  1 
ATOM   1514 C CD  . GLU B 1 88  ? -21.102 -6.462  -8.046  1.00 41.91 ? 291 GLU B CD  1 
ATOM   1515 O OE1 . GLU B 1 88  ? -22.345 -6.380  -8.137  1.00 48.33 ? 291 GLU B OE1 1 
ATOM   1516 O OE2 . GLU B 1 88  ? -20.522 -7.236  -7.253  1.00 42.22 ? 291 GLU B OE2 1 
ATOM   1517 N N   . GLY B 1 89  ? -18.417 -3.248  -10.881 1.00 21.41 ? 292 GLY B N   1 
ATOM   1518 C CA  . GLY B 1 89  ? -18.663 -1.852  -11.191 1.00 16.52 ? 292 GLY B CA  1 
ATOM   1519 C C   . GLY B 1 89  ? -17.849 -1.365  -12.384 1.00 20.02 ? 292 GLY B C   1 
ATOM   1520 O O   . GLY B 1 89  ? -18.082 -0.272  -12.918 1.00 19.21 ? 292 GLY B O   1 
ATOM   1521 N N   . LEU B 1 90  ? -16.894 -2.190  -12.815 1.00 15.97 ? 293 LEU B N   1 
ATOM   1522 C CA  . LEU B 1 90  ? -16.017 -1.845  -13.936 1.00 15.67 ? 293 LEU B CA  1 
ATOM   1523 C C   . LEU B 1 90  ? -16.627 -2.115  -15.308 1.00 17.90 ? 293 LEU B C   1 
ATOM   1524 O O   . LEU B 1 90  ? -17.542 -2.916  -15.424 1.00 14.81 ? 293 LEU B O   1 
ATOM   1525 C CB  . LEU B 1 90  ? -14.671 -2.594  -13.821 1.00 18.94 ? 293 LEU B CB  1 
ATOM   1526 C CG  . LEU B 1 90  ? -13.701 -2.116  -12.748 1.00 14.17 ? 293 LEU B CG  1 
ATOM   1527 C CD1 . LEU B 1 90  ? -12.608 -3.109  -12.566 1.00 5.70  ? 293 LEU B CD1 1 
ATOM   1528 C CD2 . LEU B 1 90  ? -13.139 -0.776  -13.140 1.00 10.78 ? 293 LEU B CD2 1 
ATOM   1529 N N   . HIS B 1 91  ? -16.159 -1.407  -16.337 1.00 23.59 ? 294 HIS B N   1 
ATOM   1530 C CA  . HIS B 1 91  ? -16.631 -1.664  -17.707 1.00 28.45 ? 294 HIS B CA  1 
ATOM   1531 C C   . HIS B 1 91  ? -16.256 -3.134  -18.032 1.00 36.55 ? 294 HIS B C   1 
ATOM   1532 O O   . HIS B 1 91  ? -15.088 -3.487  -18.081 1.00 47.66 ? 294 HIS B O   1 
ATOM   1533 C CB  . HIS B 1 91  ? -15.944 -0.664  -18.685 1.00 32.98 ? 294 HIS B CB  1 
ATOM   1534 C CG  . HIS B 1 91  ? -16.303 -0.879  -20.113 1.00 38.17 ? 294 HIS B CG  1 
ATOM   1535 N ND1 . HIS B 1 91  ? -17.292 -0.171  -20.757 1.00 45.30 ? 294 HIS B ND1 1 
ATOM   1536 C CD2 . HIS B 1 91  ? -15.833 -1.777  -21.015 1.00 38.61 ? 294 HIS B CD2 1 
ATOM   1537 C CE1 . HIS B 1 91  ? -17.438 -0.639  -21.982 1.00 43.55 ? 294 HIS B CE1 1 
ATOM   1538 N NE2 . HIS B 1 91  ? -16.573 -1.616  -22.163 1.00 41.91 ? 294 HIS B NE2 1 
ATOM   1539 N N   . ASN B 1 92  ? -17.278 -3.981  -18.205 1.00 30.92 ? 295 ASN B N   1 
ATOM   1540 C CA  . ASN B 1 92  ? -17.163 -5.439  -18.434 1.00 28.78 ? 295 ASN B CA  1 
ATOM   1541 C C   . ASN B 1 92  ? -16.575 -6.159  -17.215 1.00 28.48 ? 295 ASN B C   1 
ATOM   1542 O O   . ASN B 1 92  ? -16.010 -7.230  -17.403 1.00 25.88 ? 295 ASN B O   1 
ATOM   1543 C CB  . ASN B 1 92  ? -16.277 -5.811  -19.649 1.00 34.15 ? 295 ASN B CB  1 
ATOM   1544 C CG  . ASN B 1 92  ? -16.971 -5.613  -20.989 1.00 34.48 ? 295 ASN B CG  1 
ATOM   1545 O OD1 . ASN B 1 92  ? -18.132 -5.919  -21.175 1.00 34.48 ? 295 ASN B OD1 1 
ATOM   1546 N ND2 . ASN B 1 92  ? -16.194 -5.097  -21.964 1.00 35.88 ? 295 ASN B ND2 1 
ATOM   1547 N N   . HIS B 1 93  ? -16.552 -5.532  -16.036 1.00 20.55 ? 296 HIS B N   1 
ATOM   1548 C CA  . HIS B 1 93  ? -16.042 -6.150  -14.828 1.00 19.90 ? 296 HIS B CA  1 
ATOM   1549 C C   . HIS B 1 93  ? -14.559 -6.429  -14.711 1.00 19.24 ? 296 HIS B C   1 
ATOM   1550 O O   . HIS B 1 93  ? -14.167 -7.280  -13.938 1.00 23.24 ? 296 HIS B O   1 
ATOM   1551 C CB  . HIS B 1 93  ? -16.835 -7.437  -14.526 1.00 21.39 ? 296 HIS B CB  1 
ATOM   1552 C CG  . HIS B 1 93  ? -18.298 -7.213  -14.311 1.00 27.04 ? 296 HIS B CG  1 
ATOM   1553 N ND1 . HIS B 1 93  ? -19.115 -8.131  -13.685 1.00 20.79 ? 296 HIS B ND1 1 
ATOM   1554 C CD2 . HIS B 1 93  ? -19.083 -6.155  -14.622 1.00 24.48 ? 296 HIS B CD2 1 
ATOM   1555 C CE1 . HIS B 1 93  ? -20.340 -7.640  -13.613 1.00 19.86 ? 296 HIS B CE1 1 
ATOM   1556 N NE2 . HIS B 1 93  ? -20.346 -6.444  -14.174 1.00 28.35 ? 296 HIS B NE2 1 
ATOM   1557 N N   . HIS B 1 94  ? -13.733 -5.718  -15.468 1.00 23.45 ? 297 HIS B N   1 
ATOM   1558 C CA  . HIS B 1 94  ? -12.290 -5.939  -15.417 1.00 23.93 ? 297 HIS B CA  1 
ATOM   1559 C C   . HIS B 1 94  ? -11.464 -4.747  -15.896 1.00 23.31 ? 297 HIS B C   1 
ATOM   1560 O O   . HIS B 1 94  ? -11.923 -3.951  -16.710 1.00 27.31 ? 297 HIS B O   1 
ATOM   1561 C CB  . HIS B 1 94  ? -11.919 -7.191  -16.237 1.00 28.88 ? 297 HIS B CB  1 
ATOM   1562 C CG  . HIS B 1 94  ? -10.448 -7.354  -16.484 1.00 41.96 ? 297 HIS B CG  1 
ATOM   1563 N ND1 . HIS B 1 94  ? -9.813  -6.812  -17.581 1.00 44.06 ? 297 HIS B ND1 1 
ATOM   1564 C CD2 . HIS B 1 94  ? -9.487  -7.989  -15.769 1.00 41.99 ? 297 HIS B CD2 1 
ATOM   1565 C CE1 . HIS B 1 94  ? -8.525  -7.103  -17.529 1.00 43.53 ? 297 HIS B CE1 1 
ATOM   1566 N NE2 . HIS B 1 94  ? -8.302  -7.815  -16.440 1.00 46.19 ? 297 HIS B NE2 1 
ATOM   1567 N N   . THR B 1 95  ? -10.246 -4.621  -15.370 1.00 20.10 ? 298 THR B N   1 
ATOM   1568 C CA  . THR B 1 95  ? -9.341  -3.547  -15.767 1.00 19.38 ? 298 THR B CA  1 
ATOM   1569 C C   . THR B 1 95  ? -7.913  -3.976  -15.424 1.00 17.24 ? 298 THR B C   1 
ATOM   1570 O O   . THR B 1 95  ? -7.715  -4.883  -14.616 1.00 20.89 ? 298 THR B O   1 
ATOM   1571 C CB  . THR B 1 95  ? -9.672  -2.209  -15.042 1.00 23.62 ? 298 THR B CB  1 
ATOM   1572 O OG1 . THR B 1 95  ? -9.033  -1.121  -15.725 1.00 23.48 ? 298 THR B OG1 1 
ATOM   1573 C CG2 . THR B 1 95  ? -9.188  -2.234  -13.595 1.00 23.03 ? 298 THR B CG2 1 
ATOM   1574 N N   . GLU B 1 96  ? -6.930  -3.323  -16.039 1.00 22.62 ? 299 GLU B N   1 
ATOM   1575 C CA  . GLU B 1 96  ? -5.516  -3.627  -15.809 1.00 23.54 ? 299 GLU B CA  1 
ATOM   1576 C C   . GLU B 1 96  ? -4.673  -2.358  -15.745 1.00 24.11 ? 299 GLU B C   1 
ATOM   1577 O O   . GLU B 1 96  ? -5.022  -1.344  -16.332 1.00 30.28 ? 299 GLU B O   1 
ATOM   1578 C CB  . GLU B 1 96  ? -4.973  -4.510  -16.933 1.00 28.80 ? 299 GLU B CB  1 
ATOM   1579 C CG  . GLU B 1 96  ? -5.518  -5.919  -16.940 1.00 46.20 ? 299 GLU B CG  1 
ATOM   1580 C CD  . GLU B 1 96  ? -5.084  -6.696  -18.165 1.00 53.89 ? 299 GLU B CD  1 
ATOM   1581 O OE1 . GLU B 1 96  ? -4.341  -6.133  -19.001 1.00 49.43 ? 299 GLU B OE1 1 
ATOM   1582 O OE2 . GLU B 1 96  ? -5.490  -7.870  -18.293 1.00 61.94 ? 299 GLU B OE2 1 
ATOM   1583 N N   . LYS B 1 97  ? -3.562  -2.437  -15.023 1.00 27.13 ? 300 LYS B N   1 
ATOM   1584 C CA  . LYS B 1 97  ? -2.617  -1.332  -14.869 1.00 26.99 ? 300 LYS B CA  1 
ATOM   1585 C C   . LYS B 1 97  ? -1.238  -1.974  -14.852 1.00 23.75 ? 300 LYS B C   1 
ATOM   1586 O O   . LYS B 1 97  ? -1.007  -2.911  -14.083 1.00 25.79 ? 300 LYS B O   1 
ATOM   1587 C CB  . LYS B 1 97  ? -2.846  -0.602  -13.546 1.00 32.29 ? 300 LYS B CB  1 
ATOM   1588 C CG  . LYS B 1 97  ? -4.033  0.326   -13.525 1.00 38.11 ? 300 LYS B CG  1 
ATOM   1589 C CD  . LYS B 1 97  ? -3.629  1.718   -13.953 1.00 47.57 ? 300 LYS B CD  1 
ATOM   1590 C CE  . LYS B 1 97  ? -4.770  2.691   -13.750 1.00 51.58 ? 300 LYS B CE  1 
ATOM   1591 N NZ  . LYS B 1 97  ? -4.312  3.909   -13.025 1.00 56.12 ? 300 LYS B NZ  1 
ATOM   1592 N N   . SER B 1 98  ? -0.327  -1.479  -15.683 1.00 28.08 ? 301 SER B N   1 
ATOM   1593 C CA  . SER B 1 98  ? 1.016   -2.052  -15.760 1.00 27.79 ? 301 SER B CA  1 
ATOM   1594 C C   . SER B 1 98  ? 2.129   -1.196  -15.165 1.00 29.67 ? 301 SER B C   1 
ATOM   1595 O O   . SER B 1 98  ? 2.024   0.026   -15.088 1.00 27.40 ? 301 SER B O   1 
ATOM   1596 C CB  . SER B 1 98  ? 1.355   -2.383  -17.212 1.00 27.67 ? 301 SER B CB  1 
ATOM   1597 O OG  . SER B 1 98  ? 0.519   -3.416  -17.698 1.00 33.52 ? 301 SER B OG  1 
ATOM   1598 N N   . LEU B 1 99  ? 3.196   -1.870  -14.750 1.00 33.02 ? 302 LEU B N   1 
ATOM   1599 C CA  . LEU B 1 99  ? 4.366   -1.238  -14.156 1.00 31.85 ? 302 LEU B CA  1 
ATOM   1600 C C   . LEU B 1 99  ? 5.626   -1.734  -14.866 1.00 33.42 ? 302 LEU B C   1 
ATOM   1601 O O   . LEU B 1 99  ? 5.717   -2.905  -15.233 1.00 35.32 ? 302 LEU B O   1 
ATOM   1602 C CB  . LEU B 1 99  ? 4.470   -1.612  -12.679 1.00 34.82 ? 302 LEU B CB  1 
ATOM   1603 C CG  . LEU B 1 99  ? 4.461   -0.491  -11.646 1.00 29.80 ? 302 LEU B CG  1 
ATOM   1604 C CD1 . LEU B 1 99  ? 4.941   -1.061  -10.322 1.00 32.06 ? 302 LEU B CD1 1 
ATOM   1605 C CD2 . LEU B 1 99  ? 5.350   0.667   -12.088 1.00 32.24 ? 302 LEU B CD2 1 
ATOM   1606 N N   . SER B 1 100 ? 6.597   -0.844  -15.036 1.00 33.37 ? 303 SER B N   1 
ATOM   1607 C CA  . SER B 1 100 ? 7.853   -1.189  -15.698 1.00 33.40 ? 303 SER B CA  1 
ATOM   1608 C C   . SER B 1 100 ? 8.960   -0.284  -15.168 1.00 32.93 ? 303 SER B C   1 
ATOM   1609 O O   . SER B 1 100 ? 8.718   0.883   -14.859 1.00 29.45 ? 303 SER B O   1 
ATOM   1610 C CB  . SER B 1 100 ? 7.710   -1.018  -17.215 1.00 35.50 ? 303 SER B CB  1 
ATOM   1611 O OG  . SER B 1 100 ? 8.899   -1.395  -17.889 1.00 52.81 ? 303 SER B OG  1 
ATOM   1612 N N   . HIS B 1 101 ? 10.168  -0.829  -15.051 1.00 37.07 ? 304 HIS B N   1 
ATOM   1613 C CA  . HIS B 1 101 ? 11.314  -0.066  -14.559 1.00 42.41 ? 304 HIS B CA  1 
ATOM   1614 C C   . HIS B 1 101 ? 11.770  0.986   -15.570 1.00 50.00 ? 304 HIS B C   1 
ATOM   1615 O O   . HIS B 1 101 ? 11.828  2.180   -15.202 1.00 56.70 ? 304 HIS B O   1 
ATOM   1616 C CB  . HIS B 1 101 ? 12.486  -1.001  -14.260 1.00 42.24 ? 304 HIS B CB  1 
ATOM   1617 C CG  . HIS B 1 101 ? 13.752  -0.285  -13.908 1.00 40.45 ? 304 HIS B CG  1 
ATOM   1618 N ND1 . HIS B 1 101 ? 13.925  0.377   -12.713 1.00 38.59 ? 304 HIS B ND1 1 
ATOM   1619 C CD2 . HIS B 1 101 ? 14.901  -0.112  -14.603 1.00 40.93 ? 304 HIS B CD2 1 
ATOM   1620 C CE1 . HIS B 1 101 ? 15.127  0.926   -12.685 1.00 37.23 ? 304 HIS B CE1 1 
ATOM   1621 N NE2 . HIS B 1 101 ? 15.739  0.644   -13.821 1.00 38.05 ? 304 HIS B NE2 1 
ATOM   1622 O OXT . HIS B 1 101 ? 12.078  0.600   -16.717 1.00 51.74 ? 304 HIS B OXT 1 
HETATM 1623 O O   . HOH C 2 .   ? -0.357  6.754   -1.097  1.00 12.12 ? 105 HOH A O   1 
HETATM 1624 O O   . HOH C 2 .   ? 3.370   14.966  12.287  1.00 19.11 ? 106 HOH A O   1 
HETATM 1625 O O   . HOH C 2 .   ? -5.573  16.453  16.464  1.00 14.88 ? 107 HOH A O   1 
HETATM 1626 O O   . HOH C 2 .   ? 3.937   -12.978 -1.467  1.00 14.92 ? 108 HOH A O   1 
HETATM 1627 O O   . HOH C 2 .   ? -2.171  -14.541 6.974   1.00 22.25 ? 109 HOH A O   1 
HETATM 1628 O O   . HOH C 2 .   ? 2.637   18.647  3.124   1.00 12.72 ? 110 HOH A O   1 
HETATM 1629 O O   . HOH C 2 .   ? -8.029  5.105   4.819   1.00 25.65 ? 111 HOH A O   1 
HETATM 1630 O O   . HOH C 2 .   ? 14.861  0.607   15.536  1.00 23.09 ? 112 HOH A O   1 
HETATM 1631 O O   . HOH C 2 .   ? -7.536  13.719  10.919  1.00 25.93 ? 113 HOH A O   1 
HETATM 1632 O O   . HOH C 2 .   ? -2.104  -6.667  5.549   1.00 22.96 ? 114 HOH A O   1 
HETATM 1633 O O   . HOH C 2 .   ? -8.934  19.967  -1.173  1.00 29.71 ? 115 HOH A O   1 
HETATM 1634 O O   . HOH C 2 .   ? 11.219  11.202  8.821   1.00 28.26 ? 116 HOH A O   1 
HETATM 1635 O O   . HOH C 2 .   ? 6.512   -9.021  4.807   1.00 12.54 ? 117 HOH A O   1 
HETATM 1636 O O   . HOH C 2 .   ? 5.164   -6.372  18.751  1.00 26.73 ? 118 HOH A O   1 
HETATM 1637 O O   . HOH C 2 .   ? 3.198   7.335   -5.345  1.00 41.07 ? 119 HOH A O   1 
HETATM 1638 O O   . HOH C 2 .   ? -12.348 14.845  -6.235  1.00 45.83 ? 120 HOH A O   1 
HETATM 1639 O O   . HOH C 2 .   ? 9.824   5.967   3.221   1.00 40.71 ? 121 HOH A O   1 
HETATM 1640 O O   . HOH C 2 .   ? -1.085  -15.128 3.885   1.00 40.30 ? 122 HOH A O   1 
HETATM 1641 O O   . HOH C 2 .   ? -8.326  19.833  -7.764  1.00 31.51 ? 123 HOH A O   1 
HETATM 1642 O O   . HOH C 2 .   ? 13.759  -6.363  6.192   1.00 32.26 ? 124 HOH A O   1 
HETATM 1643 O O   . HOH C 2 .   ? 5.187   9.450   19.022  1.00 45.70 ? 125 HOH A O   1 
HETATM 1644 O O   . HOH C 2 .   ? -12.385 12.633  -4.999  1.00 42.62 ? 126 HOH A O   1 
HETATM 1645 O O   . HOH C 2 .   ? -1.707  9.169   17.336  1.00 49.52 ? 127 HOH A O   1 
HETATM 1646 O O   . HOH C 2 .   ? 15.311  4.235   26.551  1.00 43.95 ? 128 HOH A O   1 
HETATM 1647 O O   . HOH C 2 .   ? -3.140  -14.453 2.362   1.00 37.48 ? 129 HOH A O   1 
HETATM 1648 O O   . HOH C 2 .   ? 7.887   -14.415 -2.888  1.00 37.58 ? 130 HOH A O   1 
HETATM 1649 O O   . HOH C 2 .   ? 13.067  -7.265  8.924   1.00 29.54 ? 131 HOH A O   1 
HETATM 1650 O O   . HOH C 2 .   ? 3.056   -3.451  19.795  1.00 39.77 ? 132 HOH A O   1 
HETATM 1651 O O   . HOH C 2 .   ? -2.882  -0.901  14.934  1.00 45.73 ? 133 HOH A O   1 
HETATM 1652 O O   . HOH C 2 .   ? -0.072  22.974  13.033  1.00 51.84 ? 134 HOH A O   1 
HETATM 1653 O O   . HOH D 2 .   ? 10.633  -3.380  -14.768 1.00 11.12 ? 1   HOH B O   1 
HETATM 1654 O O   . HOH D 2 .   ? 7.550   4.182   -4.432  1.00 16.49 ? 4   HOH B O   1 
HETATM 1655 O O   . HOH D 2 .   ? -17.765 -7.296  -7.576  1.00 18.92 ? 6   HOH B O   1 
HETATM 1656 O O   . HOH D 2 .   ? 5.667   -0.764  -3.631  1.00 12.34 ? 7   HOH B O   1 
HETATM 1657 O O   . HOH D 2 .   ? -8.877  7.422   -5.859  1.00 29.72 ? 8   HOH B O   1 
HETATM 1658 O O   . HOH D 2 .   ? -14.262 0.369   -16.376 1.00 15.71 ? 10  HOH B O   1 
HETATM 1659 O O   . HOH D 2 .   ? -14.679 4.923   -7.213  1.00 20.50 ? 12  HOH B O   1 
HETATM 1660 O O   . HOH D 2 .   ? 5.255   -22.504 -6.914  1.00 22.64 ? 13  HOH B O   1 
HETATM 1661 O O   . HOH D 2 .   ? 2.206   -8.350  -17.622 1.00 24.27 ? 14  HOH B O   1 
HETATM 1662 O O   . HOH D 2 .   ? -11.717 3.465   -0.375  1.00 21.41 ? 16  HOH B O   1 
HETATM 1663 O O   . HOH D 2 .   ? -7.433  -3.938  2.467   1.00 31.33 ? 18  HOH B O   1 
HETATM 1664 O O   . HOH D 2 .   ? -6.801  -7.226  5.789   1.00 28.41 ? 20  HOH B O   1 
HETATM 1665 O O   . HOH D 2 .   ? 3.650   -10.021 -0.720  1.00 17.99 ? 22  HOH B O   1 
HETATM 1666 O O   . HOH D 2 .   ? -12.163 -7.018  -19.071 1.00 37.68 ? 23  HOH B O   1 
HETATM 1667 O O   . HOH D 2 .   ? 8.611   -7.102  1.720   1.00 30.51 ? 24  HOH B O   1 
HETATM 1668 O O   . HOH D 2 .   ? -15.368 6.954   -2.356  1.00 32.15 ? 28  HOH B O   1 
HETATM 1669 O O   . HOH D 2 .   ? -14.048 -3.634  7.498   1.00 39.41 ? 30  HOH B O   1 
HETATM 1670 O O   . HOH D 2 .   ? -0.457  -16.489 -5.150  1.00 33.27 ? 31  HOH B O   1 
HETATM 1671 O O   . HOH D 2 .   ? -11.412 3.073   -12.585 1.00 32.34 ? 32  HOH B O   1 
HETATM 1672 O O   . HOH D 2 .   ? 7.264   -12.969 -8.232  1.00 44.36 ? 35  HOH B O   1 
HETATM 1673 O O   . HOH D 2 .   ? 14.555  3.733   -16.078 1.00 40.77 ? 36  HOH B O   1 
HETATM 1674 O O   . HOH D 2 .   ? 23.389  -3.762  -1.072  1.00 29.72 ? 37  HOH B O   1 
HETATM 1675 O O   . HOH D 2 .   ? -3.894  -13.051 -1.234  1.00 25.45 ? 38  HOH B O   1 
HETATM 1676 O O   . HOH D 2 .   ? 15.775  -9.573  -18.557 1.00 29.25 ? 39  HOH B O   1 
HETATM 1677 O O   . HOH D 2 .   ? -8.461  -10.466 -0.312  1.00 35.52 ? 40  HOH B O   1 
HETATM 1678 O O   . HOH D 2 .   ? -6.256  -13.938 -6.800  1.00 42.04 ? 42  HOH B O   1 
HETATM 1679 O O   . HOH D 2 .   ? -14.873 -11.220 -7.090  1.00 53.85 ? 43  HOH B O   1 
HETATM 1680 O O   . HOH D 2 .   ? 10.190  -13.864 -6.301  1.00 31.46 ? 44  HOH B O   1 
HETATM 1681 O O   . HOH D 2 .   ? -31.306 -4.521  -5.772  1.00 50.59 ? 47  HOH B O   1 
HETATM 1682 O O   . HOH D 2 .   ? 4.977   -4.447  -22.657 1.00 37.74 ? 48  HOH B O   1 
HETATM 1683 O O   . HOH D 2 .   ? -7.666  8.471   -10.121 1.00 52.59 ? 50  HOH B O   1 
HETATM 1684 O O   . HOH D 2 .   ? -9.553  2.042   -15.588 1.00 34.21 ? 51  HOH B O   1 
HETATM 1685 O O   . HOH D 2 .   ? -9.381  6.511   -1.274  1.00 44.64 ? 53  HOH B O   1 
HETATM 1686 O O   . HOH D 2 .   ? 18.786  -8.594  0.831   1.00 46.80 ? 54  HOH B O   1 
HETATM 1687 O O   . HOH D 2 .   ? 6.123   6.620   -4.935  1.00 56.84 ? 57  HOH B O   1 
HETATM 1688 O O   . HOH D 2 .   ? 16.217  -8.902  0.130   1.00 54.39 ? 59  HOH B O   1 
HETATM 1689 O O   . HOH D 2 .   ? -7.055  2.977   -15.604 1.00 57.17 ? 62  HOH B O   1 
HETATM 1690 O O   . HOH D 2 .   ? -19.437 6.004   -0.794  1.00 45.79 ? 63  HOH B O   1 
HETATM 1691 O O   . HOH D 2 .   ? 3.371   -8.347  -21.103 1.00 50.68 ? 68  HOH B O   1 
HETATM 1692 O O   . HOH D 2 .   ? 14.683  -11.080 -16.677 1.00 51.63 ? 69  HOH B O   1 
HETATM 1693 O O   . HOH D 2 .   ? -15.613 5.538   -11.076 1.00 43.42 ? 70  HOH B O   1 
HETATM 1694 O O   . HOH D 2 .   ? 17.220  -10.144 2.941   1.00 54.91 ? 71  HOH B O   1 
HETATM 1695 O O   . HOH D 2 .   ? -8.604  -10.342 -12.031 1.00 39.79 ? 72  HOH B O   1 
HETATM 1696 O O   . HOH D 2 .   ? -13.106 -0.781  8.647   1.00 39.70 ? 73  HOH B O   1 
HETATM 1697 O O   . HOH D 2 .   ? -16.285 -9.607  -8.666  1.00 53.05 ? 76  HOH B O   1 
HETATM 1698 O O   . HOH D 2 .   ? -19.584 3.457   -2.102  1.00 34.10 ? 77  HOH B O   1 
HETATM 1699 O O   . HOH D 2 .   ? 16.941  8.169   -5.496  1.00 52.06 ? 79  HOH B O   1 
# 
